data_2M2J
#
_entry.id   2M2J
#
_entity_poly.entity_id   1
_entity_poly.type   'polypeptide(L)'
_entity_poly.pdbx_seq_one_letter_code
;MGSSHHHHHHSSGRENLYFQGHAATELTPEQAAALKPYDRIVITGRFNAIGDAVSAVSRRADEEGAASFYVVDTSEFGNS
GNWRVVADVYKA
;
_entity_poly.pdbx_strand_id   A
#
# COMPACT_ATOMS: atom_id res chain seq x y z
N HIS A 22 16.29 1.03 -3.45
CA HIS A 22 15.22 2.02 -3.16
C HIS A 22 13.98 1.34 -2.57
N ALA A 23 13.08 2.18 -2.02
CA ALA A 23 11.80 1.75 -1.44
C ALA A 23 10.86 2.97 -1.42
N ALA A 24 9.56 2.75 -1.69
CA ALA A 24 8.56 3.83 -1.67
C ALA A 24 8.32 4.34 -0.24
N THR A 25 8.21 5.66 -0.09
CA THR A 25 8.00 6.31 1.22
C THR A 25 6.52 6.20 1.64
N GLU A 26 6.28 5.93 2.94
CA GLU A 26 4.91 5.92 3.50
C GLU A 26 4.39 7.37 3.53
N LEU A 27 3.30 7.61 2.79
CA LEU A 27 2.73 8.95 2.60
C LEU A 27 1.53 9.10 3.56
N THR A 28 1.54 10.22 4.31
CA THR A 28 0.47 10.55 5.27
C THR A 28 -0.83 10.94 4.53
N PRO A 29 -2.05 10.75 5.16
CA PRO A 29 -3.35 11.11 4.52
C PRO A 29 -3.48 12.60 4.14
N GLU A 30 -2.63 13.46 4.76
CA GLU A 30 -2.56 14.90 4.46
C GLU A 30 -1.92 15.13 3.09
N GLN A 31 -0.72 14.55 2.90
CA GLN A 31 0.03 14.65 1.64
C GLN A 31 -0.67 13.87 0.51
N ALA A 32 -1.32 12.76 0.89
CA ALA A 32 -2.05 11.88 -0.03
C ALA A 32 -3.30 12.59 -0.57
N ALA A 33 -3.97 13.39 0.29
CA ALA A 33 -5.17 14.18 -0.09
C ALA A 33 -4.83 15.31 -1.07
N ALA A 34 -3.55 15.75 -1.07
CA ALA A 34 -3.06 16.80 -1.97
C ALA A 34 -2.45 16.22 -3.27
N LEU A 35 -2.52 14.90 -3.42
CA LEU A 35 -2.02 14.19 -4.63
C LEU A 35 -3.09 13.23 -5.18
N LYS A 36 -3.05 12.97 -6.49
CA LYS A 36 -3.91 11.99 -7.15
C LYS A 36 -3.06 10.76 -7.54
N PRO A 37 -3.43 9.52 -7.11
CA PRO A 37 -2.70 8.30 -7.51
C PRO A 37 -2.88 7.99 -9.01
N TYR A 38 -1.78 7.57 -9.66
CA TYR A 38 -1.80 7.12 -11.07
C TYR A 38 -2.32 5.68 -11.16
N ASP A 39 -2.17 4.95 -10.04
CA ASP A 39 -2.50 3.53 -9.92
C ASP A 39 -2.76 3.21 -8.43
N ARG A 40 -3.22 2.00 -8.15
CA ARG A 40 -3.46 1.51 -6.80
C ARG A 40 -3.10 0.03 -6.75
N ILE A 41 -2.13 -0.35 -5.90
CA ILE A 41 -1.67 -1.73 -5.78
C ILE A 41 -2.41 -2.44 -4.63
N VAL A 42 -2.79 -3.70 -4.87
CA VAL A 42 -3.44 -4.55 -3.86
C VAL A 42 -2.61 -5.81 -3.65
N ILE A 43 -2.35 -6.14 -2.38
CA ILE A 43 -1.64 -7.38 -1.98
C ILE A 43 -2.53 -8.17 -1.01
N THR A 44 -2.17 -9.44 -0.77
CA THR A 44 -2.79 -10.28 0.27
C THR A 44 -1.73 -10.64 1.32
N GLY A 45 -2.16 -10.73 2.58
CA GLY A 45 -1.29 -11.10 3.69
C GLY A 45 -2.07 -11.90 4.73
N ARG A 46 -1.78 -13.21 4.82
CA ARG A 46 -2.48 -14.11 5.76
C ARG A 46 -1.87 -13.96 7.17
N PHE A 47 -2.29 -12.88 7.86
CA PHE A 47 -2.03 -12.60 9.28
C PHE A 47 -0.56 -12.88 9.70
N ASN A 48 0.32 -11.92 9.38
CA ASN A 48 1.74 -11.98 9.75
C ASN A 48 2.07 -10.73 10.56
N ALA A 49 1.97 -9.57 9.90
CA ALA A 49 2.16 -8.25 10.52
C ALA A 49 1.68 -7.17 9.54
N ILE A 50 1.18 -6.05 10.09
CA ILE A 50 0.75 -4.90 9.28
C ILE A 50 1.99 -4.27 8.59
N GLY A 51 3.12 -4.22 9.32
CA GLY A 51 4.39 -3.68 8.80
C GLY A 51 5.04 -4.59 7.76
N ASP A 52 4.70 -5.90 7.82
CA ASP A 52 5.11 -6.91 6.81
C ASP A 52 4.40 -6.61 5.48
N ALA A 53 3.11 -6.32 5.59
CA ALA A 53 2.26 -5.96 4.46
C ALA A 53 2.68 -4.60 3.87
N VAL A 54 2.92 -3.62 4.74
CA VAL A 54 3.33 -2.25 4.36
C VAL A 54 4.74 -2.25 3.71
N SER A 55 5.58 -3.21 4.12
CA SER A 55 6.91 -3.43 3.50
C SER A 55 6.75 -3.97 2.07
N ALA A 56 5.72 -4.82 1.87
CA ALA A 56 5.39 -5.38 0.54
C ALA A 56 4.79 -4.30 -0.37
N VAL A 57 4.03 -3.36 0.22
CA VAL A 57 3.48 -2.19 -0.48
C VAL A 57 4.62 -1.21 -0.84
N SER A 58 5.60 -1.07 0.07
CA SER A 58 6.79 -0.21 -0.13
C SER A 58 7.65 -0.72 -1.29
N ARG A 59 7.81 -2.06 -1.33
CA ARG A 59 8.54 -2.75 -2.39
C ARG A 59 7.83 -2.56 -3.74
N ARG A 60 6.57 -3.01 -3.81
CA ARG A 60 5.78 -3.07 -5.05
C ARG A 60 5.53 -1.68 -5.64
N ALA A 61 5.29 -0.68 -4.78
CA ALA A 61 5.11 0.73 -5.22
C ALA A 61 6.40 1.25 -5.90
N ASP A 62 7.55 0.89 -5.30
CA ASP A 62 8.87 1.21 -5.85
C ASP A 62 9.11 0.48 -7.19
N GLU A 63 8.60 -0.77 -7.30
CA GLU A 63 8.68 -1.59 -8.52
C GLU A 63 7.75 -1.05 -9.62
N GLU A 64 6.73 -0.26 -9.22
CA GLU A 64 5.83 0.44 -10.16
C GLU A 64 6.35 1.85 -10.49
N GLY A 65 7.45 2.26 -9.82
CA GLY A 65 8.11 3.54 -10.09
C GLY A 65 7.52 4.71 -9.28
N ALA A 66 6.62 4.38 -8.34
CA ALA A 66 6.01 5.36 -7.42
C ALA A 66 7.03 5.84 -6.39
N ALA A 67 7.02 7.16 -6.12
CA ALA A 67 7.84 7.79 -5.07
C ALA A 67 7.33 7.42 -3.68
N SER A 68 5.99 7.41 -3.55
CA SER A 68 5.30 7.17 -2.28
C SER A 68 4.10 6.22 -2.48
N PHE A 69 3.49 5.82 -1.36
CA PHE A 69 2.27 5.00 -1.33
C PHE A 69 1.38 5.45 -0.16
N TYR A 70 0.12 5.02 -0.17
CA TYR A 70 -0.85 5.34 0.87
C TYR A 70 -1.75 4.12 1.10
N VAL A 71 -1.62 3.49 2.29
CA VAL A 71 -2.49 2.39 2.71
C VAL A 71 -3.94 2.91 2.83
N VAL A 72 -4.82 2.42 1.95
CA VAL A 72 -6.21 2.87 1.86
C VAL A 72 -7.03 2.12 2.91
N ASP A 73 -6.87 0.80 2.93
CA ASP A 73 -7.72 -0.10 3.70
C ASP A 73 -7.09 -1.48 3.85
N THR A 74 -7.29 -2.09 5.03
CA THR A 74 -6.88 -3.46 5.33
C THR A 74 -8.14 -4.27 5.70
N SER A 75 -8.58 -5.13 4.77
CA SER A 75 -9.87 -5.85 4.87
C SER A 75 -9.68 -7.34 4.64
N GLU A 76 -10.47 -8.15 5.37
CA GLU A 76 -10.45 -9.62 5.28
C GLU A 76 -10.89 -10.08 3.89
N PHE A 77 -9.99 -10.80 3.20
CA PHE A 77 -10.15 -11.24 1.81
C PHE A 77 -11.22 -12.36 1.72
N GLY A 78 -12.50 -11.97 1.78
CA GLY A 78 -13.63 -12.91 1.77
C GLY A 78 -13.87 -13.55 3.13
N ASN A 79 -12.83 -14.20 3.68
CA ASN A 79 -12.87 -14.92 4.96
C ASN A 79 -11.87 -14.29 5.95
N SER A 80 -11.99 -14.69 7.23
CA SER A 80 -11.15 -14.16 8.32
C SER A 80 -9.75 -14.82 8.29
N GLY A 81 -8.76 -14.15 8.92
CA GLY A 81 -7.37 -14.64 8.97
C GLY A 81 -6.57 -14.18 7.76
N ASN A 82 -7.08 -14.50 6.55
CA ASN A 82 -6.48 -14.04 5.30
C ASN A 82 -7.08 -12.67 4.96
N TRP A 83 -6.40 -11.61 5.40
CA TRP A 83 -6.74 -10.23 5.03
C TRP A 83 -5.85 -9.78 3.85
N ARG A 84 -6.17 -8.61 3.31
CA ARG A 84 -5.48 -8.02 2.15
C ARG A 84 -5.37 -6.51 2.37
N VAL A 85 -4.36 -5.89 1.73
CA VAL A 85 -4.09 -4.46 1.84
C VAL A 85 -4.22 -3.79 0.47
N VAL A 86 -5.24 -2.97 0.32
CA VAL A 86 -5.38 -2.07 -0.84
C VAL A 86 -4.70 -0.74 -0.51
N ALA A 87 -3.81 -0.27 -1.40
CA ALA A 87 -2.99 0.92 -1.18
C ALA A 87 -2.75 1.69 -2.48
N ASP A 88 -2.96 3.02 -2.46
CA ASP A 88 -2.65 3.90 -3.60
C ASP A 88 -1.13 4.04 -3.77
N VAL A 89 -0.71 4.42 -4.98
CA VAL A 89 0.71 4.70 -5.29
C VAL A 89 0.80 6.03 -6.07
N TYR A 90 1.82 6.83 -5.73
CA TYR A 90 1.97 8.23 -6.20
C TYR A 90 3.35 8.44 -6.82
N LYS A 91 3.40 9.14 -7.97
CA LYS A 91 4.65 9.48 -8.67
C LYS A 91 5.34 10.70 -8.04
N ALA A 92 6.59 10.92 -8.45
CA ALA A 92 7.36 12.15 -8.17
C ALA A 92 7.26 13.08 -9.40
N HIS A 22 14.28 -0.95 -2.94
CA HIS A 22 14.93 0.01 -2.02
C HIS A 22 13.99 0.25 -0.82
N ALA A 23 13.04 1.21 -0.98
CA ALA A 23 12.08 1.63 0.06
C ALA A 23 11.30 2.84 -0.46
N ALA A 24 10.02 2.64 -0.82
CA ALA A 24 9.12 3.74 -1.24
C ALA A 24 8.69 4.57 -0.02
N THR A 25 8.52 5.89 -0.23
CA THR A 25 8.14 6.85 0.85
C THR A 25 6.69 6.61 1.30
N GLU A 26 6.44 6.71 2.61
CA GLU A 26 5.08 6.67 3.16
C GLU A 26 4.43 8.07 3.00
N LEU A 27 3.24 8.09 2.38
CA LEU A 27 2.46 9.32 2.21
C LEU A 27 1.38 9.35 3.31
N THR A 28 1.34 10.45 4.07
CA THR A 28 0.36 10.64 5.14
C THR A 28 -1.04 10.95 4.53
N PRO A 29 -2.16 10.44 5.17
CA PRO A 29 -3.56 10.63 4.69
C PRO A 29 -3.92 12.06 4.22
N GLU A 30 -3.35 13.07 4.87
CA GLU A 30 -3.61 14.49 4.57
C GLU A 30 -3.00 14.87 3.20
N GLN A 31 -1.75 14.42 2.97
CA GLN A 31 -1.05 14.66 1.69
C GLN A 31 -1.72 13.85 0.56
N ALA A 32 -2.13 12.62 0.88
CA ALA A 32 -2.75 11.68 -0.06
C ALA A 32 -4.18 12.11 -0.46
N ALA A 33 -4.84 12.86 0.44
CA ALA A 33 -6.16 13.46 0.18
C ALA A 33 -6.04 14.59 -0.87
N ALA A 34 -4.91 15.32 -0.79
CA ALA A 34 -4.62 16.44 -1.68
C ALA A 34 -4.10 15.95 -3.05
N LEU A 35 -3.25 14.90 -3.03
CA LEU A 35 -2.57 14.39 -4.23
C LEU A 35 -3.41 13.32 -4.94
N LYS A 36 -3.15 13.14 -6.25
CA LYS A 36 -3.77 12.11 -7.08
C LYS A 36 -2.71 11.03 -7.43
N PRO A 37 -2.99 9.71 -7.20
CA PRO A 37 -2.06 8.64 -7.61
C PRO A 37 -2.05 8.45 -9.14
N TYR A 38 -0.99 7.83 -9.65
CA TYR A 38 -0.88 7.47 -11.08
C TYR A 38 -1.31 6.00 -11.30
N ASP A 39 -1.39 5.23 -10.19
CA ASP A 39 -1.68 3.80 -10.19
C ASP A 39 -2.22 3.36 -8.81
N ARG A 40 -3.00 2.27 -8.79
CA ARG A 40 -3.46 1.59 -7.57
C ARG A 40 -3.05 0.12 -7.63
N ILE A 41 -2.37 -0.36 -6.59
CA ILE A 41 -1.96 -1.78 -6.44
C ILE A 41 -2.88 -2.51 -5.44
N VAL A 42 -2.86 -3.85 -5.50
CA VAL A 42 -3.60 -4.72 -4.59
C VAL A 42 -2.72 -5.93 -4.19
N ILE A 43 -2.62 -6.18 -2.88
CA ILE A 43 -1.93 -7.35 -2.30
C ILE A 43 -2.90 -8.07 -1.32
N THR A 44 -2.53 -9.29 -0.93
CA THR A 44 -3.28 -10.10 0.05
C THR A 44 -2.28 -11.00 0.80
N GLY A 45 -2.36 -11.01 2.14
CA GLY A 45 -1.44 -11.80 2.97
C GLY A 45 -2.19 -12.57 4.06
N ARG A 46 -1.87 -13.87 4.21
CA ARG A 46 -2.50 -14.74 5.23
C ARG A 46 -1.57 -14.88 6.45
N PHE A 47 -2.10 -14.53 7.64
CA PHE A 47 -1.36 -14.57 8.95
C PHE A 47 -0.15 -13.60 8.99
N ASN A 48 -0.06 -12.71 7.99
CA ASN A 48 1.01 -11.69 7.91
C ASN A 48 0.70 -10.51 8.84
N ALA A 49 1.75 -9.88 9.36
CA ALA A 49 1.63 -8.67 10.18
C ALA A 49 1.50 -7.43 9.29
N ILE A 50 1.14 -6.29 9.92
CA ILE A 50 1.06 -4.98 9.23
C ILE A 50 2.42 -4.63 8.59
N GLY A 51 3.52 -5.08 9.24
CA GLY A 51 4.87 -4.90 8.73
C GLY A 51 5.05 -5.51 7.34
N ASP A 52 4.55 -6.75 7.16
CA ASP A 52 4.64 -7.50 5.88
C ASP A 52 3.80 -6.82 4.79
N ALA A 53 2.63 -6.28 5.19
CA ALA A 53 1.70 -5.57 4.29
C ALA A 53 2.35 -4.29 3.74
N VAL A 54 2.83 -3.44 4.66
CA VAL A 54 3.53 -2.18 4.35
C VAL A 54 4.80 -2.45 3.52
N SER A 55 5.48 -3.57 3.83
CA SER A 55 6.70 -4.02 3.12
C SER A 55 6.39 -4.39 1.66
N ALA A 56 5.26 -5.09 1.45
CA ALA A 56 4.83 -5.57 0.12
C ALA A 56 4.32 -4.41 -0.76
N VAL A 57 3.61 -3.46 -0.12
CA VAL A 57 3.15 -2.22 -0.77
C VAL A 57 4.36 -1.34 -1.18
N SER A 58 5.32 -1.19 -0.26
CA SER A 58 6.54 -0.39 -0.48
C SER A 58 7.46 -1.05 -1.51
N ARG A 59 7.44 -2.40 -1.55
CA ARG A 59 8.21 -3.20 -2.51
C ARG A 59 7.69 -2.94 -3.94
N ARG A 60 6.38 -3.16 -4.10
CA ARG A 60 5.70 -3.01 -5.40
C ARG A 60 5.80 -1.57 -5.92
N ALA A 61 5.56 -0.60 -5.02
CA ALA A 61 5.62 0.85 -5.34
C ALA A 61 7.01 1.24 -5.84
N ASP A 62 8.03 0.83 -5.09
CA ASP A 62 9.44 1.13 -5.42
C ASP A 62 9.84 0.51 -6.78
N GLU A 63 9.35 -0.72 -7.05
CA GLU A 63 9.63 -1.44 -8.32
C GLU A 63 8.82 -0.87 -9.50
N GLU A 64 7.71 -0.18 -9.20
CA GLU A 64 6.94 0.58 -10.20
C GLU A 64 7.65 1.90 -10.55
N GLY A 65 8.51 2.36 -9.62
CA GLY A 65 9.19 3.65 -9.73
C GLY A 65 8.40 4.76 -9.06
N ALA A 66 7.37 4.38 -8.27
CA ALA A 66 6.58 5.31 -7.47
C ALA A 66 7.44 5.93 -6.36
N ALA A 67 7.40 7.28 -6.28
CA ALA A 67 8.13 8.05 -5.27
C ALA A 67 7.59 7.75 -3.86
N SER A 68 6.27 7.55 -3.78
CA SER A 68 5.56 7.36 -2.52
C SER A 68 4.45 6.31 -2.69
N PHE A 69 3.79 5.96 -1.58
CA PHE A 69 2.63 5.06 -1.55
C PHE A 69 1.68 5.49 -0.42
N TYR A 70 0.44 5.00 -0.46
CA TYR A 70 -0.55 5.23 0.58
C TYR A 70 -1.51 4.05 0.62
N VAL A 71 -1.55 3.35 1.76
CA VAL A 71 -2.56 2.33 2.04
C VAL A 71 -3.90 3.02 2.27
N VAL A 72 -4.87 2.79 1.36
CA VAL A 72 -6.17 3.49 1.40
C VAL A 72 -7.21 2.64 2.16
N ASP A 73 -6.98 1.31 2.23
CA ASP A 73 -7.89 0.39 2.95
C ASP A 73 -7.21 -0.97 3.22
N THR A 74 -7.28 -1.41 4.49
CA THR A 74 -6.96 -2.78 4.90
C THR A 74 -8.27 -3.45 5.34
N SER A 75 -8.45 -4.73 5.02
CA SER A 75 -9.66 -5.47 5.38
C SER A 75 -9.38 -6.99 5.34
N GLU A 76 -9.94 -7.72 6.32
CA GLU A 76 -9.76 -9.17 6.45
C GLU A 76 -10.64 -9.92 5.44
N PHE A 77 -9.97 -10.69 4.57
CA PHE A 77 -10.59 -11.40 3.45
C PHE A 77 -11.32 -12.65 3.98
N GLY A 78 -12.57 -12.84 3.52
CA GLY A 78 -13.43 -13.93 3.97
C GLY A 78 -14.01 -13.68 5.35
N ASN A 79 -13.16 -13.85 6.39
CA ASN A 79 -13.54 -13.64 7.80
C ASN A 79 -12.38 -12.89 8.51
N SER A 80 -11.31 -13.64 8.83
CA SER A 80 -10.12 -13.12 9.55
C SER A 80 -8.89 -13.98 9.22
N GLY A 81 -7.71 -13.57 9.76
CA GLY A 81 -6.44 -14.28 9.53
C GLY A 81 -5.81 -13.85 8.23
N ASN A 82 -6.48 -14.20 7.11
CA ASN A 82 -6.16 -13.70 5.78
C ASN A 82 -6.75 -12.30 5.62
N TRP A 83 -5.97 -11.37 5.07
CA TRP A 83 -6.39 -9.97 4.93
C TRP A 83 -5.73 -9.32 3.70
N ARG A 84 -6.58 -8.67 2.90
CA ARG A 84 -6.19 -7.95 1.69
C ARG A 84 -5.91 -6.47 2.02
N VAL A 85 -5.11 -5.83 1.17
CA VAL A 85 -4.71 -4.43 1.31
C VAL A 85 -4.71 -3.78 -0.08
N VAL A 86 -5.59 -2.78 -0.29
CA VAL A 86 -5.53 -1.90 -1.46
C VAL A 86 -4.78 -0.63 -1.07
N ALA A 87 -3.84 -0.24 -1.93
CA ALA A 87 -2.98 0.91 -1.73
C ALA A 87 -2.73 1.59 -3.07
N ASP A 88 -2.77 2.90 -3.08
CA ASP A 88 -2.47 3.71 -4.28
C ASP A 88 -1.05 4.29 -4.17
N VAL A 89 -0.35 4.33 -5.31
CA VAL A 89 1.08 4.70 -5.39
C VAL A 89 1.24 6.01 -6.19
N TYR A 90 2.19 6.85 -5.74
CA TYR A 90 2.31 8.27 -6.15
C TYR A 90 3.71 8.58 -6.72
N LYS A 91 3.78 9.62 -7.55
CA LYS A 91 5.03 10.24 -8.02
C LYS A 91 5.17 11.63 -7.39
N ALA A 92 6.40 12.04 -7.09
CA ALA A 92 6.72 13.33 -6.45
C ALA A 92 7.35 14.27 -7.49
N HIS A 22 16.38 1.82 -1.46
CA HIS A 22 15.41 1.98 -2.57
C HIS A 22 14.10 1.27 -2.20
N ALA A 23 13.18 2.04 -1.59
CA ALA A 23 11.83 1.58 -1.20
C ALA A 23 10.84 2.76 -1.36
N ALA A 24 9.58 2.46 -1.74
CA ALA A 24 8.53 3.49 -1.87
C ALA A 24 8.20 4.07 -0.49
N THR A 25 8.21 5.42 -0.38
CA THR A 25 7.94 6.13 0.87
C THR A 25 6.49 5.92 1.32
N GLU A 26 6.26 5.65 2.62
CA GLU A 26 4.91 5.66 3.19
C GLU A 26 4.47 7.13 3.28
N LEU A 27 3.43 7.47 2.52
CA LEU A 27 2.95 8.86 2.42
C LEU A 27 1.92 9.11 3.52
N THR A 28 2.05 10.25 4.20
CA THR A 28 1.15 10.63 5.29
C THR A 28 -0.27 10.92 4.73
N PRO A 29 -1.37 10.52 5.46
CA PRO A 29 -2.78 10.85 5.09
C PRO A 29 -3.00 12.31 4.64
N GLU A 30 -2.22 13.22 5.25
CA GLU A 30 -2.26 14.66 4.96
C GLU A 30 -1.78 14.92 3.51
N GLN A 31 -0.54 14.48 3.20
CA GLN A 31 0.05 14.66 1.85
C GLN A 31 -0.74 13.89 0.78
N ALA A 32 -1.27 12.73 1.17
CA ALA A 32 -2.01 11.82 0.27
C ALA A 32 -3.39 12.38 -0.13
N ALA A 33 -3.94 13.25 0.72
CA ALA A 33 -5.23 13.94 0.45
C ALA A 33 -5.03 15.14 -0.50
N ALA A 34 -3.79 15.62 -0.63
CA ALA A 34 -3.43 16.76 -1.51
C ALA A 34 -2.87 16.27 -2.86
N LEU A 35 -2.06 15.21 -2.79
CA LEU A 35 -1.42 14.59 -3.97
C LEU A 35 -2.36 13.55 -4.57
N LYS A 36 -2.38 13.47 -5.90
CA LYS A 36 -3.23 12.52 -6.65
C LYS A 36 -2.36 11.34 -7.15
N PRO A 37 -2.78 10.07 -6.88
CA PRO A 37 -2.07 8.87 -7.39
C PRO A 37 -2.38 8.59 -8.88
N TYR A 38 -1.52 7.79 -9.53
CA TYR A 38 -1.68 7.42 -10.95
C TYR A 38 -2.33 6.02 -11.07
N ASP A 39 -2.23 5.22 -9.99
CA ASP A 39 -2.70 3.82 -9.94
C ASP A 39 -2.99 3.42 -8.49
N ARG A 40 -3.77 2.34 -8.31
CA ARG A 40 -3.98 1.70 -7.00
C ARG A 40 -3.57 0.23 -7.09
N ILE A 41 -2.59 -0.19 -6.28
CA ILE A 41 -2.14 -1.59 -6.23
C ILE A 41 -2.94 -2.34 -5.14
N VAL A 42 -3.47 -3.50 -5.50
CA VAL A 42 -4.17 -4.39 -4.56
C VAL A 42 -3.27 -5.61 -4.32
N ILE A 43 -2.91 -5.80 -3.05
CA ILE A 43 -2.11 -6.95 -2.60
C ILE A 43 -2.93 -7.77 -1.58
N THR A 44 -2.34 -8.87 -1.07
CA THR A 44 -2.88 -9.63 0.05
C THR A 44 -1.86 -9.62 1.22
N GLY A 45 -2.27 -9.07 2.36
CA GLY A 45 -1.43 -9.00 3.56
C GLY A 45 -1.95 -9.95 4.62
N ARG A 46 -1.07 -10.72 5.26
CA ARG A 46 -1.48 -11.75 6.23
C ARG A 46 -1.39 -11.22 7.68
N PHE A 47 -1.92 -12.04 8.62
CA PHE A 47 -2.06 -11.65 10.05
C PHE A 47 -0.68 -11.59 10.78
N ASN A 48 0.41 -11.82 10.04
CA ASN A 48 1.80 -11.72 10.54
C ASN A 48 2.06 -10.37 11.25
N ALA A 49 1.72 -9.27 10.56
CA ALA A 49 1.94 -7.89 11.06
C ALA A 49 1.28 -6.86 10.12
N ILE A 50 1.12 -5.62 10.62
CA ILE A 50 0.76 -4.46 9.78
C ILE A 50 1.91 -4.18 8.79
N GLY A 51 3.15 -4.24 9.31
CA GLY A 51 4.37 -4.03 8.51
C GLY A 51 4.64 -5.13 7.50
N ASP A 52 3.98 -6.28 7.66
CA ASP A 52 4.03 -7.42 6.70
C ASP A 52 3.41 -6.99 5.36
N ALA A 53 2.19 -6.44 5.46
CA ALA A 53 1.44 -5.92 4.31
C ALA A 53 2.10 -4.65 3.74
N VAL A 54 2.45 -3.71 4.65
CA VAL A 54 3.09 -2.42 4.28
C VAL A 54 4.42 -2.64 3.52
N SER A 55 5.16 -3.70 3.89
CA SER A 55 6.40 -4.11 3.20
C SER A 55 6.10 -4.56 1.76
N ALA A 56 5.03 -5.36 1.61
CA ALA A 56 4.61 -5.87 0.28
C ALA A 56 4.04 -4.73 -0.61
N VAL A 57 3.46 -3.69 0.02
CA VAL A 57 2.99 -2.48 -0.70
C VAL A 57 4.21 -1.65 -1.16
N SER A 58 5.18 -1.48 -0.24
CA SER A 58 6.37 -0.63 -0.44
C SER A 58 7.24 -1.18 -1.57
N ARG A 59 7.46 -2.50 -1.55
CA ARG A 59 8.30 -3.19 -2.53
C ARG A 59 7.62 -3.27 -3.90
N ARG A 60 6.28 -3.48 -3.91
CA ARG A 60 5.52 -3.54 -5.18
C ARG A 60 5.54 -2.17 -5.88
N ALA A 61 5.23 -1.11 -5.10
CA ALA A 61 5.24 0.28 -5.57
C ALA A 61 6.66 0.69 -6.01
N ASP A 62 7.67 0.15 -5.30
CA ASP A 62 9.09 0.39 -5.60
C ASP A 62 9.48 -0.17 -6.98
N GLU A 63 8.93 -1.37 -7.31
CA GLU A 63 9.10 -2.01 -8.63
C GLU A 63 8.44 -1.15 -9.74
N GLU A 64 7.32 -0.51 -9.40
CA GLU A 64 6.57 0.37 -10.32
C GLU A 64 7.25 1.76 -10.44
N GLY A 65 8.28 2.01 -9.59
CA GLY A 65 9.02 3.27 -9.60
C GLY A 65 8.27 4.42 -8.94
N ALA A 66 7.24 4.07 -8.14
CA ALA A 66 6.43 5.03 -7.37
C ALA A 66 7.23 5.56 -6.18
N ALA A 67 7.27 6.89 -6.06
CA ALA A 67 8.00 7.59 -4.99
C ALA A 67 7.35 7.37 -3.62
N SER A 68 6.02 7.18 -3.63
CA SER A 68 5.22 7.04 -2.41
C SER A 68 4.06 6.05 -2.60
N PHE A 69 3.39 5.72 -1.49
CA PHE A 69 2.16 4.92 -1.45
C PHE A 69 1.31 5.36 -0.25
N TYR A 70 0.05 4.94 -0.22
CA TYR A 70 -0.85 5.20 0.92
C TYR A 70 -1.95 4.13 0.94
N VAL A 71 -2.15 3.49 2.10
CA VAL A 71 -3.18 2.46 2.29
C VAL A 71 -4.56 3.12 2.44
N VAL A 72 -5.43 2.90 1.44
CA VAL A 72 -6.80 3.45 1.41
C VAL A 72 -7.83 2.43 1.94
N ASP A 73 -7.50 1.12 1.83
CA ASP A 73 -8.43 0.04 2.18
C ASP A 73 -7.67 -1.18 2.71
N THR A 74 -8.20 -1.80 3.76
CA THR A 74 -7.75 -3.08 4.31
C THR A 74 -9.00 -3.93 4.62
N SER A 75 -9.26 -4.94 3.79
CA SER A 75 -10.44 -5.81 3.87
C SER A 75 -10.00 -7.27 4.05
N GLU A 76 -10.68 -8.02 4.93
CA GLU A 76 -10.36 -9.45 5.15
C GLU A 76 -10.73 -10.31 3.93
N PHE A 77 -10.14 -11.50 3.85
CA PHE A 77 -10.45 -12.50 2.82
C PHE A 77 -11.77 -13.20 3.20
N GLY A 78 -11.95 -13.38 4.52
CA GLY A 78 -13.16 -13.95 5.09
C GLY A 78 -12.83 -14.85 6.26
N ASN A 79 -12.72 -16.16 5.99
CA ASN A 79 -12.43 -17.19 7.01
C ASN A 79 -10.91 -17.34 7.21
N SER A 80 -10.12 -16.90 6.20
CA SER A 80 -8.65 -16.89 6.27
C SER A 80 -8.15 -15.72 7.12
N GLY A 81 -6.96 -15.91 7.72
CA GLY A 81 -6.25 -14.86 8.47
C GLY A 81 -5.39 -13.98 7.55
N ASN A 82 -6.01 -13.56 6.44
CA ASN A 82 -5.39 -12.72 5.40
C ASN A 82 -6.33 -11.55 5.09
N TRP A 83 -5.82 -10.34 5.32
CA TRP A 83 -6.51 -9.08 5.05
C TRP A 83 -5.84 -8.39 3.84
N ARG A 84 -6.56 -8.38 2.69
CA ARG A 84 -6.08 -7.76 1.45
C ARG A 84 -5.96 -6.23 1.65
N VAL A 85 -5.01 -5.61 0.95
CA VAL A 85 -4.72 -4.18 1.09
C VAL A 85 -4.79 -3.48 -0.27
N VAL A 86 -5.76 -2.58 -0.45
CA VAL A 86 -5.76 -1.64 -1.56
C VAL A 86 -4.99 -0.39 -1.10
N ALA A 87 -3.96 -0.02 -1.85
CA ALA A 87 -3.09 1.10 -1.53
C ALA A 87 -2.74 1.86 -2.81
N ASP A 88 -3.07 3.15 -2.86
CA ASP A 88 -2.81 3.99 -4.03
C ASP A 88 -1.35 4.47 -4.03
N VAL A 89 -0.74 4.49 -5.22
CA VAL A 89 0.69 4.73 -5.41
C VAL A 89 0.92 6.04 -6.18
N TYR A 90 1.93 6.81 -5.71
CA TYR A 90 2.18 8.21 -6.12
C TYR A 90 3.55 8.34 -6.78
N LYS A 91 3.60 9.13 -7.86
CA LYS A 91 4.87 9.53 -8.51
C LYS A 91 5.31 10.91 -7.98
N ALA A 92 6.61 11.21 -8.13
CA ALA A 92 7.18 12.51 -7.76
C ALA A 92 7.28 13.40 -9.02
N HIS A 22 14.65 1.22 -3.75
CA HIS A 22 14.75 0.35 -2.55
C HIS A 22 13.34 0.05 -2.03
N ALA A 23 12.68 1.10 -1.50
CA ALA A 23 11.31 1.04 -0.96
C ALA A 23 10.75 2.47 -0.90
N ALA A 24 9.52 2.67 -1.42
CA ALA A 24 8.86 3.98 -1.49
C ALA A 24 8.45 4.48 -0.08
N THR A 25 8.45 5.81 0.09
CA THR A 25 8.08 6.48 1.36
C THR A 25 6.56 6.41 1.58
N GLU A 26 6.13 6.22 2.84
CA GLU A 26 4.71 6.32 3.20
C GLU A 26 4.27 7.78 3.14
N LEU A 27 3.31 8.08 2.27
CA LEU A 27 2.77 9.42 2.09
C LEU A 27 1.66 9.64 3.14
N THR A 28 1.86 10.64 4.01
CA THR A 28 0.96 10.95 5.12
C THR A 28 -0.42 11.39 4.58
N PRO A 29 -1.56 10.97 5.25
CA PRO A 29 -2.97 11.21 4.79
C PRO A 29 -3.25 12.60 4.16
N GLU A 30 -2.65 13.64 4.75
CA GLU A 30 -2.89 15.05 4.32
C GLU A 30 -2.18 15.31 2.97
N GLN A 31 -0.96 14.78 2.82
CA GLN A 31 -0.17 14.87 1.56
C GLN A 31 -0.83 14.00 0.47
N ALA A 32 -1.35 12.84 0.87
CA ALA A 32 -2.07 11.88 -0.01
C ALA A 32 -3.39 12.49 -0.52
N ALA A 33 -3.97 13.38 0.30
CA ALA A 33 -5.18 14.14 -0.05
C ALA A 33 -4.84 15.31 -1.02
N ALA A 34 -3.61 15.84 -0.90
CA ALA A 34 -3.14 16.99 -1.70
C ALA A 34 -2.44 16.56 -3.00
N LEU A 35 -2.04 15.27 -3.10
CA LEU A 35 -1.34 14.71 -4.28
C LEU A 35 -2.20 13.64 -4.95
N LYS A 36 -2.13 13.59 -6.29
CA LYS A 36 -2.88 12.63 -7.11
C LYS A 36 -2.03 11.36 -7.36
N PRO A 37 -2.61 10.13 -7.18
CA PRO A 37 -1.95 8.87 -7.61
C PRO A 37 -2.12 8.63 -9.13
N TYR A 38 -1.17 7.89 -9.71
CA TYR A 38 -1.19 7.56 -11.15
C TYR A 38 -1.75 6.15 -11.35
N ASP A 39 -1.48 5.27 -10.38
CA ASP A 39 -1.89 3.86 -10.40
C ASP A 39 -2.25 3.44 -8.96
N ARG A 40 -2.76 2.21 -8.82
CA ARG A 40 -3.18 1.64 -7.54
C ARG A 40 -2.74 0.16 -7.49
N ILE A 41 -2.01 -0.21 -6.44
CA ILE A 41 -1.59 -1.62 -6.21
C ILE A 41 -2.47 -2.26 -5.11
N VAL A 42 -2.61 -3.59 -5.19
CA VAL A 42 -3.31 -4.39 -4.17
C VAL A 42 -2.57 -5.72 -4.00
N ILE A 43 -2.32 -6.10 -2.74
CA ILE A 43 -1.69 -7.38 -2.36
C ILE A 43 -2.70 -8.22 -1.56
N THR A 44 -2.48 -9.53 -1.54
CA THR A 44 -3.24 -10.48 -0.70
C THR A 44 -2.25 -11.45 -0.04
N GLY A 45 -2.48 -11.77 1.25
CA GLY A 45 -1.61 -12.66 2.01
C GLY A 45 -2.40 -13.52 2.98
N ARG A 46 -1.98 -14.80 3.15
CA ARG A 46 -2.64 -15.75 4.06
C ARG A 46 -2.46 -15.33 5.53
N PHE A 47 -1.24 -14.87 5.86
CA PHE A 47 -0.92 -14.31 7.18
C PHE A 47 0.42 -13.58 7.11
N ASN A 48 0.46 -12.38 7.72
CA ASN A 48 1.67 -11.57 7.85
C ASN A 48 1.46 -10.62 9.06
N ALA A 49 1.43 -9.30 8.83
CA ALA A 49 1.07 -8.30 9.85
C ALA A 49 0.76 -6.98 9.13
N ILE A 50 0.17 -5.99 9.84
CA ILE A 50 -0.14 -4.68 9.24
C ILE A 50 1.15 -3.95 8.80
N GLY A 51 2.22 -4.12 9.62
CA GLY A 51 3.53 -3.58 9.31
C GLY A 51 4.17 -4.26 8.11
N ASP A 52 4.07 -5.60 8.05
CA ASP A 52 4.58 -6.44 6.93
C ASP A 52 3.85 -6.12 5.62
N ALA A 53 2.55 -5.80 5.74
CA ALA A 53 1.66 -5.50 4.60
C ALA A 53 2.01 -4.14 4.01
N VAL A 54 2.19 -3.14 4.89
CA VAL A 54 2.62 -1.78 4.52
C VAL A 54 4.06 -1.81 3.94
N SER A 55 4.90 -2.73 4.46
CA SER A 55 6.29 -2.93 3.99
C SER A 55 6.31 -3.61 2.61
N ALA A 56 5.35 -4.52 2.37
CA ALA A 56 5.18 -5.21 1.08
C ALA A 56 4.72 -4.21 0.01
N VAL A 57 3.76 -3.34 0.41
CA VAL A 57 3.26 -2.22 -0.42
C VAL A 57 4.37 -1.19 -0.67
N SER A 58 5.23 -0.97 0.33
CA SER A 58 6.36 0.00 0.26
C SER A 58 7.34 -0.39 -0.85
N ARG A 59 7.79 -1.65 -0.80
CA ARG A 59 8.77 -2.20 -1.74
C ARG A 59 8.12 -2.34 -3.14
N ARG A 60 6.84 -2.74 -3.17
CA ARG A 60 6.07 -2.93 -4.42
C ARG A 60 5.85 -1.59 -5.15
N ALA A 61 5.61 -0.52 -4.39
CA ALA A 61 5.42 0.85 -4.93
C ALA A 61 6.70 1.33 -5.61
N ASP A 62 7.84 0.95 -5.02
CA ASP A 62 9.18 1.24 -5.57
C ASP A 62 9.43 0.41 -6.85
N GLU A 63 8.90 -0.84 -6.89
CA GLU A 63 8.95 -1.72 -8.08
C GLU A 63 8.17 -1.09 -9.26
N GLU A 64 7.08 -0.38 -8.93
CA GLU A 64 6.26 0.35 -9.92
C GLU A 64 7.04 1.58 -10.45
N GLY A 65 7.92 2.11 -9.59
CA GLY A 65 8.68 3.35 -9.88
C GLY A 65 8.08 4.56 -9.19
N ALA A 66 7.04 4.34 -8.37
CA ALA A 66 6.38 5.38 -7.57
C ALA A 66 7.29 5.84 -6.42
N ALA A 67 7.27 7.15 -6.14
CA ALA A 67 8.05 7.77 -5.07
C ALA A 67 7.45 7.44 -3.69
N SER A 68 6.11 7.38 -3.65
CA SER A 68 5.34 7.22 -2.41
C SER A 68 4.14 6.29 -2.64
N PHE A 69 3.46 5.96 -1.54
CA PHE A 69 2.22 5.15 -1.54
C PHE A 69 1.31 5.61 -0.40
N TYR A 70 0.09 5.07 -0.34
CA TYR A 70 -0.80 5.25 0.80
C TYR A 70 -1.88 4.15 0.80
N VAL A 71 -1.90 3.36 1.90
CA VAL A 71 -2.93 2.35 2.15
C VAL A 71 -4.30 3.04 2.35
N VAL A 72 -5.21 2.80 1.41
CA VAL A 72 -6.55 3.42 1.41
C VAL A 72 -7.63 2.44 1.92
N ASP A 73 -7.33 1.13 1.89
CA ASP A 73 -8.28 0.07 2.26
C ASP A 73 -7.55 -1.19 2.73
N THR A 74 -8.16 -1.88 3.71
CA THR A 74 -7.76 -3.21 4.19
C THR A 74 -9.04 -4.05 4.40
N SER A 75 -9.23 -5.08 3.56
CA SER A 75 -10.40 -5.99 3.65
C SER A 75 -9.92 -7.43 3.93
N GLU A 76 -10.58 -8.12 4.87
CA GLU A 76 -10.24 -9.52 5.23
C GLU A 76 -11.31 -10.49 4.72
N PHE A 77 -11.00 -11.79 4.81
CA PHE A 77 -11.95 -12.88 4.47
C PHE A 77 -13.04 -12.97 5.57
N GLY A 78 -12.63 -12.70 6.82
CA GLY A 78 -13.50 -12.80 7.98
C GLY A 78 -13.01 -13.86 8.96
N ASN A 79 -12.00 -13.48 9.78
CA ASN A 79 -11.41 -14.33 10.86
C ASN A 79 -10.66 -15.58 10.34
N SER A 80 -10.47 -15.67 9.02
CA SER A 80 -9.80 -16.82 8.39
C SER A 80 -8.27 -16.58 8.27
N GLY A 81 -7.78 -15.45 8.83
CA GLY A 81 -6.37 -15.10 8.79
C GLY A 81 -6.01 -14.31 7.53
N ASN A 82 -6.43 -14.84 6.35
CA ASN A 82 -6.12 -14.24 5.04
C ASN A 82 -6.88 -12.93 4.85
N TRP A 83 -6.20 -11.96 4.24
CA TRP A 83 -6.67 -10.59 4.08
C TRP A 83 -5.93 -9.94 2.90
N ARG A 84 -6.30 -8.70 2.58
CA ARG A 84 -5.74 -7.95 1.46
C ARG A 84 -5.60 -6.46 1.82
N VAL A 85 -4.67 -5.77 1.13
CA VAL A 85 -4.40 -4.35 1.34
C VAL A 85 -4.39 -3.62 -0.01
N VAL A 86 -5.35 -2.69 -0.18
CA VAL A 86 -5.41 -1.78 -1.34
C VAL A 86 -4.68 -0.47 -0.97
N ALA A 87 -3.77 -0.05 -1.86
CA ALA A 87 -2.96 1.16 -1.66
C ALA A 87 -2.70 1.86 -3.01
N ASP A 88 -3.05 3.14 -3.10
CA ASP A 88 -2.73 3.98 -4.27
C ASP A 88 -1.26 4.43 -4.21
N VAL A 89 -0.61 4.49 -5.37
CA VAL A 89 0.83 4.84 -5.48
C VAL A 89 1.00 6.17 -6.23
N TYR A 90 1.95 6.99 -5.73
CA TYR A 90 2.12 8.40 -6.14
C TYR A 90 3.54 8.60 -6.71
N LYS A 91 3.65 9.41 -7.79
CA LYS A 91 4.94 9.80 -8.39
C LYS A 91 5.46 11.10 -7.76
N ALA A 92 6.75 11.40 -7.99
CA ALA A 92 7.36 12.69 -7.61
C ALA A 92 7.34 13.64 -8.82
N HIS A 22 15.33 2.61 -0.45
CA HIS A 22 14.23 2.15 -1.33
C HIS A 22 13.03 1.72 -0.48
N ALA A 23 12.03 1.08 -1.13
CA ALA A 23 10.69 0.79 -0.55
C ALA A 23 9.97 2.13 -0.30
N ALA A 24 8.95 2.42 -1.14
CA ALA A 24 8.27 3.74 -1.21
C ALA A 24 7.76 4.21 0.17
N THR A 25 7.95 5.51 0.44
CA THR A 25 7.56 6.14 1.72
C THR A 25 6.02 6.08 1.93
N GLU A 26 5.55 5.98 3.18
CA GLU A 26 4.12 6.16 3.48
C GLU A 26 3.78 7.63 3.31
N LEU A 27 2.82 7.94 2.43
CA LEU A 27 2.44 9.31 2.13
C LEU A 27 1.47 9.82 3.21
N THR A 28 1.67 11.08 3.63
CA THR A 28 0.82 11.74 4.62
C THR A 28 -0.53 12.14 3.98
N PRO A 29 -1.66 12.22 4.77
CA PRO A 29 -2.99 12.59 4.21
C PRO A 29 -3.01 14.01 3.60
N GLU A 30 -2.06 14.86 4.05
CA GLU A 30 -1.82 16.20 3.49
C GLU A 30 -1.46 16.09 2.00
N GLN A 31 -0.39 15.31 1.72
CA GLN A 31 0.16 15.12 0.37
C GLN A 31 -0.74 14.18 -0.48
N ALA A 32 -1.50 13.30 0.21
CA ALA A 32 -2.42 12.35 -0.43
C ALA A 32 -3.72 13.04 -0.87
N ALA A 33 -4.04 14.17 -0.22
CA ALA A 33 -5.19 15.03 -0.61
C ALA A 33 -4.77 16.00 -1.73
N ALA A 34 -3.47 16.35 -1.75
CA ALA A 34 -2.88 17.25 -2.76
C ALA A 34 -2.71 16.51 -4.10
N LEU A 35 -1.94 15.41 -4.07
CA LEU A 35 -1.69 14.57 -5.23
C LEU A 35 -2.79 13.52 -5.39
N LYS A 36 -3.06 13.16 -6.64
CA LYS A 36 -3.86 11.99 -6.98
C LYS A 36 -2.92 10.90 -7.49
N PRO A 37 -3.17 9.60 -7.19
CA PRO A 37 -2.28 8.51 -7.61
C PRO A 37 -2.38 8.20 -9.12
N TYR A 38 -1.24 7.85 -9.73
CA TYR A 38 -1.16 7.47 -11.16
C TYR A 38 -1.69 6.04 -11.37
N ASP A 39 -1.70 5.26 -10.27
CA ASP A 39 -2.12 3.85 -10.24
C ASP A 39 -2.47 3.48 -8.80
N ARG A 40 -3.22 2.38 -8.63
CA ARG A 40 -3.51 1.79 -7.32
C ARG A 40 -3.26 0.28 -7.40
N ILE A 41 -2.35 -0.21 -6.54
CA ILE A 41 -1.94 -1.62 -6.48
C ILE A 41 -2.80 -2.41 -5.46
N VAL A 42 -2.74 -3.73 -5.58
CA VAL A 42 -3.58 -4.69 -4.83
C VAL A 42 -2.75 -5.95 -4.45
N ILE A 43 -2.80 -6.33 -3.16
CA ILE A 43 -2.21 -7.58 -2.62
C ILE A 43 -3.12 -8.13 -1.49
N THR A 44 -2.77 -9.32 -0.99
CA THR A 44 -3.44 -9.96 0.15
C THR A 44 -2.36 -10.56 1.07
N GLY A 45 -2.42 -10.16 2.35
CA GLY A 45 -1.52 -10.70 3.37
C GLY A 45 -2.15 -11.90 4.07
N ARG A 46 -2.20 -13.05 3.36
CA ARG A 46 -2.83 -14.28 3.89
C ARG A 46 -2.03 -14.86 5.05
N PHE A 47 -2.48 -14.52 6.28
CA PHE A 47 -1.83 -14.90 7.55
C PHE A 47 -0.43 -14.26 7.69
N ASN A 48 -0.19 -13.19 6.91
CA ASN A 48 1.07 -12.42 6.94
C ASN A 48 0.96 -11.26 7.93
N ALA A 49 2.10 -10.88 8.51
CA ALA A 49 2.18 -9.85 9.55
C ALA A 49 1.81 -8.45 9.02
N ILE A 50 1.47 -7.54 9.96
CA ILE A 50 1.18 -6.13 9.63
C ILE A 50 2.41 -5.49 8.95
N GLY A 51 3.60 -5.71 9.56
CA GLY A 51 4.86 -5.20 9.00
C GLY A 51 5.30 -5.91 7.73
N ASP A 52 4.92 -7.19 7.58
CA ASP A 52 5.23 -8.01 6.39
C ASP A 52 4.47 -7.49 5.16
N ALA A 53 3.16 -7.27 5.33
CA ALA A 53 2.27 -6.79 4.25
C ALA A 53 2.58 -5.32 3.88
N VAL A 54 3.01 -4.53 4.88
CA VAL A 54 3.50 -3.14 4.66
C VAL A 54 4.83 -3.16 3.88
N SER A 55 5.71 -4.13 4.18
CA SER A 55 6.98 -4.33 3.46
C SER A 55 6.71 -4.73 1.99
N ALA A 56 5.65 -5.55 1.81
CA ALA A 56 5.25 -6.05 0.48
C ALA A 56 4.71 -4.93 -0.43
N VAL A 57 3.80 -4.11 0.13
CA VAL A 57 3.13 -3.02 -0.62
C VAL A 57 4.08 -1.83 -0.85
N SER A 58 5.01 -1.61 0.09
CA SER A 58 6.04 -0.54 0.01
C SER A 58 7.07 -0.88 -1.07
N ARG A 59 7.49 -2.17 -1.10
CA ARG A 59 8.40 -2.69 -2.14
C ARG A 59 7.75 -2.59 -3.53
N ARG A 60 6.49 -3.06 -3.63
CA ARG A 60 5.72 -3.11 -4.90
C ARG A 60 5.60 -1.70 -5.51
N ALA A 61 5.25 -0.72 -4.64
CA ALA A 61 5.15 0.70 -5.01
C ALA A 61 6.48 1.22 -5.58
N ASP A 62 7.58 0.88 -4.89
CA ASP A 62 8.95 1.30 -5.27
C ASP A 62 9.39 0.67 -6.62
N GLU A 63 8.93 -0.57 -6.87
CA GLU A 63 9.22 -1.30 -8.13
C GLU A 63 8.46 -0.67 -9.31
N GLU A 64 7.36 0.03 -9.00
CA GLU A 64 6.56 0.77 -10.01
C GLU A 64 7.07 2.22 -10.16
N GLY A 65 8.14 2.56 -9.42
CA GLY A 65 8.77 3.88 -9.51
C GLY A 65 8.00 4.97 -8.77
N ALA A 66 7.19 4.55 -7.78
CA ALA A 66 6.46 5.47 -6.90
C ALA A 66 7.38 5.99 -5.79
N ALA A 67 7.32 7.30 -5.55
CA ALA A 67 8.05 7.95 -4.44
C ALA A 67 7.43 7.55 -3.09
N SER A 68 6.09 7.41 -3.12
CA SER A 68 5.29 7.14 -1.93
C SER A 68 4.04 6.31 -2.29
N PHE A 69 3.35 5.82 -1.26
CA PHE A 69 2.07 5.11 -1.39
C PHE A 69 1.20 5.46 -0.17
N TYR A 70 -0.12 5.45 -0.35
CA TYR A 70 -1.09 5.64 0.71
C TYR A 70 -2.10 4.48 0.63
N VAL A 71 -2.39 3.82 1.76
CA VAL A 71 -3.34 2.70 1.81
C VAL A 71 -4.78 3.24 1.82
N VAL A 72 -5.60 2.80 0.83
CA VAL A 72 -6.99 3.26 0.68
C VAL A 72 -7.92 2.40 1.55
N ASP A 73 -7.58 1.11 1.68
CA ASP A 73 -8.44 0.12 2.37
C ASP A 73 -7.63 -1.11 2.80
N THR A 74 -8.00 -1.67 3.96
CA THR A 74 -7.57 -2.97 4.43
C THR A 74 -8.81 -3.72 4.94
N SER A 75 -9.20 -4.79 4.24
CA SER A 75 -10.42 -5.56 4.54
C SER A 75 -10.11 -7.05 4.71
N GLU A 76 -10.42 -7.59 5.90
CA GLU A 76 -10.20 -9.01 6.22
C GLU A 76 -11.12 -9.91 5.38
N PHE A 77 -10.50 -10.83 4.61
CA PHE A 77 -11.18 -11.74 3.67
C PHE A 77 -12.22 -12.63 4.41
N GLY A 78 -11.78 -13.17 5.56
CA GLY A 78 -12.63 -14.03 6.40
C GLY A 78 -12.15 -14.02 7.84
N ASN A 79 -12.63 -15.02 8.64
CA ASN A 79 -12.26 -15.16 10.06
C ASN A 79 -10.79 -15.63 10.23
N SER A 80 -10.16 -16.03 9.12
CA SER A 80 -8.72 -16.35 9.06
C SER A 80 -7.88 -15.06 9.11
N GLY A 81 -6.54 -15.23 9.12
CA GLY A 81 -5.60 -14.11 9.18
C GLY A 81 -5.34 -13.43 7.83
N ASN A 82 -6.16 -13.76 6.82
CA ASN A 82 -6.06 -13.15 5.47
C ASN A 82 -6.79 -11.81 5.45
N TRP A 83 -6.08 -10.79 4.95
CA TRP A 83 -6.61 -9.44 4.84
C TRP A 83 -6.11 -8.77 3.54
N ARG A 84 -7.07 -8.31 2.74
CA ARG A 84 -6.84 -7.55 1.51
C ARG A 84 -6.18 -6.21 1.84
N VAL A 85 -4.95 -6.03 1.34
CA VAL A 85 -4.21 -4.77 1.44
C VAL A 85 -4.22 -4.11 0.05
N VAL A 86 -4.99 -3.03 -0.11
CA VAL A 86 -5.02 -2.25 -1.35
C VAL A 86 -4.56 -0.81 -1.07
N ALA A 87 -3.57 -0.36 -1.84
CA ALA A 87 -2.93 0.94 -1.64
C ALA A 87 -2.66 1.61 -2.99
N ASP A 88 -2.83 2.91 -3.01
CA ASP A 88 -2.59 3.76 -4.19
C ASP A 88 -1.17 4.33 -4.15
N VAL A 89 -0.54 4.45 -5.32
CA VAL A 89 0.89 4.81 -5.46
C VAL A 89 1.05 6.17 -6.18
N TYR A 90 2.02 6.98 -5.72
CA TYR A 90 2.15 8.42 -6.07
C TYR A 90 3.53 8.75 -6.66
N LYS A 91 3.62 9.95 -7.23
CA LYS A 91 4.85 10.50 -7.83
C LYS A 91 5.52 11.51 -6.88
N ALA A 92 6.79 11.81 -7.17
CA ALA A 92 7.56 12.86 -6.47
C ALA A 92 7.31 14.22 -7.14
N HIS A 22 15.77 3.90 -2.31
CA HIS A 22 15.17 2.88 -3.21
C HIS A 22 14.15 2.04 -2.41
N ALA A 23 12.99 2.67 -2.16
CA ALA A 23 11.83 2.08 -1.45
C ALA A 23 10.70 3.13 -1.40
N ALA A 24 9.46 2.71 -1.66
CA ALA A 24 8.30 3.61 -1.69
C ALA A 24 8.00 4.17 -0.29
N THR A 25 8.15 5.50 -0.14
CA THR A 25 7.90 6.22 1.13
C THR A 25 6.40 6.19 1.46
N GLU A 26 6.06 5.95 2.75
CA GLU A 26 4.67 5.98 3.21
C GLU A 26 4.18 7.43 3.24
N LEU A 27 3.17 7.73 2.44
CA LEU A 27 2.61 9.07 2.28
C LEU A 27 1.57 9.33 3.39
N THR A 28 1.49 10.58 3.88
CA THR A 28 0.49 10.97 4.90
C THR A 28 -0.85 11.33 4.21
N PRO A 29 -2.02 11.26 4.95
CA PRO A 29 -3.35 11.65 4.39
C PRO A 29 -3.39 13.11 3.86
N GLU A 30 -2.57 14.00 4.46
CA GLU A 30 -2.46 15.41 4.02
C GLU A 30 -1.81 15.49 2.62
N GLN A 31 -0.73 14.72 2.41
CA GLN A 31 -0.01 14.66 1.12
C GLN A 31 -0.84 13.88 0.07
N ALA A 32 -1.68 12.94 0.55
CA ALA A 32 -2.60 12.17 -0.31
C ALA A 32 -3.80 13.03 -0.74
N ALA A 33 -4.09 14.07 0.05
CA ALA A 33 -5.11 15.09 -0.28
C ALA A 33 -4.51 16.18 -1.19
N ALA A 34 -3.19 16.41 -1.05
CA ALA A 34 -2.44 17.40 -1.85
C ALA A 34 -2.26 16.91 -3.29
N LEU A 35 -1.80 15.66 -3.41
CA LEU A 35 -1.55 14.99 -4.70
C LEU A 35 -2.66 13.98 -5.01
N LYS A 36 -2.72 13.52 -6.25
CA LYS A 36 -3.59 12.41 -6.67
C LYS A 36 -2.70 11.25 -7.20
N PRO A 37 -3.12 9.97 -7.06
CA PRO A 37 -2.33 8.81 -7.52
C PRO A 37 -2.46 8.59 -9.04
N TYR A 38 -1.57 7.77 -9.59
CA TYR A 38 -1.64 7.38 -11.02
C TYR A 38 -2.35 6.03 -11.15
N ASP A 39 -1.96 5.08 -10.29
CA ASP A 39 -2.55 3.71 -10.24
C ASP A 39 -2.71 3.27 -8.78
N ARG A 40 -3.10 2.00 -8.59
CA ARG A 40 -3.11 1.35 -7.26
C ARG A 40 -2.27 0.06 -7.32
N ILE A 41 -2.05 -0.53 -6.14
CA ILE A 41 -1.48 -1.87 -5.99
C ILE A 41 -2.24 -2.61 -4.87
N VAL A 42 -2.55 -3.89 -5.08
CA VAL A 42 -3.29 -4.71 -4.11
C VAL A 42 -2.46 -5.96 -3.76
N ILE A 43 -2.20 -6.15 -2.47
CA ILE A 43 -1.57 -7.37 -1.93
C ILE A 43 -2.56 -8.05 -0.95
N THR A 44 -2.17 -9.22 -0.44
CA THR A 44 -2.90 -9.90 0.65
C THR A 44 -1.88 -10.31 1.73
N GLY A 45 -2.01 -9.69 2.92
CA GLY A 45 -1.18 -10.03 4.07
C GLY A 45 -1.68 -11.30 4.75
N ARG A 46 -1.60 -12.42 4.03
CA ARG A 46 -2.19 -13.71 4.44
C ARG A 46 -1.52 -14.24 5.72
N PHE A 47 -2.15 -13.95 6.88
CA PHE A 47 -1.65 -14.31 8.23
C PHE A 47 -0.31 -13.59 8.56
N ASN A 48 0.00 -12.55 7.77
CA ASN A 48 1.20 -11.70 7.97
C ASN A 48 0.86 -10.55 8.91
N ALA A 49 1.90 -10.02 9.56
CA ALA A 49 1.78 -8.87 10.44
C ALA A 49 1.59 -7.58 9.60
N ILE A 50 1.07 -6.53 10.25
CA ILE A 50 0.80 -5.22 9.60
C ILE A 50 2.09 -4.62 9.01
N GLY A 51 3.22 -4.79 9.74
CA GLY A 51 4.54 -4.31 9.28
C GLY A 51 5.03 -5.03 8.04
N ASP A 52 4.72 -6.34 7.94
CA ASP A 52 5.05 -7.18 6.76
C ASP A 52 4.21 -6.77 5.54
N ALA A 53 2.94 -6.38 5.80
CA ALA A 53 2.02 -5.88 4.76
C ALA A 53 2.51 -4.51 4.24
N VAL A 54 2.95 -3.65 5.16
CA VAL A 54 3.53 -2.32 4.82
C VAL A 54 4.85 -2.52 4.03
N SER A 55 5.63 -3.54 4.41
CA SER A 55 6.90 -3.86 3.76
C SER A 55 6.67 -4.38 2.32
N ALA A 56 5.64 -5.24 2.17
CA ALA A 56 5.31 -5.89 0.88
C ALA A 56 4.69 -4.89 -0.12
N VAL A 57 3.90 -3.94 0.42
CA VAL A 57 3.23 -2.91 -0.40
C VAL A 57 4.24 -1.80 -0.81
N SER A 58 5.25 -1.55 0.04
CA SER A 58 6.36 -0.62 -0.27
C SER A 58 7.31 -1.22 -1.31
N ARG A 59 7.48 -2.55 -1.21
CA ARG A 59 8.28 -3.36 -2.15
C ARG A 59 7.67 -3.26 -3.55
N ARG A 60 6.38 -3.63 -3.66
CA ARG A 60 5.64 -3.64 -4.94
C ARG A 60 5.61 -2.24 -5.57
N ALA A 61 5.31 -1.21 -4.76
CA ALA A 61 5.22 0.19 -5.22
C ALA A 61 6.58 0.67 -5.80
N ASP A 62 7.68 0.30 -5.14
CA ASP A 62 9.05 0.62 -5.60
C ASP A 62 9.34 -0.07 -6.95
N GLU A 63 8.83 -1.31 -7.11
CA GLU A 63 8.96 -2.11 -8.36
C GLU A 63 8.02 -1.57 -9.46
N GLU A 64 6.99 -0.81 -9.06
CA GLU A 64 6.08 -0.08 -9.99
C GLU A 64 6.68 1.27 -10.41
N GLY A 65 7.80 1.66 -9.78
CA GLY A 65 8.44 2.94 -10.05
C GLY A 65 7.78 4.11 -9.32
N ALA A 66 6.92 3.77 -8.35
CA ALA A 66 6.24 4.75 -7.48
C ALA A 66 7.21 5.27 -6.42
N ALA A 67 7.19 6.58 -6.23
CA ALA A 67 8.00 7.27 -5.22
C ALA A 67 7.35 7.11 -3.83
N SER A 68 6.01 7.17 -3.82
CA SER A 68 5.23 7.11 -2.58
C SER A 68 4.03 6.15 -2.75
N PHE A 69 3.35 5.84 -1.63
CA PHE A 69 2.09 5.08 -1.63
C PHE A 69 1.23 5.53 -0.44
N TYR A 70 -0.08 5.30 -0.51
CA TYR A 70 -1.01 5.54 0.60
C TYR A 70 -2.09 4.45 0.60
N VAL A 71 -2.15 3.69 1.72
CA VAL A 71 -3.17 2.66 1.93
C VAL A 71 -4.53 3.33 2.18
N VAL A 72 -5.46 3.15 1.23
CA VAL A 72 -6.82 3.69 1.33
C VAL A 72 -7.78 2.65 1.92
N ASP A 73 -7.45 1.35 1.73
CA ASP A 73 -8.34 0.24 2.08
C ASP A 73 -7.54 -0.94 2.64
N THR A 74 -8.03 -1.49 3.76
CA THR A 74 -7.63 -2.81 4.27
C THR A 74 -8.92 -3.57 4.61
N SER A 75 -9.19 -4.63 3.84
CA SER A 75 -10.35 -5.52 4.04
C SER A 75 -9.85 -6.92 4.42
N GLU A 76 -10.78 -7.82 4.76
CA GLU A 76 -10.47 -9.20 5.17
C GLU A 76 -11.53 -10.16 4.62
N PHE A 77 -11.15 -11.44 4.42
CA PHE A 77 -12.09 -12.48 4.01
C PHE A 77 -12.49 -13.30 5.25
N GLY A 78 -13.46 -12.77 6.02
CA GLY A 78 -13.94 -13.39 7.25
C GLY A 78 -12.82 -13.59 8.27
N ASN A 79 -12.56 -14.86 8.63
CA ASN A 79 -11.44 -15.25 9.52
C ASN A 79 -10.62 -16.36 8.81
N SER A 80 -10.41 -16.15 7.50
CA SER A 80 -9.62 -17.07 6.64
C SER A 80 -8.11 -16.70 6.66
N GLY A 81 -7.76 -15.61 7.37
CA GLY A 81 -6.36 -15.18 7.52
C GLY A 81 -5.90 -14.21 6.44
N ASN A 82 -6.39 -14.40 5.22
CA ASN A 82 -6.04 -13.54 4.07
C ASN A 82 -6.82 -12.21 4.11
N TRP A 83 -6.20 -11.20 4.74
CA TRP A 83 -6.70 -9.82 4.74
C TRP A 83 -5.90 -9.02 3.68
N ARG A 84 -6.64 -8.34 2.78
CA ARG A 84 -6.06 -7.66 1.61
C ARG A 84 -5.81 -6.17 1.91
N VAL A 85 -4.84 -5.59 1.20
CA VAL A 85 -4.41 -4.18 1.34
C VAL A 85 -4.43 -3.51 -0.05
N VAL A 86 -5.34 -2.55 -0.26
CA VAL A 86 -5.36 -1.70 -1.45
C VAL A 86 -4.68 -0.36 -1.11
N ALA A 87 -3.54 -0.10 -1.75
CA ALA A 87 -2.77 1.14 -1.56
C ALA A 87 -2.53 1.81 -2.91
N ASP A 88 -3.01 3.05 -3.05
CA ASP A 88 -2.76 3.89 -4.22
C ASP A 88 -1.29 4.33 -4.26
N VAL A 89 -0.73 4.46 -5.45
CA VAL A 89 0.70 4.78 -5.64
C VAL A 89 0.85 6.16 -6.29
N TYR A 90 1.81 6.95 -5.76
CA TYR A 90 1.98 8.39 -6.05
C TYR A 90 3.41 8.67 -6.52
N LYS A 91 3.60 9.91 -7.01
CA LYS A 91 4.94 10.49 -7.29
C LYS A 91 5.43 11.26 -6.04
N ALA A 92 6.65 11.81 -6.13
CA ALA A 92 7.23 12.70 -5.11
C ALA A 92 7.91 13.89 -5.81
N HIS A 22 15.58 -0.38 -2.43
CA HIS A 22 14.76 0.79 -2.03
C HIS A 22 13.33 0.34 -1.71
N ALA A 23 12.54 1.29 -1.19
CA ALA A 23 11.17 1.04 -0.73
C ALA A 23 10.41 2.39 -0.69
N ALA A 24 9.20 2.43 -1.28
CA ALA A 24 8.41 3.67 -1.42
C ALA A 24 7.97 4.21 -0.04
N THR A 25 8.09 5.53 0.15
CA THR A 25 7.76 6.19 1.42
C THR A 25 6.24 6.14 1.69
N GLU A 26 5.86 5.72 2.90
CA GLU A 26 4.44 5.70 3.31
C GLU A 26 3.96 7.15 3.49
N LEU A 27 2.97 7.53 2.69
CA LEU A 27 2.46 8.91 2.58
C LEU A 27 1.28 9.12 3.54
N THR A 28 1.25 10.29 4.20
CA THR A 28 0.20 10.64 5.17
C THR A 28 -1.14 10.90 4.45
N PRO A 29 -2.33 10.59 5.10
CA PRO A 29 -3.68 10.73 4.48
C PRO A 29 -3.97 12.16 3.95
N GLU A 30 -3.43 13.19 4.63
CA GLU A 30 -3.62 14.60 4.24
C GLU A 30 -2.85 14.92 2.93
N GLN A 31 -1.58 14.49 2.89
CA GLN A 31 -0.70 14.69 1.71
C GLN A 31 -1.10 13.76 0.55
N ALA A 32 -1.77 12.65 0.87
CA ALA A 32 -2.32 11.71 -0.11
C ALA A 32 -3.59 12.30 -0.76
N ALA A 33 -4.37 13.03 0.06
CA ALA A 33 -5.57 13.76 -0.39
C ALA A 33 -5.18 15.01 -1.21
N ALA A 34 -3.99 15.57 -0.89
CA ALA A 34 -3.41 16.71 -1.62
C ALA A 34 -2.93 16.27 -3.02
N LEU A 35 -2.16 15.17 -3.05
CA LEU A 35 -1.58 14.62 -4.29
C LEU A 35 -2.60 13.75 -5.05
N LYS A 36 -2.23 13.37 -6.28
CA LYS A 36 -3.08 12.55 -7.16
C LYS A 36 -2.35 11.25 -7.54
N PRO A 37 -2.95 10.06 -7.26
CA PRO A 37 -2.34 8.75 -7.63
C PRO A 37 -2.54 8.42 -9.14
N TYR A 38 -1.45 7.99 -9.79
CA TYR A 38 -1.47 7.60 -11.22
C TYR A 38 -2.00 6.17 -11.37
N ASP A 39 -1.67 5.32 -10.39
CA ASP A 39 -2.01 3.90 -10.37
C ASP A 39 -2.36 3.50 -8.91
N ARG A 40 -2.86 2.28 -8.75
CA ARG A 40 -3.22 1.71 -7.44
C ARG A 40 -2.81 0.24 -7.43
N ILE A 41 -2.07 -0.17 -6.40
CA ILE A 41 -1.66 -1.58 -6.22
C ILE A 41 -2.53 -2.24 -5.12
N VAL A 42 -2.53 -3.57 -5.12
CA VAL A 42 -3.29 -4.40 -4.18
C VAL A 42 -2.54 -5.72 -3.92
N ILE A 43 -2.41 -6.08 -2.62
CA ILE A 43 -1.75 -7.31 -2.15
C ILE A 43 -2.65 -8.02 -1.12
N THR A 44 -2.30 -9.29 -0.80
CA THR A 44 -2.99 -10.11 0.22
C THR A 44 -1.95 -10.81 1.11
N GLY A 45 -1.98 -10.51 2.42
CA GLY A 45 -1.07 -11.10 3.40
C GLY A 45 -1.76 -12.21 4.21
N ARG A 46 -1.28 -13.47 4.05
CA ARG A 46 -1.83 -14.62 4.77
C ARG A 46 -1.35 -14.62 6.24
N PHE A 47 -2.16 -13.99 7.11
CA PHE A 47 -1.96 -13.90 8.58
C PHE A 47 -0.68 -13.08 8.94
N ASN A 48 -0.13 -12.37 7.94
CA ASN A 48 1.14 -11.63 8.08
C ASN A 48 0.96 -10.36 8.93
N ALA A 49 2.05 -9.90 9.56
CA ALA A 49 2.03 -8.71 10.42
C ALA A 49 1.92 -7.43 9.57
N ILE A 50 1.52 -6.32 10.21
CA ILE A 50 1.37 -5.00 9.54
C ILE A 50 2.71 -4.54 8.94
N GLY A 51 3.82 -4.92 9.60
CA GLY A 51 5.18 -4.64 9.09
C GLY A 51 5.46 -5.35 7.76
N ASP A 52 5.05 -6.64 7.66
CA ASP A 52 5.20 -7.45 6.43
C ASP A 52 4.38 -6.83 5.29
N ALA A 53 3.14 -6.41 5.66
CA ALA A 53 2.17 -5.81 4.72
C ALA A 53 2.71 -4.48 4.15
N VAL A 54 3.14 -3.60 5.07
CA VAL A 54 3.70 -2.28 4.72
C VAL A 54 4.99 -2.43 3.89
N SER A 55 5.82 -3.44 4.23
CA SER A 55 7.08 -3.72 3.53
C SER A 55 6.82 -4.25 2.09
N ALA A 56 5.75 -5.06 1.94
CA ALA A 56 5.38 -5.70 0.65
C ALA A 56 4.75 -4.67 -0.31
N VAL A 57 3.91 -3.79 0.24
CA VAL A 57 3.20 -2.74 -0.53
C VAL A 57 4.17 -1.56 -0.82
N SER A 58 5.18 -1.38 0.07
CA SER A 58 6.27 -0.39 -0.11
C SER A 58 7.21 -0.84 -1.24
N ARG A 59 7.53 -2.15 -1.22
CA ARG A 59 8.32 -2.82 -2.25
C ARG A 59 7.65 -2.63 -3.62
N ARG A 60 6.39 -3.09 -3.71
CA ARG A 60 5.61 -3.11 -4.96
C ARG A 60 5.42 -1.69 -5.52
N ALA A 61 5.15 -0.71 -4.64
CA ALA A 61 5.02 0.71 -5.03
C ALA A 61 6.33 1.26 -5.64
N ASP A 62 7.46 0.86 -5.04
CA ASP A 62 8.81 1.23 -5.53
C ASP A 62 9.09 0.56 -6.90
N GLU A 63 8.58 -0.68 -7.07
CA GLU A 63 8.72 -1.46 -8.33
C GLU A 63 7.85 -0.86 -9.45
N GLU A 64 6.73 -0.22 -9.06
CA GLU A 64 5.84 0.52 -9.99
C GLU A 64 6.50 1.85 -10.43
N GLY A 65 7.56 2.26 -9.71
CA GLY A 65 8.27 3.51 -9.99
C GLY A 65 7.75 4.69 -9.18
N ALA A 66 6.78 4.39 -8.28
CA ALA A 66 6.16 5.39 -7.39
C ALA A 66 7.10 5.77 -6.25
N ALA A 67 7.15 7.07 -5.94
CA ALA A 67 7.94 7.63 -4.82
C ALA A 67 7.29 7.30 -3.47
N SER A 68 5.96 7.21 -3.47
CA SER A 68 5.16 7.01 -2.27
C SER A 68 3.95 6.11 -2.56
N PHE A 69 3.27 5.72 -1.48
CA PHE A 69 1.99 5.01 -1.52
C PHE A 69 1.16 5.45 -0.31
N TYR A 70 -0.14 5.20 -0.36
CA TYR A 70 -1.04 5.39 0.79
C TYR A 70 -2.06 4.27 0.80
N VAL A 71 -2.04 3.46 1.88
CA VAL A 71 -3.01 2.40 2.09
C VAL A 71 -4.38 3.02 2.34
N VAL A 72 -5.30 2.80 1.41
CA VAL A 72 -6.64 3.38 1.43
C VAL A 72 -7.63 2.47 2.17
N ASP A 73 -7.29 1.16 2.28
CA ASP A 73 -8.16 0.17 2.94
C ASP A 73 -7.39 -1.12 3.25
N THR A 74 -7.62 -1.68 4.45
CA THR A 74 -7.19 -3.05 4.84
C THR A 74 -8.43 -3.85 5.25
N SER A 75 -8.87 -4.79 4.38
CA SER A 75 -10.06 -5.61 4.63
C SER A 75 -9.70 -7.10 4.57
N GLU A 76 -10.05 -7.85 5.64
CA GLU A 76 -9.75 -9.28 5.74
C GLU A 76 -10.67 -10.08 4.79
N PHE A 77 -10.07 -10.89 3.91
CA PHE A 77 -10.78 -11.67 2.91
C PHE A 77 -11.50 -12.85 3.57
N GLY A 78 -12.81 -12.98 3.28
CA GLY A 78 -13.64 -14.03 3.85
C GLY A 78 -14.06 -13.73 5.29
N ASN A 79 -13.14 -14.00 6.23
CA ASN A 79 -13.32 -13.74 7.68
C ASN A 79 -12.09 -13.02 8.21
N SER A 80 -10.97 -13.76 8.33
CA SER A 80 -9.71 -13.25 8.91
C SER A 80 -8.49 -14.02 8.37
N GLY A 81 -7.32 -13.72 8.93
CA GLY A 81 -6.07 -14.35 8.50
C GLY A 81 -5.52 -13.66 7.28
N ASN A 82 -5.96 -14.12 6.09
CA ASN A 82 -5.59 -13.48 4.82
C ASN A 82 -6.30 -12.14 4.70
N TRP A 83 -5.57 -11.07 5.00
CA TRP A 83 -6.09 -9.71 4.95
C TRP A 83 -5.47 -8.94 3.77
N ARG A 84 -6.36 -8.37 2.96
CA ARG A 84 -6.00 -7.63 1.76
C ARG A 84 -5.64 -6.18 2.12
N VAL A 85 -4.48 -5.73 1.63
CA VAL A 85 -4.00 -4.36 1.79
C VAL A 85 -3.98 -3.70 0.40
N VAL A 86 -4.90 -2.74 0.17
CA VAL A 86 -4.95 -1.97 -1.10
C VAL A 86 -4.44 -0.55 -0.85
N ALA A 87 -3.58 -0.06 -1.77
CA ALA A 87 -2.91 1.24 -1.64
C ALA A 87 -2.76 1.91 -3.01
N ASP A 88 -3.19 3.16 -3.10
CA ASP A 88 -2.91 4.01 -4.27
C ASP A 88 -1.47 4.52 -4.21
N VAL A 89 -0.79 4.56 -5.37
CA VAL A 89 0.65 4.89 -5.45
C VAL A 89 0.88 6.22 -6.20
N TYR A 90 1.92 6.97 -5.76
CA TYR A 90 2.15 8.38 -6.14
C TYR A 90 3.58 8.57 -6.67
N LYS A 91 3.74 9.28 -7.81
CA LYS A 91 5.05 9.58 -8.43
C LYS A 91 5.69 10.83 -7.80
N ALA A 92 7.00 11.01 -8.08
CA ALA A 92 7.71 12.27 -7.80
C ALA A 92 7.94 13.00 -9.14
N HIS A 22 14.51 3.73 -1.63
CA HIS A 22 14.28 2.79 -2.77
C HIS A 22 12.86 2.24 -2.71
N ALA A 23 12.54 1.49 -1.63
CA ALA A 23 11.15 1.05 -1.35
C ALA A 23 10.26 2.27 -1.06
N ALA A 24 9.07 2.32 -1.67
CA ALA A 24 8.18 3.50 -1.63
C ALA A 24 7.79 3.89 -0.19
N THR A 25 7.96 5.18 0.13
CA THR A 25 7.62 5.75 1.45
C THR A 25 6.10 5.90 1.59
N GLU A 26 5.58 5.70 2.81
CA GLU A 26 4.19 6.03 3.11
C GLU A 26 4.05 7.56 3.17
N LEU A 27 3.21 8.09 2.28
CA LEU A 27 2.92 9.51 2.19
C LEU A 27 1.85 9.86 3.25
N THR A 28 2.02 11.00 3.93
CA THR A 28 1.13 11.44 5.01
C THR A 28 -0.29 11.70 4.46
N PRO A 29 -1.39 11.34 5.21
CA PRO A 29 -2.80 11.65 4.83
C PRO A 29 -3.03 13.08 4.28
N GLU A 30 -2.21 14.04 4.74
CA GLU A 30 -2.29 15.44 4.30
C GLU A 30 -1.75 15.61 2.87
N GLN A 31 -0.50 15.16 2.65
CA GLN A 31 0.16 15.27 1.32
C GLN A 31 -0.55 14.39 0.27
N ALA A 32 -1.11 13.26 0.73
CA ALA A 32 -1.86 12.32 -0.12
C ALA A 32 -3.22 12.92 -0.53
N ALA A 33 -3.80 13.74 0.36
CA ALA A 33 -5.06 14.46 0.08
C ALA A 33 -4.83 15.64 -0.89
N ALA A 34 -3.63 16.24 -0.80
CA ALA A 34 -3.23 17.38 -1.64
C ALA A 34 -2.87 16.92 -3.07
N LEU A 35 -2.14 15.80 -3.15
CA LEU A 35 -1.73 15.18 -4.43
C LEU A 35 -2.82 14.22 -4.93
N LYS A 36 -2.70 13.79 -6.19
CA LYS A 36 -3.61 12.81 -6.80
C LYS A 36 -2.78 11.59 -7.26
N PRO A 37 -3.15 10.34 -6.82
CA PRO A 37 -2.42 9.11 -7.22
C PRO A 37 -2.76 8.69 -8.66
N TYR A 38 -1.77 8.12 -9.37
CA TYR A 38 -1.93 7.67 -10.76
C TYR A 38 -2.60 6.28 -10.83
N ASP A 39 -2.48 5.51 -9.72
CA ASP A 39 -2.92 4.10 -9.68
C ASP A 39 -3.16 3.67 -8.20
N ARG A 40 -3.78 2.48 -8.04
CA ARG A 40 -3.92 1.78 -6.75
C ARG A 40 -3.41 0.33 -6.93
N ILE A 41 -2.43 -0.07 -6.09
CA ILE A 41 -1.89 -1.44 -6.11
C ILE A 41 -2.60 -2.31 -5.05
N VAL A 42 -2.92 -3.57 -5.40
CA VAL A 42 -3.53 -4.53 -4.46
C VAL A 42 -2.57 -5.72 -4.26
N ILE A 43 -2.21 -5.98 -3.00
CA ILE A 43 -1.47 -7.19 -2.59
C ILE A 43 -2.39 -8.13 -1.80
N THR A 44 -2.00 -9.40 -1.72
CA THR A 44 -2.59 -10.39 -0.80
C THR A 44 -1.45 -11.14 -0.08
N GLY A 45 -1.55 -11.25 1.25
CA GLY A 45 -0.60 -12.01 2.06
C GLY A 45 -1.33 -12.93 3.01
N ARG A 46 -0.69 -14.02 3.44
CA ARG A 46 -1.33 -15.03 4.31
C ARG A 46 -0.69 -14.98 5.71
N PHE A 47 -1.54 -14.68 6.72
CA PHE A 47 -1.15 -14.54 8.14
C PHE A 47 -0.03 -13.48 8.30
N ASN A 48 -0.43 -12.21 8.35
CA ASN A 48 0.48 -11.06 8.48
C ASN A 48 -0.02 -10.10 9.58
N ALA A 49 0.86 -9.19 10.02
CA ALA A 49 0.48 -8.01 10.83
C ALA A 49 0.40 -6.80 9.89
N ILE A 50 0.04 -5.62 10.45
CA ILE A 50 -0.03 -4.37 9.66
C ILE A 50 1.39 -3.95 9.18
N GLY A 51 2.41 -4.18 10.03
CA GLY A 51 3.80 -3.86 9.69
C GLY A 51 4.34 -4.67 8.51
N ASP A 52 3.95 -5.95 8.44
CA ASP A 52 4.31 -6.86 7.33
C ASP A 52 3.59 -6.43 6.04
N ALA A 53 2.30 -6.03 6.21
CA ALA A 53 1.43 -5.55 5.12
C ALA A 53 1.99 -4.26 4.49
N VAL A 54 2.50 -3.34 5.34
CA VAL A 54 3.09 -2.05 4.91
C VAL A 54 4.42 -2.29 4.19
N SER A 55 5.23 -3.22 4.72
CA SER A 55 6.54 -3.58 4.13
C SER A 55 6.36 -4.24 2.74
N ALA A 56 5.27 -5.01 2.58
CA ALA A 56 4.96 -5.72 1.34
C ALA A 56 4.39 -4.76 0.27
N VAL A 57 3.61 -3.77 0.72
CA VAL A 57 2.94 -2.81 -0.18
C VAL A 57 3.90 -1.67 -0.60
N SER A 58 4.90 -1.37 0.27
CA SER A 58 5.98 -0.43 -0.05
C SER A 58 6.97 -1.06 -1.05
N ARG A 59 7.18 -2.39 -0.88
CA ARG A 59 8.00 -3.21 -1.79
C ARG A 59 7.32 -3.29 -3.17
N ARG A 60 6.01 -3.55 -3.16
CA ARG A 60 5.19 -3.67 -4.39
C ARG A 60 5.15 -2.32 -5.15
N ALA A 61 5.02 -1.22 -4.42
CA ALA A 61 5.01 0.13 -5.03
C ALA A 61 6.38 0.44 -5.68
N ASP A 62 7.46 -0.10 -5.09
CA ASP A 62 8.84 -0.01 -5.63
C ASP A 62 8.96 -0.84 -6.94
N GLU A 63 8.27 -1.99 -6.98
CA GLU A 63 8.18 -2.85 -8.19
C GLU A 63 7.48 -2.11 -9.34
N GLU A 64 6.48 -1.29 -8.97
CA GLU A 64 5.65 -0.54 -9.93
C GLU A 64 6.31 0.79 -10.36
N GLY A 65 7.39 1.18 -9.66
CA GLY A 65 8.09 2.43 -9.96
C GLY A 65 7.36 3.65 -9.41
N ALA A 66 6.96 3.55 -8.15
CA ALA A 66 6.29 4.63 -7.40
C ALA A 66 7.19 5.09 -6.25
N ALA A 67 7.38 6.41 -6.13
CA ALA A 67 8.20 7.02 -5.07
C ALA A 67 7.53 6.88 -3.68
N SER A 68 6.20 6.95 -3.66
CA SER A 68 5.40 6.89 -2.43
C SER A 68 4.11 6.07 -2.66
N PHE A 69 3.36 5.87 -1.57
CA PHE A 69 2.03 5.25 -1.59
C PHE A 69 1.17 5.83 -0.45
N TYR A 70 -0.06 5.34 -0.36
CA TYR A 70 -0.99 5.65 0.73
C TYR A 70 -2.04 4.54 0.77
N VAL A 71 -2.19 3.87 1.92
CA VAL A 71 -3.17 2.79 2.08
C VAL A 71 -4.60 3.35 2.05
N VAL A 72 -5.38 2.97 1.03
CA VAL A 72 -6.77 3.43 0.86
C VAL A 72 -7.72 2.49 1.61
N ASP A 73 -7.36 1.19 1.69
CA ASP A 73 -8.17 0.17 2.40
C ASP A 73 -7.32 -1.08 2.73
N THR A 74 -7.58 -1.65 3.91
CA THR A 74 -7.06 -2.97 4.33
C THR A 74 -8.26 -3.89 4.57
N SER A 75 -8.07 -5.18 4.29
CA SER A 75 -9.12 -6.21 4.39
C SER A 75 -8.50 -7.57 4.74
N GLU A 76 -9.38 -8.53 5.06
CA GLU A 76 -9.02 -9.94 5.25
C GLU A 76 -10.05 -10.81 4.52
N PHE A 77 -9.63 -11.98 4.01
CA PHE A 77 -10.53 -12.90 3.28
C PHE A 77 -11.52 -13.54 4.27
N GLY A 78 -12.74 -12.98 4.34
CA GLY A 78 -13.74 -13.42 5.33
C GLY A 78 -13.29 -13.13 6.76
N ASN A 79 -12.92 -14.18 7.51
CA ASN A 79 -12.38 -14.05 8.88
C ASN A 79 -10.97 -14.66 8.98
N SER A 80 -10.42 -15.16 7.84
CA SER A 80 -9.05 -15.72 7.79
C SER A 80 -8.04 -14.59 7.57
N GLY A 81 -6.77 -14.83 8.01
CA GLY A 81 -5.73 -13.81 8.00
C GLY A 81 -5.09 -13.53 6.64
N ASN A 82 -5.82 -13.80 5.54
CA ASN A 82 -5.38 -13.41 4.18
C ASN A 82 -5.57 -11.89 4.01
N TRP A 83 -4.50 -11.14 4.33
CA TRP A 83 -4.44 -9.68 4.23
C TRP A 83 -4.48 -9.18 2.78
N ARG A 84 -5.70 -8.81 2.34
CA ARG A 84 -5.90 -8.04 1.10
C ARG A 84 -5.70 -6.55 1.42
N VAL A 85 -4.62 -5.95 0.90
CA VAL A 85 -4.30 -4.54 1.14
C VAL A 85 -4.20 -3.78 -0.18
N VAL A 86 -5.02 -2.75 -0.35
CA VAL A 86 -4.95 -1.84 -1.51
C VAL A 86 -4.43 -0.47 -1.05
N ALA A 87 -3.47 0.10 -1.82
CA ALA A 87 -2.83 1.38 -1.51
C ALA A 87 -2.64 2.18 -2.81
N ASP A 88 -3.16 3.41 -2.81
CA ASP A 88 -2.98 4.36 -3.93
C ASP A 88 -1.54 4.89 -3.95
N VAL A 89 -0.88 4.85 -5.12
CA VAL A 89 0.57 5.06 -5.28
C VAL A 89 0.87 6.35 -6.04
N TYR A 90 2.05 6.93 -5.74
CA TYR A 90 2.44 8.29 -6.13
C TYR A 90 3.84 8.28 -6.77
N LYS A 91 4.05 9.19 -7.72
CA LYS A 91 5.37 9.45 -8.33
C LYS A 91 6.14 10.49 -7.49
N ALA A 92 7.41 10.71 -7.87
CA ALA A 92 8.26 11.74 -7.26
C ALA A 92 7.82 13.15 -7.76
N HIS A 22 14.43 1.19 -4.43
CA HIS A 22 14.86 0.78 -3.05
C HIS A 22 13.61 0.41 -2.23
N ALA A 23 12.75 1.42 -2.01
CA ALA A 23 11.44 1.28 -1.35
C ALA A 23 10.68 2.60 -1.56
N ALA A 24 9.40 2.52 -1.96
CA ALA A 24 8.54 3.70 -2.16
C ALA A 24 8.35 4.44 -0.83
N THR A 25 8.44 5.78 -0.87
CA THR A 25 8.31 6.64 0.33
C THR A 25 6.92 6.48 0.98
N GLU A 26 6.88 6.35 2.31
CA GLU A 26 5.62 6.28 3.04
C GLU A 26 4.96 7.66 3.03
N LEU A 27 3.78 7.74 2.42
CA LEU A 27 3.02 9.00 2.27
C LEU A 27 2.09 9.16 3.47
N THR A 28 1.93 10.40 3.94
CA THR A 28 1.03 10.72 5.06
C THR A 28 -0.32 11.22 4.53
N PRO A 29 -1.44 11.05 5.32
CA PRO A 29 -2.82 11.49 4.96
C PRO A 29 -2.92 12.92 4.35
N GLU A 30 -2.12 13.85 4.89
CA GLU A 30 -2.07 15.25 4.40
C GLU A 30 -1.66 15.31 2.92
N GLN A 31 -0.54 14.62 2.62
CA GLN A 31 0.02 14.57 1.26
C GLN A 31 -0.95 13.83 0.33
N ALA A 32 -1.46 12.68 0.79
CA ALA A 32 -2.37 11.81 0.00
C ALA A 32 -3.72 12.50 -0.30
N ALA A 33 -4.11 13.45 0.56
CA ALA A 33 -5.34 14.26 0.40
C ALA A 33 -5.13 15.36 -0.66
N ALA A 34 -3.86 15.76 -0.86
CA ALA A 34 -3.46 16.83 -1.81
C ALA A 34 -3.09 16.25 -3.18
N LEU A 35 -2.50 15.04 -3.18
CA LEU A 35 -1.89 14.44 -4.38
C LEU A 35 -2.84 13.43 -5.04
N LYS A 36 -2.66 13.24 -6.36
CA LYS A 36 -3.39 12.25 -7.17
C LYS A 36 -2.44 11.06 -7.49
N PRO A 37 -2.87 9.79 -7.22
CA PRO A 37 -2.09 8.59 -7.60
C PRO A 37 -2.26 8.25 -9.09
N TYR A 38 -1.21 7.69 -9.69
CA TYR A 38 -1.23 7.26 -11.10
C TYR A 38 -1.94 5.89 -11.22
N ASP A 39 -1.93 5.13 -10.12
CA ASP A 39 -2.49 3.76 -10.05
C ASP A 39 -2.75 3.41 -8.57
N ARG A 40 -3.36 2.22 -8.33
CA ARG A 40 -3.57 1.69 -6.97
C ARG A 40 -3.12 0.22 -6.96
N ILE A 41 -2.15 -0.14 -6.10
CA ILE A 41 -1.72 -1.55 -5.94
C ILE A 41 -2.56 -2.24 -4.86
N VAL A 42 -2.77 -3.55 -5.01
CA VAL A 42 -3.47 -4.39 -4.03
C VAL A 42 -2.65 -5.66 -3.78
N ILE A 43 -2.29 -5.88 -2.51
CA ILE A 43 -1.72 -7.17 -2.05
C ILE A 43 -2.76 -7.88 -1.16
N THR A 44 -2.47 -9.15 -0.82
CA THR A 44 -3.31 -9.95 0.07
C THR A 44 -2.46 -10.49 1.22
N GLY A 45 -2.65 -9.89 2.41
CA GLY A 45 -1.92 -10.28 3.60
C GLY A 45 -2.59 -11.45 4.31
N ARG A 46 -2.21 -12.68 3.93
CA ARG A 46 -2.82 -13.91 4.47
C ARG A 46 -2.15 -14.29 5.80
N PHE A 47 -2.77 -13.86 6.92
CA PHE A 47 -2.25 -14.06 8.29
C PHE A 47 -0.88 -13.34 8.44
N ASN A 48 -0.91 -12.07 8.87
CA ASN A 48 0.30 -11.24 9.07
C ASN A 48 -0.06 -9.96 9.83
N ALA A 49 0.97 -9.29 10.39
CA ALA A 49 0.81 -7.99 11.03
C ALA A 49 0.78 -6.87 9.97
N ILE A 50 0.27 -5.69 10.36
CA ILE A 50 0.19 -4.51 9.46
C ILE A 50 1.61 -4.03 9.07
N GLY A 51 2.59 -4.24 9.96
CA GLY A 51 3.99 -3.93 9.68
C GLY A 51 4.55 -4.71 8.47
N ASP A 52 4.16 -5.99 8.37
CA ASP A 52 4.53 -6.88 7.25
C ASP A 52 3.86 -6.40 5.94
N ALA A 53 2.57 -6.05 6.07
CA ALA A 53 1.73 -5.59 4.93
C ALA A 53 2.28 -4.31 4.31
N VAL A 54 2.57 -3.29 5.15
CA VAL A 54 3.10 -1.98 4.72
C VAL A 54 4.51 -2.13 4.11
N SER A 55 5.30 -3.07 4.66
CA SER A 55 6.64 -3.40 4.14
C SER A 55 6.54 -4.05 2.74
N ALA A 56 5.48 -4.85 2.55
CA ALA A 56 5.20 -5.52 1.27
C ALA A 56 4.67 -4.51 0.23
N VAL A 57 3.90 -3.51 0.71
CA VAL A 57 3.36 -2.43 -0.12
C VAL A 57 4.49 -1.49 -0.62
N SER A 58 5.44 -1.15 0.27
CA SER A 58 6.60 -0.28 -0.07
C SER A 58 7.52 -0.96 -1.10
N ARG A 59 7.63 -2.30 -0.99
CA ARG A 59 8.36 -3.14 -1.94
C ARG A 59 7.65 -3.11 -3.31
N ARG A 60 6.36 -3.50 -3.29
CA ARG A 60 5.51 -3.66 -4.49
C ARG A 60 5.34 -2.35 -5.27
N ALA A 61 5.18 -1.24 -4.53
CA ALA A 61 4.97 0.10 -5.08
C ALA A 61 6.22 0.58 -5.83
N ASP A 62 7.38 0.36 -5.20
CA ASP A 62 8.70 0.74 -5.77
C ASP A 62 8.98 -0.06 -7.06
N GLU A 63 8.45 -1.30 -7.13
CA GLU A 63 8.53 -2.14 -8.34
C GLU A 63 7.64 -1.57 -9.47
N GLU A 64 6.56 -0.88 -9.09
CA GLU A 64 5.68 -0.17 -10.04
C GLU A 64 6.24 1.23 -10.37
N GLY A 65 7.36 1.59 -9.74
CA GLY A 65 8.04 2.87 -9.97
C GLY A 65 7.43 4.03 -9.19
N ALA A 66 6.63 3.70 -8.16
CA ALA A 66 5.99 4.70 -7.29
C ALA A 66 7.01 5.39 -6.41
N ALA A 67 7.05 6.72 -6.49
CA ALA A 67 7.89 7.56 -5.62
C ALA A 67 7.39 7.50 -4.18
N SER A 68 6.06 7.29 -4.03
CA SER A 68 5.40 7.15 -2.74
C SER A 68 4.26 6.12 -2.84
N PHE A 69 3.91 5.52 -1.71
CA PHE A 69 2.71 4.67 -1.56
C PHE A 69 1.86 5.22 -0.42
N TYR A 70 0.59 4.84 -0.40
CA TYR A 70 -0.32 5.19 0.70
C TYR A 70 -1.37 4.09 0.86
N VAL A 71 -1.20 3.27 1.91
CA VAL A 71 -2.23 2.31 2.35
C VAL A 71 -3.48 3.11 2.74
N VAL A 72 -4.53 3.03 1.91
CA VAL A 72 -5.76 3.80 2.09
C VAL A 72 -6.79 2.99 2.87
N ASP A 73 -6.83 1.68 2.64
CA ASP A 73 -7.85 0.78 3.20
C ASP A 73 -7.31 -0.65 3.28
N THR A 74 -7.74 -1.37 4.32
CA THR A 74 -7.49 -2.81 4.51
C THR A 74 -8.84 -3.47 4.88
N SER A 75 -9.16 -4.62 4.25
CA SER A 75 -10.45 -5.32 4.43
C SER A 75 -10.22 -6.83 4.51
N GLU A 76 -10.74 -7.46 5.58
CA GLU A 76 -10.61 -8.91 5.80
C GLU A 76 -11.51 -9.69 4.82
N PHE A 77 -10.90 -10.67 4.13
CA PHE A 77 -11.60 -11.53 3.19
C PHE A 77 -12.20 -12.73 3.94
N GLY A 78 -11.37 -13.44 4.73
CA GLY A 78 -11.85 -14.53 5.59
C GLY A 78 -10.88 -15.70 5.73
N ASN A 79 -10.40 -16.21 4.57
CA ASN A 79 -9.52 -17.41 4.49
C ASN A 79 -8.23 -17.26 5.32
N SER A 80 -8.15 -17.99 6.45
CA SER A 80 -6.96 -18.04 7.33
C SER A 80 -6.63 -16.65 7.94
N GLY A 81 -7.65 -15.78 8.01
CA GLY A 81 -7.46 -14.41 8.46
C GLY A 81 -6.69 -13.56 7.46
N ASN A 82 -6.97 -13.79 6.15
CA ASN A 82 -6.40 -12.97 5.09
C ASN A 82 -7.18 -11.65 4.99
N TRP A 83 -6.46 -10.59 4.63
CA TRP A 83 -7.02 -9.25 4.48
C TRP A 83 -6.29 -8.52 3.35
N ARG A 84 -7.07 -7.99 2.40
CA ARG A 84 -6.54 -7.22 1.28
C ARG A 84 -5.99 -5.90 1.81
N VAL A 85 -4.97 -5.39 1.13
CA VAL A 85 -4.39 -4.07 1.41
C VAL A 85 -4.38 -3.31 0.09
N VAL A 86 -5.30 -2.36 -0.06
CA VAL A 86 -5.32 -1.46 -1.21
C VAL A 86 -4.55 -0.19 -0.84
N ALA A 87 -3.64 0.20 -1.73
CA ALA A 87 -2.69 1.27 -1.49
C ALA A 87 -2.48 2.05 -2.77
N ASP A 88 -2.94 3.30 -2.77
CA ASP A 88 -2.74 4.22 -3.88
C ASP A 88 -1.25 4.54 -4.00
N VAL A 89 -0.73 4.49 -5.23
CA VAL A 89 0.69 4.72 -5.50
C VAL A 89 0.88 6.00 -6.32
N TYR A 90 1.73 6.88 -5.78
CA TYR A 90 1.90 8.27 -6.23
C TYR A 90 3.30 8.48 -6.81
N LYS A 91 3.45 9.57 -7.56
CA LYS A 91 4.74 10.07 -8.03
C LYS A 91 5.10 11.35 -7.25
N ALA A 92 6.35 11.80 -7.41
CA ALA A 92 6.85 13.03 -6.76
C ALA A 92 6.67 14.25 -7.70
N HIS A 22 14.30 2.50 -3.27
CA HIS A 22 14.09 1.21 -2.60
C HIS A 22 13.04 1.38 -1.50
N ALA A 23 11.89 0.69 -1.66
CA ALA A 23 10.74 0.74 -0.74
C ALA A 23 10.19 2.17 -0.59
N ALA A 24 9.15 2.49 -1.39
CA ALA A 24 8.53 3.82 -1.45
C ALA A 24 8.07 4.33 -0.06
N THR A 25 8.30 5.63 0.18
CA THR A 25 7.94 6.29 1.44
C THR A 25 6.41 6.34 1.59
N GLU A 26 5.88 6.00 2.79
CA GLU A 26 4.45 6.16 3.04
C GLU A 26 4.13 7.66 3.10
N LEU A 27 3.31 8.10 2.15
CA LEU A 27 2.87 9.50 2.05
C LEU A 27 1.86 9.76 3.17
N THR A 28 1.98 10.92 3.83
CA THR A 28 1.11 11.30 4.94
C THR A 28 -0.31 11.64 4.44
N PRO A 29 -1.39 11.35 5.25
CA PRO A 29 -2.81 11.68 4.91
C PRO A 29 -3.01 13.12 4.37
N GLU A 30 -2.24 14.04 4.93
CA GLU A 30 -2.34 15.49 4.65
C GLU A 30 -1.81 15.83 3.24
N GLN A 31 -0.72 15.16 2.82
CA GLN A 31 -0.16 15.30 1.46
C GLN A 31 -1.06 14.58 0.44
N ALA A 32 -1.39 13.31 0.76
CA ALA A 32 -2.15 12.39 -0.11
C ALA A 32 -3.58 12.90 -0.38
N ALA A 33 -4.07 13.78 0.53
CA ALA A 33 -5.44 14.37 0.48
C ALA A 33 -5.72 15.07 -0.87
N ALA A 34 -4.83 16.00 -1.26
CA ALA A 34 -5.01 16.83 -2.47
C ALA A 34 -4.25 16.25 -3.67
N LEU A 35 -3.20 15.43 -3.43
CA LEU A 35 -2.38 14.85 -4.50
C LEU A 35 -3.11 13.66 -5.15
N LYS A 36 -3.12 13.66 -6.49
CA LYS A 36 -3.71 12.60 -7.31
C LYS A 36 -2.64 11.50 -7.54
N PRO A 37 -2.95 10.20 -7.22
CA PRO A 37 -2.10 9.05 -7.60
C PRO A 37 -2.32 8.66 -9.07
N TYR A 38 -1.42 7.83 -9.61
CA TYR A 38 -1.54 7.35 -11.01
C TYR A 38 -2.29 6.01 -11.09
N ASP A 39 -2.23 5.21 -9.99
CA ASP A 39 -2.80 3.85 -9.95
C ASP A 39 -2.91 3.35 -8.49
N ARG A 40 -3.24 2.05 -8.31
CA ARG A 40 -3.28 1.36 -7.00
C ARG A 40 -2.67 -0.05 -7.13
N ILE A 41 -1.87 -0.42 -6.11
CA ILE A 41 -1.32 -1.79 -5.97
C ILE A 41 -2.11 -2.55 -4.89
N VAL A 42 -2.30 -3.86 -5.09
CA VAL A 42 -3.04 -4.71 -4.14
C VAL A 42 -2.21 -5.98 -3.85
N ILE A 43 -1.77 -6.14 -2.60
CA ILE A 43 -1.14 -7.37 -2.10
C ILE A 43 -2.17 -8.16 -1.26
N THR A 44 -1.98 -9.48 -1.11
CA THR A 44 -2.88 -10.35 -0.32
C THR A 44 -2.06 -11.49 0.31
N GLY A 45 -2.44 -11.94 1.53
CA GLY A 45 -1.75 -13.05 2.19
C GLY A 45 -2.42 -13.53 3.48
N ARG A 46 -2.15 -14.80 3.83
CA ARG A 46 -2.63 -15.44 5.07
C ARG A 46 -1.60 -15.26 6.19
N PHE A 47 -2.08 -14.85 7.38
CA PHE A 47 -1.27 -14.65 8.60
C PHE A 47 -0.15 -13.59 8.41
N ASN A 48 -0.34 -12.69 7.43
CA ASN A 48 0.57 -11.56 7.19
C ASN A 48 0.35 -10.52 8.28
N ALA A 49 1.37 -10.25 9.08
CA ALA A 49 1.32 -9.18 10.10
C ALA A 49 1.37 -7.82 9.39
N ILE A 50 0.90 -6.76 10.09
CA ILE A 50 0.87 -5.39 9.52
C ILE A 50 2.28 -4.93 9.07
N GLY A 51 3.32 -5.37 9.81
CA GLY A 51 4.72 -5.10 9.47
C GLY A 51 5.13 -5.69 8.12
N ASP A 52 4.73 -6.97 7.89
CA ASP A 52 4.98 -7.70 6.62
C ASP A 52 4.23 -7.05 5.47
N ALA A 53 2.98 -6.63 5.75
CA ALA A 53 2.06 -6.01 4.79
C ALA A 53 2.63 -4.67 4.29
N VAL A 54 3.09 -3.82 5.24
CA VAL A 54 3.68 -2.51 4.91
C VAL A 54 5.01 -2.67 4.16
N SER A 55 5.80 -3.68 4.55
CA SER A 55 7.10 -3.98 3.90
C SER A 55 6.89 -4.40 2.43
N ALA A 56 5.86 -5.24 2.19
CA ALA A 56 5.54 -5.76 0.86
C ALA A 56 4.98 -4.64 -0.06
N VAL A 57 4.06 -3.84 0.50
CA VAL A 57 3.34 -2.80 -0.26
C VAL A 57 4.26 -1.57 -0.56
N SER A 58 5.24 -1.32 0.33
CA SER A 58 6.20 -0.21 0.17
C SER A 58 7.17 -0.51 -0.98
N ARG A 59 7.76 -1.73 -0.95
CA ARG A 59 8.70 -2.16 -2.00
C ARG A 59 7.97 -2.26 -3.35
N ARG A 60 6.75 -2.84 -3.34
CA ARG A 60 5.92 -3.00 -4.55
C ARG A 60 5.62 -1.64 -5.22
N ALA A 61 5.32 -0.62 -4.40
CA ALA A 61 5.10 0.76 -4.88
C ALA A 61 6.35 1.27 -5.63
N ASP A 62 7.52 1.05 -5.02
CA ASP A 62 8.84 1.42 -5.58
C ASP A 62 9.17 0.60 -6.84
N GLU A 63 8.67 -0.66 -6.91
CA GLU A 63 8.84 -1.54 -8.08
C GLU A 63 8.02 -1.02 -9.27
N GLU A 64 6.88 -0.37 -8.97
CA GLU A 64 6.04 0.29 -9.99
C GLU A 64 6.57 1.69 -10.34
N GLY A 65 7.69 2.09 -9.69
CA GLY A 65 8.37 3.36 -9.99
C GLY A 65 7.87 4.52 -9.14
N ALA A 66 6.96 4.22 -8.19
CA ALA A 66 6.36 5.23 -7.30
C ALA A 66 7.35 5.63 -6.19
N ALA A 67 7.44 6.94 -5.94
CA ALA A 67 8.26 7.54 -4.86
C ALA A 67 7.57 7.36 -3.49
N SER A 68 6.22 7.27 -3.53
CA SER A 68 5.37 7.18 -2.34
C SER A 68 4.14 6.30 -2.60
N PHE A 69 3.41 6.00 -1.51
CA PHE A 69 2.12 5.28 -1.57
C PHE A 69 1.23 5.74 -0.40
N TYR A 70 -0.05 5.31 -0.42
CA TYR A 70 -0.99 5.57 0.67
C TYR A 70 -2.07 4.48 0.66
N VAL A 71 -2.13 3.72 1.76
CA VAL A 71 -3.12 2.64 1.94
C VAL A 71 -4.54 3.23 2.09
N VAL A 72 -5.36 3.04 1.04
CA VAL A 72 -6.76 3.49 1.03
C VAL A 72 -7.66 2.45 1.71
N ASP A 73 -7.43 1.17 1.39
CA ASP A 73 -8.35 0.09 1.72
C ASP A 73 -7.58 -1.10 2.32
N THR A 74 -8.05 -1.54 3.49
CA THR A 74 -7.66 -2.81 4.11
C THR A 74 -8.94 -3.63 4.32
N SER A 75 -9.03 -4.78 3.66
CA SER A 75 -10.19 -5.68 3.73
C SER A 75 -9.69 -7.12 3.79
N GLU A 76 -10.56 -8.03 4.22
CA GLU A 76 -10.19 -9.42 4.54
C GLU A 76 -11.23 -10.40 4.00
N PHE A 77 -10.92 -11.69 4.15
CA PHE A 77 -11.82 -12.80 3.85
C PHE A 77 -12.83 -12.94 5.03
N GLY A 78 -13.82 -13.85 4.88
CA GLY A 78 -14.74 -14.18 5.98
C GLY A 78 -14.02 -14.68 7.24
N ASN A 79 -12.80 -15.20 7.05
CA ASN A 79 -11.90 -15.64 8.12
C ASN A 79 -10.80 -14.56 8.33
N SER A 80 -10.61 -14.14 9.59
CA SER A 80 -9.57 -13.16 9.96
C SER A 80 -8.18 -13.83 9.94
N GLY A 81 -7.20 -13.15 9.32
CA GLY A 81 -5.86 -13.67 9.13
C GLY A 81 -5.45 -13.52 7.68
N ASN A 82 -6.35 -13.92 6.77
CA ASN A 82 -6.19 -13.70 5.32
C ASN A 82 -6.83 -12.35 4.97
N TRP A 83 -6.00 -11.37 4.63
CA TRP A 83 -6.44 -10.02 4.27
C TRP A 83 -5.56 -9.43 3.16
N ARG A 84 -5.87 -8.20 2.75
CA ARG A 84 -5.26 -7.56 1.60
C ARG A 84 -5.12 -6.04 1.84
N VAL A 85 -4.12 -5.45 1.17
CA VAL A 85 -3.78 -4.02 1.29
C VAL A 85 -3.82 -3.38 -0.11
N VAL A 86 -4.82 -2.51 -0.33
CA VAL A 86 -4.90 -1.65 -1.51
C VAL A 86 -4.29 -0.28 -1.14
N ALA A 87 -3.28 0.15 -1.92
CA ALA A 87 -2.56 1.41 -1.68
C ALA A 87 -2.38 2.19 -2.99
N ASP A 88 -2.86 3.43 -3.00
CA ASP A 88 -2.63 4.40 -4.09
C ASP A 88 -1.14 4.73 -4.18
N VAL A 89 -0.61 4.77 -5.40
CA VAL A 89 0.83 4.96 -5.63
C VAL A 89 1.09 6.31 -6.30
N TYR A 90 2.16 6.98 -5.85
CA TYR A 90 2.45 8.40 -6.13
C TYR A 90 3.87 8.52 -6.70
N LYS A 91 4.02 9.29 -7.79
CA LYS A 91 5.32 9.59 -8.40
C LYS A 91 6.03 10.73 -7.64
N ALA A 92 7.26 11.03 -8.07
CA ALA A 92 8.04 12.16 -7.56
C ALA A 92 7.61 13.45 -8.30
N HIS A 22 15.57 -0.35 -1.34
CA HIS A 22 15.00 0.69 -2.23
C HIS A 22 13.48 0.46 -2.30
N ALA A 23 12.73 1.25 -1.51
CA ALA A 23 11.25 1.15 -1.40
C ALA A 23 10.61 2.54 -1.56
N ALA A 24 9.32 2.56 -1.95
CA ALA A 24 8.56 3.81 -2.15
C ALA A 24 8.29 4.50 -0.79
N THR A 25 8.35 5.84 -0.78
CA THR A 25 8.13 6.64 0.44
C THR A 25 6.66 6.53 0.89
N GLU A 26 6.43 6.13 2.14
CA GLU A 26 5.08 6.10 2.72
C GLU A 26 4.58 7.54 2.86
N LEU A 27 3.38 7.80 2.33
CA LEU A 27 2.80 9.13 2.24
C LEU A 27 1.75 9.30 3.35
N THR A 28 1.69 10.48 3.97
CA THR A 28 0.74 10.79 5.05
C THR A 28 -0.65 11.14 4.47
N PRO A 29 -1.77 10.91 5.26
CA PRO A 29 -3.18 11.15 4.82
C PRO A 29 -3.41 12.55 4.20
N GLU A 30 -2.77 13.57 4.80
CA GLU A 30 -2.87 14.97 4.37
C GLU A 30 -2.36 15.13 2.91
N GLN A 31 -1.15 14.63 2.67
CA GLN A 31 -0.49 14.74 1.36
C GLN A 31 -1.20 13.85 0.33
N ALA A 32 -1.67 12.67 0.79
CA ALA A 32 -2.36 11.68 -0.05
C ALA A 32 -3.69 12.23 -0.59
N ALA A 33 -4.40 13.01 0.24
CA ALA A 33 -5.68 13.63 -0.14
C ALA A 33 -5.47 14.80 -1.12
N ALA A 34 -4.31 15.48 -1.01
CA ALA A 34 -3.96 16.64 -1.85
C ALA A 34 -3.48 16.19 -3.24
N LEU A 35 -2.73 15.06 -3.26
CA LEU A 35 -2.17 14.48 -4.49
C LEU A 35 -3.18 13.50 -5.10
N LYS A 36 -2.96 13.15 -6.39
CA LYS A 36 -3.80 12.19 -7.13
C LYS A 36 -2.93 11.01 -7.59
N PRO A 37 -3.29 9.72 -7.25
CA PRO A 37 -2.51 8.53 -7.65
C PRO A 37 -2.68 8.21 -9.16
N TYR A 38 -1.67 7.56 -9.75
CA TYR A 38 -1.70 7.16 -11.16
C TYR A 38 -2.22 5.71 -11.31
N ASP A 39 -2.05 4.91 -10.25
CA ASP A 39 -2.45 3.50 -10.21
C ASP A 39 -2.75 3.10 -8.74
N ARG A 40 -3.36 1.92 -8.54
CA ARG A 40 -3.65 1.37 -7.21
C ARG A 40 -3.22 -0.10 -7.18
N ILE A 41 -2.39 -0.48 -6.21
CA ILE A 41 -1.93 -1.88 -6.03
C ILE A 41 -2.67 -2.52 -4.83
N VAL A 42 -2.67 -3.86 -4.82
CA VAL A 42 -3.24 -4.66 -3.72
C VAL A 42 -2.42 -5.96 -3.56
N ILE A 43 -2.17 -6.35 -2.31
CA ILE A 43 -1.52 -7.61 -1.94
C ILE A 43 -2.41 -8.37 -0.94
N THR A 44 -2.08 -9.65 -0.69
CA THR A 44 -2.74 -10.49 0.33
C THR A 44 -1.66 -11.19 1.17
N GLY A 45 -1.77 -11.09 2.49
CA GLY A 45 -0.84 -11.72 3.43
C GLY A 45 -1.57 -12.36 4.59
N ARG A 46 -1.89 -13.67 4.44
CA ARG A 46 -2.63 -14.44 5.45
C ARG A 46 -1.88 -14.50 6.79
N PHE A 47 -2.48 -13.84 7.81
CA PHE A 47 -2.01 -13.89 9.23
C PHE A 47 -0.62 -13.20 9.40
N ASN A 48 -0.18 -12.48 8.35
CA ASN A 48 1.08 -11.72 8.36
C ASN A 48 0.90 -10.41 9.14
N ALA A 49 2.01 -9.88 9.66
CA ALA A 49 2.01 -8.66 10.48
C ALA A 49 1.69 -7.42 9.62
N ILE A 50 1.12 -6.38 10.26
CA ILE A 50 0.75 -5.13 9.57
C ILE A 50 2.01 -4.44 9.00
N GLY A 51 3.10 -4.39 9.80
CA GLY A 51 4.36 -3.79 9.36
C GLY A 51 5.04 -4.55 8.23
N ASP A 52 4.89 -5.89 8.28
CA ASP A 52 5.40 -6.82 7.24
C ASP A 52 4.66 -6.60 5.91
N ALA A 53 3.34 -6.43 6.00
CA ALA A 53 2.45 -6.20 4.84
C ALA A 53 2.68 -4.82 4.23
N VAL A 54 2.92 -3.80 5.11
CA VAL A 54 3.25 -2.44 4.66
C VAL A 54 4.63 -2.41 3.98
N SER A 55 5.56 -3.25 4.45
CA SER A 55 6.90 -3.38 3.85
C SER A 55 6.82 -4.02 2.45
N ALA A 56 5.93 -5.01 2.32
CA ALA A 56 5.69 -5.74 1.06
C ALA A 56 5.02 -4.84 0.01
N VAL A 57 4.06 -4.01 0.47
CA VAL A 57 3.29 -3.11 -0.40
C VAL A 57 4.12 -1.86 -0.77
N SER A 58 5.07 -1.49 0.13
CA SER A 58 6.03 -0.38 -0.11
C SER A 58 7.03 -0.77 -1.20
N ARG A 59 7.51 -2.02 -1.11
CA ARG A 59 8.40 -2.63 -2.08
C ARG A 59 7.70 -2.74 -3.44
N ARG A 60 6.44 -3.22 -3.42
CA ARG A 60 5.61 -3.42 -4.63
C ARG A 60 5.41 -2.06 -5.33
N ALA A 61 5.09 -1.02 -4.53
CA ALA A 61 4.89 0.36 -5.02
C ALA A 61 6.15 0.86 -5.76
N ASP A 62 7.31 0.56 -5.17
CA ASP A 62 8.63 0.91 -5.74
C ASP A 62 8.88 0.17 -7.06
N GLU A 63 8.46 -1.10 -7.12
CA GLU A 63 8.56 -1.95 -8.33
C GLU A 63 7.73 -1.35 -9.47
N GLU A 64 6.58 -0.74 -9.13
CA GLU A 64 5.69 -0.09 -10.12
C GLU A 64 6.23 1.29 -10.53
N GLY A 65 7.23 1.80 -9.81
CA GLY A 65 7.90 3.07 -10.14
C GLY A 65 7.37 4.27 -9.35
N ALA A 66 6.65 3.98 -8.26
CA ALA A 66 6.03 5.01 -7.40
C ALA A 66 7.07 5.67 -6.48
N ALA A 67 7.00 7.01 -6.41
CA ALA A 67 7.81 7.80 -5.48
C ALA A 67 7.21 7.75 -4.07
N SER A 68 5.88 7.61 -4.01
CA SER A 68 5.11 7.54 -2.77
C SER A 68 3.94 6.57 -2.92
N PHE A 69 3.26 6.27 -1.81
CA PHE A 69 2.05 5.45 -1.78
C PHE A 69 1.31 5.70 -0.45
N TYR A 70 0.01 5.39 -0.41
CA TYR A 70 -0.79 5.49 0.81
C TYR A 70 -1.59 4.19 1.00
N VAL A 71 -1.35 3.51 2.14
CA VAL A 71 -2.16 2.37 2.56
C VAL A 71 -3.56 2.88 2.96
N VAL A 72 -4.49 2.80 2.00
CA VAL A 72 -5.83 3.38 2.14
C VAL A 72 -6.82 2.38 2.78
N ASP A 73 -6.63 1.08 2.48
CA ASP A 73 -7.51 0.01 2.97
C ASP A 73 -6.67 -1.15 3.51
N THR A 74 -6.98 -1.58 4.74
CA THR A 74 -6.50 -2.83 5.33
C THR A 74 -7.69 -3.52 6.01
N SER A 75 -8.20 -4.56 5.35
CA SER A 75 -9.34 -5.37 5.81
C SER A 75 -9.16 -6.81 5.31
N GLU A 76 -9.96 -7.75 5.82
CA GLU A 76 -9.88 -9.16 5.38
C GLU A 76 -10.34 -9.30 3.91
N PHE A 77 -9.77 -10.28 3.20
CA PHE A 77 -10.02 -10.55 1.77
C PHE A 77 -11.29 -11.42 1.63
N GLY A 78 -12.36 -11.01 2.33
CA GLY A 78 -13.60 -11.78 2.45
C GLY A 78 -13.46 -13.01 3.36
N ASN A 79 -12.25 -13.21 3.92
CA ASN A 79 -11.90 -14.42 4.69
C ASN A 79 -11.10 -14.00 5.93
N SER A 80 -11.62 -14.36 7.10
CA SER A 80 -10.99 -14.07 8.41
C SER A 80 -9.66 -14.83 8.53
N GLY A 81 -8.56 -14.07 8.61
CA GLY A 81 -7.21 -14.62 8.66
C GLY A 81 -6.39 -14.16 7.47
N ASN A 82 -6.93 -14.43 6.25
CA ASN A 82 -6.32 -13.97 5.00
C ASN A 82 -6.82 -12.56 4.69
N TRP A 83 -6.02 -11.56 5.07
CA TRP A 83 -6.38 -10.15 4.92
C TRP A 83 -5.54 -9.50 3.82
N ARG A 84 -6.13 -8.49 3.16
CA ARG A 84 -5.55 -7.79 2.02
C ARG A 84 -5.15 -6.34 2.41
N VAL A 85 -4.20 -5.77 1.64
CA VAL A 85 -3.72 -4.39 1.79
C VAL A 85 -3.84 -3.68 0.43
N VAL A 86 -4.79 -2.75 0.30
CA VAL A 86 -4.86 -1.86 -0.87
C VAL A 86 -4.10 -0.57 -0.56
N ALA A 87 -3.21 -0.18 -1.47
CA ALA A 87 -2.41 1.03 -1.35
C ALA A 87 -2.29 1.67 -2.74
N ASP A 88 -2.82 2.87 -2.89
CA ASP A 88 -2.73 3.61 -4.15
C ASP A 88 -1.39 4.36 -4.21
N VAL A 89 -0.80 4.42 -5.41
CA VAL A 89 0.61 4.80 -5.62
C VAL A 89 0.73 6.14 -6.37
N TYR A 90 1.74 6.94 -5.96
CA TYR A 90 1.88 8.37 -6.30
C TYR A 90 3.26 8.66 -6.90
N LYS A 91 3.37 9.86 -7.49
CA LYS A 91 4.63 10.47 -7.93
C LYS A 91 5.00 11.65 -6.99
N ALA A 92 6.27 12.07 -7.03
CA ALA A 92 6.77 13.18 -6.21
C ALA A 92 6.57 14.53 -6.94
N HIS A 22 14.72 4.03 1.30
CA HIS A 22 13.36 3.46 1.42
C HIS A 22 12.94 2.92 0.05
N ALA A 23 12.20 1.79 0.03
CA ALA A 23 11.64 1.20 -1.20
C ALA A 23 10.69 2.22 -1.86
N ALA A 24 9.64 2.57 -1.11
CA ALA A 24 8.72 3.66 -1.46
C ALA A 24 8.34 4.39 -0.18
N THR A 25 8.37 5.73 -0.23
CA THR A 25 8.01 6.59 0.90
C THR A 25 6.52 6.44 1.23
N GLU A 26 6.18 6.34 2.53
CA GLU A 26 4.78 6.40 2.96
C GLU A 26 4.27 7.82 2.74
N LEU A 27 3.18 7.94 2.00
CA LEU A 27 2.49 9.21 1.82
C LEU A 27 1.34 9.25 2.84
N THR A 28 1.53 10.06 3.89
CA THR A 28 0.56 10.25 4.99
C THR A 28 -0.80 10.72 4.42
N PRO A 29 -1.99 10.26 4.99
CA PRO A 29 -3.34 10.64 4.52
C PRO A 29 -3.51 12.15 4.23
N GLU A 30 -2.82 12.98 5.03
CA GLU A 30 -2.82 14.44 4.89
C GLU A 30 -2.20 14.89 3.54
N GLN A 31 -1.07 14.25 3.19
CA GLN A 31 -0.33 14.52 1.94
C GLN A 31 -1.10 13.93 0.73
N ALA A 32 -1.64 12.72 0.91
CA ALA A 32 -2.39 11.96 -0.11
C ALA A 32 -3.78 12.56 -0.37
N ALA A 33 -4.27 13.36 0.61
CA ALA A 33 -5.53 14.11 0.46
C ALA A 33 -5.39 15.17 -0.64
N ALA A 34 -4.17 15.75 -0.74
CA ALA A 34 -3.85 16.80 -1.72
C ALA A 34 -3.35 16.18 -3.05
N LEU A 35 -2.49 15.16 -2.94
CA LEU A 35 -1.83 14.52 -4.09
C LEU A 35 -2.71 13.40 -4.67
N LYS A 36 -2.84 13.40 -6.00
CA LYS A 36 -3.61 12.41 -6.76
C LYS A 36 -2.66 11.30 -7.30
N PRO A 37 -3.02 9.99 -7.17
CA PRO A 37 -2.21 8.86 -7.70
C PRO A 37 -2.32 8.72 -9.24
N TYR A 38 -1.37 7.97 -9.81
CA TYR A 38 -1.39 7.61 -11.25
C TYR A 38 -2.04 6.22 -11.43
N ASP A 39 -1.97 5.39 -10.37
CA ASP A 39 -2.51 4.03 -10.35
C ASP A 39 -2.80 3.62 -8.88
N ARG A 40 -3.35 2.42 -8.67
CA ARG A 40 -3.57 1.83 -7.34
C ARG A 40 -3.10 0.36 -7.37
N ILE A 41 -2.19 0.00 -6.45
CA ILE A 41 -1.70 -1.38 -6.27
C ILE A 41 -2.56 -2.15 -5.27
N VAL A 42 -2.43 -3.48 -5.31
CA VAL A 42 -3.14 -4.40 -4.41
C VAL A 42 -2.19 -5.55 -4.01
N ILE A 43 -2.27 -5.95 -2.73
CA ILE A 43 -1.55 -7.11 -2.18
C ILE A 43 -2.52 -7.88 -1.25
N THR A 44 -2.36 -9.21 -1.19
CA THR A 44 -3.17 -10.06 -0.31
C THR A 44 -2.24 -11.02 0.44
N GLY A 45 -2.46 -11.16 1.76
CA GLY A 45 -1.65 -12.02 2.61
C GLY A 45 -2.51 -12.85 3.55
N ARG A 46 -1.87 -13.75 4.30
CA ARG A 46 -2.55 -14.68 5.21
C ARG A 46 -1.63 -14.99 6.40
N PHE A 47 -2.02 -14.49 7.60
CA PHE A 47 -1.34 -14.80 8.91
C PHE A 47 -0.10 -13.90 9.12
N ASN A 48 0.21 -13.09 8.09
CA ASN A 48 1.23 -12.04 8.11
C ASN A 48 0.78 -10.86 8.99
N ALA A 49 1.75 -10.14 9.55
CA ALA A 49 1.50 -8.95 10.38
C ALA A 49 1.43 -7.67 9.52
N ILE A 50 1.04 -6.55 10.16
CA ILE A 50 0.99 -5.22 9.53
C ILE A 50 2.40 -4.80 9.01
N GLY A 51 3.48 -5.24 9.73
CA GLY A 51 4.86 -4.96 9.30
C GLY A 51 5.24 -5.64 7.98
N ASP A 52 4.68 -6.86 7.78
CA ASP A 52 4.86 -7.63 6.53
C ASP A 52 4.05 -7.00 5.39
N ALA A 53 2.87 -6.45 5.75
CA ALA A 53 1.99 -5.75 4.81
C ALA A 53 2.66 -4.45 4.30
N VAL A 54 3.30 -3.70 5.22
CA VAL A 54 3.97 -2.42 4.90
C VAL A 54 5.19 -2.64 3.98
N SER A 55 5.98 -3.68 4.26
CA SER A 55 7.17 -4.02 3.44
C SER A 55 6.75 -4.48 2.02
N ALA A 56 5.68 -5.29 1.95
CA ALA A 56 5.17 -5.83 0.69
C ALA A 56 4.56 -4.74 -0.20
N VAL A 57 3.82 -3.79 0.43
CA VAL A 57 3.11 -2.72 -0.29
C VAL A 57 4.09 -1.60 -0.71
N SER A 58 5.17 -1.42 0.07
CA SER A 58 6.23 -0.43 -0.21
C SER A 58 7.11 -0.92 -1.38
N ARG A 59 7.43 -2.23 -1.36
CA ARG A 59 8.26 -2.87 -2.37
C ARG A 59 7.49 -2.95 -3.71
N ARG A 60 6.20 -3.30 -3.62
CA ARG A 60 5.28 -3.34 -4.79
C ARG A 60 5.18 -1.96 -5.44
N ALA A 61 4.98 -0.92 -4.61
CA ALA A 61 4.93 0.49 -5.06
C ALA A 61 6.23 0.89 -5.78
N ASP A 62 7.36 0.48 -5.20
CA ASP A 62 8.72 0.71 -5.75
C ASP A 62 8.87 0.04 -7.14
N GLU A 63 8.32 -1.18 -7.27
CA GLU A 63 8.38 -1.97 -8.51
C GLU A 63 7.41 -1.43 -9.58
N GLU A 64 6.50 -0.52 -9.21
CA GLU A 64 5.63 0.19 -10.18
C GLU A 64 6.31 1.49 -10.65
N GLY A 65 7.39 1.89 -9.94
CA GLY A 65 8.10 3.15 -10.22
C GLY A 65 7.63 4.30 -9.35
N ALA A 66 6.73 4.01 -8.40
CA ALA A 66 6.12 5.00 -7.51
C ALA A 66 7.12 5.45 -6.43
N ALA A 67 7.25 6.79 -6.30
CA ALA A 67 8.07 7.43 -5.25
C ALA A 67 7.43 7.24 -3.87
N SER A 68 6.09 7.29 -3.85
CA SER A 68 5.29 7.19 -2.62
C SER A 68 4.07 6.27 -2.83
N PHE A 69 3.46 5.85 -1.72
CA PHE A 69 2.22 5.05 -1.71
C PHE A 69 1.36 5.47 -0.52
N TYR A 70 0.05 5.33 -0.62
CA TYR A 70 -0.87 5.51 0.52
C TYR A 70 -1.83 4.33 0.59
N VAL A 71 -1.79 3.57 1.69
CA VAL A 71 -2.75 2.50 1.98
C VAL A 71 -4.15 3.13 2.13
N VAL A 72 -5.01 2.92 1.12
CA VAL A 72 -6.31 3.59 1.05
C VAL A 72 -7.36 2.78 1.83
N ASP A 73 -7.14 1.45 1.90
CA ASP A 73 -8.09 0.51 2.50
C ASP A 73 -7.39 -0.80 2.92
N THR A 74 -7.62 -1.20 4.18
CA THR A 74 -7.31 -2.54 4.68
C THR A 74 -8.63 -3.25 5.01
N SER A 75 -8.92 -4.33 4.28
CA SER A 75 -10.08 -5.18 4.51
C SER A 75 -9.62 -6.64 4.58
N GLU A 76 -10.27 -7.45 5.42
CA GLU A 76 -10.00 -8.90 5.46
C GLU A 76 -10.51 -9.55 4.18
N PHE A 77 -9.89 -10.67 3.78
CA PHE A 77 -10.27 -11.42 2.58
C PHE A 77 -11.28 -12.53 2.99
N GLY A 78 -12.41 -12.09 3.61
CA GLY A 78 -13.46 -13.00 4.10
C GLY A 78 -12.98 -14.00 5.15
N ASN A 79 -11.94 -13.60 5.89
CA ASN A 79 -11.19 -14.47 6.80
C ASN A 79 -10.41 -13.59 7.79
N SER A 80 -10.41 -13.96 9.07
CA SER A 80 -9.76 -13.17 10.14
C SER A 80 -8.21 -13.19 9.99
N GLY A 81 -7.67 -14.32 9.48
CA GLY A 81 -6.23 -14.49 9.25
C GLY A 81 -5.78 -13.99 7.88
N ASN A 82 -6.58 -14.33 6.84
CA ASN A 82 -6.31 -13.92 5.44
C ASN A 82 -6.88 -12.52 5.25
N TRP A 83 -6.01 -11.53 5.03
CA TRP A 83 -6.42 -10.11 4.90
C TRP A 83 -5.71 -9.44 3.71
N ARG A 84 -6.45 -8.55 3.02
CA ARG A 84 -6.00 -7.85 1.81
C ARG A 84 -5.72 -6.37 2.13
N VAL A 85 -4.55 -5.88 1.70
CA VAL A 85 -4.15 -4.47 1.83
C VAL A 85 -4.10 -3.87 0.42
N VAL A 86 -4.81 -2.76 0.19
CA VAL A 86 -4.81 -2.05 -1.10
C VAL A 86 -4.34 -0.61 -0.89
N ALA A 87 -3.53 -0.10 -1.82
CA ALA A 87 -2.89 1.21 -1.69
C ALA A 87 -2.79 1.91 -3.05
N ASP A 88 -2.96 3.23 -3.04
CA ASP A 88 -2.65 4.07 -4.21
C ASP A 88 -1.15 4.29 -4.31
N VAL A 89 -0.66 4.60 -5.53
CA VAL A 89 0.76 4.84 -5.79
C VAL A 89 0.95 6.18 -6.51
N TYR A 90 2.03 6.90 -6.15
CA TYR A 90 2.25 8.32 -6.50
C TYR A 90 3.67 8.50 -7.06
N LYS A 91 3.82 9.36 -8.08
CA LYS A 91 5.11 9.66 -8.71
C LYS A 91 5.67 10.99 -8.18
N ALA A 92 7.01 11.06 -8.06
CA ALA A 92 7.74 12.31 -7.85
C ALA A 92 8.36 12.75 -9.21
N HIS A 22 13.05 3.05 1.71
CA HIS A 22 13.82 3.52 0.53
C HIS A 22 13.19 3.03 -0.79
N ALA A 23 12.34 1.98 -0.71
CA ALA A 23 11.66 1.41 -1.88
C ALA A 23 10.59 2.40 -2.40
N ALA A 24 9.54 2.60 -1.60
CA ALA A 24 8.51 3.62 -1.85
C ALA A 24 8.12 4.25 -0.51
N THR A 25 8.24 5.58 -0.45
CA THR A 25 7.96 6.36 0.76
C THR A 25 6.45 6.34 1.05
N GLU A 26 6.05 5.91 2.25
CA GLU A 26 4.64 6.01 2.64
C GLU A 26 4.32 7.50 2.85
N LEU A 27 3.42 7.99 2.00
CA LEU A 27 2.98 9.38 1.98
C LEU A 27 2.05 9.64 3.17
N THR A 28 2.13 10.85 3.75
CA THR A 28 1.28 11.26 4.87
C THR A 28 -0.16 11.51 4.37
N PRO A 29 -1.21 11.34 5.26
CA PRO A 29 -2.62 11.65 4.93
C PRO A 29 -2.83 13.08 4.36
N GLU A 30 -2.00 14.00 4.83
CA GLU A 30 -2.04 15.42 4.45
C GLU A 30 -1.66 15.59 2.97
N GLN A 31 -0.50 15.02 2.60
CA GLN A 31 0.03 15.08 1.23
C GLN A 31 -0.81 14.21 0.27
N ALA A 32 -1.36 13.11 0.81
CA ALA A 32 -2.21 12.16 0.06
C ALA A 32 -3.57 12.78 -0.30
N ALA A 33 -4.02 13.70 0.57
CA ALA A 33 -5.27 14.46 0.38
C ALA A 33 -5.11 15.51 -0.74
N ALA A 34 -3.88 16.05 -0.90
CA ALA A 34 -3.57 17.07 -1.91
C ALA A 34 -3.26 16.43 -3.28
N LEU A 35 -2.40 15.41 -3.27
CA LEU A 35 -1.94 14.71 -4.48
C LEU A 35 -2.97 13.68 -4.94
N LYS A 36 -2.73 13.08 -6.11
CA LYS A 36 -3.59 12.04 -6.70
C LYS A 36 -2.71 10.86 -7.19
N PRO A 37 -3.06 9.58 -6.84
CA PRO A 37 -2.31 8.40 -7.34
C PRO A 37 -2.52 8.19 -8.85
N TYR A 38 -1.52 7.60 -9.52
CA TYR A 38 -1.61 7.25 -10.94
C TYR A 38 -2.26 5.85 -11.11
N ASP A 39 -2.23 5.08 -10.01
CA ASP A 39 -2.72 3.70 -9.97
C ASP A 39 -2.95 3.30 -8.50
N ARG A 40 -3.61 2.14 -8.27
CA ARG A 40 -3.82 1.55 -6.95
C ARG A 40 -3.44 0.06 -7.00
N ILE A 41 -2.49 -0.35 -6.16
CA ILE A 41 -2.05 -1.75 -6.06
C ILE A 41 -2.78 -2.46 -4.90
N VAL A 42 -3.10 -3.74 -5.12
CA VAL A 42 -3.73 -4.60 -4.10
C VAL A 42 -2.82 -5.83 -3.85
N ILE A 43 -2.61 -6.15 -2.57
CA ILE A 43 -1.86 -7.35 -2.14
C ILE A 43 -2.73 -8.15 -1.15
N THR A 44 -2.49 -9.47 -1.07
CA THR A 44 -3.13 -10.36 -0.09
C THR A 44 -2.05 -11.03 0.76
N GLY A 45 -2.38 -11.35 2.01
CA GLY A 45 -1.45 -11.95 2.96
C GLY A 45 -2.19 -12.64 4.10
N ARG A 46 -2.01 -13.97 4.20
CA ARG A 46 -2.56 -14.78 5.28
C ARG A 46 -1.56 -14.83 6.46
N PHE A 47 -2.02 -14.34 7.64
CA PHE A 47 -1.26 -14.39 8.90
C PHE A 47 0.09 -13.65 8.77
N ASN A 48 0.04 -12.32 8.90
CA ASN A 48 1.23 -11.45 8.78
C ASN A 48 1.01 -10.17 9.59
N ALA A 49 2.12 -9.54 9.98
CA ALA A 49 2.12 -8.27 10.71
C ALA A 49 1.77 -7.12 9.76
N ILE A 50 1.21 -6.03 10.32
CA ILE A 50 0.90 -4.81 9.55
C ILE A 50 2.20 -4.23 8.93
N GLY A 51 3.29 -4.23 9.72
CA GLY A 51 4.61 -3.77 9.23
C GLY A 51 5.18 -4.64 8.10
N ASP A 52 4.84 -5.94 8.14
CA ASP A 52 5.26 -6.93 7.12
C ASP A 52 4.48 -6.71 5.81
N ALA A 53 3.20 -6.33 5.96
CA ALA A 53 2.33 -5.98 4.82
C ALA A 53 2.77 -4.65 4.17
N VAL A 54 3.18 -3.70 5.03
CA VAL A 54 3.72 -2.40 4.57
C VAL A 54 5.08 -2.61 3.85
N SER A 55 5.86 -3.60 4.32
CA SER A 55 7.13 -4.02 3.68
C SER A 55 6.86 -4.61 2.28
N ALA A 56 5.77 -5.39 2.17
CA ALA A 56 5.38 -6.04 0.90
C ALA A 56 4.89 -5.00 -0.12
N VAL A 57 4.09 -4.04 0.36
CA VAL A 57 3.40 -3.06 -0.51
C VAL A 57 4.32 -1.89 -0.89
N SER A 58 5.32 -1.57 -0.03
CA SER A 58 6.35 -0.54 -0.33
C SER A 58 7.28 -1.03 -1.44
N ARG A 59 7.66 -2.32 -1.34
CA ARG A 59 8.43 -3.02 -2.38
C ARG A 59 7.59 -3.16 -3.67
N ARG A 60 6.30 -3.52 -3.51
CA ARG A 60 5.36 -3.68 -4.65
C ARG A 60 5.18 -2.34 -5.39
N ALA A 61 5.19 -1.24 -4.63
CA ALA A 61 5.09 0.13 -5.19
C ALA A 61 6.40 0.52 -5.89
N ASP A 62 7.54 0.01 -5.37
CA ASP A 62 8.87 0.22 -6.00
C ASP A 62 8.96 -0.52 -7.34
N GLU A 63 8.30 -1.69 -7.42
CA GLU A 63 8.15 -2.47 -8.67
C GLU A 63 7.38 -1.63 -9.72
N GLU A 64 6.41 -0.85 -9.23
CA GLU A 64 5.57 0.02 -10.08
C GLU A 64 6.29 1.31 -10.48
N GLY A 65 7.41 1.61 -9.79
CA GLY A 65 8.16 2.85 -9.99
C GLY A 65 7.44 4.05 -9.40
N ALA A 66 6.84 3.82 -8.23
CA ALA A 66 6.09 4.85 -7.47
C ALA A 66 7.00 5.49 -6.43
N ALA A 67 7.07 6.84 -6.45
CA ALA A 67 7.84 7.62 -5.47
C ALA A 67 7.28 7.43 -4.06
N SER A 68 5.94 7.32 -4.00
CA SER A 68 5.20 7.20 -2.75
C SER A 68 4.06 6.18 -2.91
N PHE A 69 3.45 5.82 -1.78
CA PHE A 69 2.20 5.05 -1.71
C PHE A 69 1.44 5.48 -0.46
N TYR A 70 0.19 5.04 -0.33
CA TYR A 70 -0.62 5.31 0.85
C TYR A 70 -1.61 4.14 1.02
N VAL A 71 -1.64 3.53 2.21
CA VAL A 71 -2.60 2.47 2.52
C VAL A 71 -4.00 3.10 2.66
N VAL A 72 -4.78 3.03 1.57
CA VAL A 72 -6.09 3.68 1.45
C VAL A 72 -7.20 2.77 2.03
N ASP A 73 -6.88 1.47 2.20
CA ASP A 73 -7.83 0.47 2.71
C ASP A 73 -7.09 -0.81 3.17
N THR A 74 -7.69 -1.49 4.16
CA THR A 74 -7.31 -2.85 4.61
C THR A 74 -8.60 -3.60 4.96
N SER A 75 -8.90 -4.64 4.18
CA SER A 75 -10.08 -5.52 4.38
C SER A 75 -9.65 -6.98 4.19
N GLU A 76 -10.35 -7.92 4.85
CA GLU A 76 -10.04 -9.36 4.73
C GLU A 76 -10.29 -9.86 3.29
N PHE A 77 -9.51 -10.86 2.87
CA PHE A 77 -9.68 -11.51 1.54
C PHE A 77 -11.07 -12.19 1.44
N GLY A 78 -11.54 -12.74 2.57
CA GLY A 78 -12.82 -13.45 2.61
C GLY A 78 -12.98 -14.33 3.84
N ASN A 79 -11.90 -14.45 4.62
CA ASN A 79 -11.89 -15.21 5.90
C ASN A 79 -11.06 -14.43 6.93
N SER A 80 -11.43 -14.54 8.21
CA SER A 80 -10.67 -13.94 9.31
C SER A 80 -9.34 -14.71 9.49
N GLY A 81 -8.25 -14.08 9.05
CA GLY A 81 -6.91 -14.68 9.09
C GLY A 81 -6.13 -14.32 7.85
N ASN A 82 -6.83 -14.32 6.70
CA ASN A 82 -6.26 -13.85 5.42
C ASN A 82 -6.81 -12.44 5.14
N TRP A 83 -5.92 -11.44 5.16
CA TRP A 83 -6.31 -10.04 4.97
C TRP A 83 -5.55 -9.44 3.78
N ARG A 84 -6.11 -8.37 3.26
CA ARG A 84 -5.77 -7.80 1.97
C ARG A 84 -5.62 -6.27 2.13
N VAL A 85 -4.53 -5.73 1.60
CA VAL A 85 -4.21 -4.30 1.65
C VAL A 85 -4.42 -3.65 0.28
N VAL A 86 -5.22 -2.58 0.23
CA VAL A 86 -5.30 -1.69 -0.93
C VAL A 86 -4.47 -0.44 -0.60
N ALA A 87 -3.45 -0.17 -1.41
CA ALA A 87 -2.60 1.03 -1.25
C ALA A 87 -2.49 1.73 -2.60
N ASP A 88 -2.91 3.01 -2.62
CA ASP A 88 -2.83 3.84 -3.83
C ASP A 88 -1.44 4.48 -3.93
N VAL A 89 -0.86 4.46 -5.14
CA VAL A 89 0.57 4.77 -5.37
C VAL A 89 0.75 6.09 -6.14
N TYR A 90 1.64 6.96 -5.62
CA TYR A 90 1.85 8.33 -6.08
C TYR A 90 3.19 8.49 -6.80
N LYS A 91 3.31 9.60 -7.54
CA LYS A 91 4.57 10.07 -8.13
C LYS A 91 5.01 11.36 -7.40
N ALA A 92 6.28 11.76 -7.59
CA ALA A 92 6.85 12.97 -6.98
C ALA A 92 6.64 14.18 -7.94
N HIS A 22 14.04 1.85 -4.56
CA HIS A 22 14.41 0.93 -3.46
C HIS A 22 13.47 1.18 -2.26
N ALA A 23 12.34 0.43 -2.24
CA ALA A 23 11.25 0.57 -1.24
C ALA A 23 10.56 1.95 -1.34
N ALA A 24 9.31 1.95 -1.85
CA ALA A 24 8.50 3.18 -1.96
C ALA A 24 8.22 3.78 -0.57
N THR A 25 8.40 5.10 -0.45
CA THR A 25 8.16 5.83 0.80
C THR A 25 6.66 5.83 1.15
N GLU A 26 6.33 5.55 2.42
CA GLU A 26 4.96 5.66 2.90
C GLU A 26 4.57 7.15 2.93
N LEU A 27 3.59 7.51 2.13
CA LEU A 27 3.08 8.88 2.05
C LEU A 27 2.05 9.06 3.18
N THR A 28 2.25 10.11 4.00
CA THR A 28 1.38 10.40 5.13
C THR A 28 -0.03 10.82 4.62
N PRO A 29 -1.13 10.45 5.37
CA PRO A 29 -2.52 10.89 5.05
C PRO A 29 -2.65 12.40 4.73
N GLU A 30 -1.78 13.22 5.36
CA GLU A 30 -1.70 14.67 5.15
C GLU A 30 -1.29 14.99 3.69
N GLN A 31 -0.14 14.43 3.27
CA GLN A 31 0.40 14.65 1.91
C GLN A 31 -0.48 13.99 0.84
N ALA A 32 -1.08 12.84 1.21
CA ALA A 32 -1.98 12.06 0.34
C ALA A 32 -3.31 12.80 0.09
N ALA A 33 -3.74 13.59 1.09
CA ALA A 33 -4.96 14.43 0.99
C ALA A 33 -4.72 15.66 0.11
N ALA A 34 -3.44 16.10 0.01
CA ALA A 34 -3.05 17.27 -0.80
C ALA A 34 -2.67 16.86 -2.24
N LEU A 35 -2.22 15.60 -2.41
CA LEU A 35 -1.80 15.05 -3.71
C LEU A 35 -2.90 14.15 -4.31
N LYS A 36 -2.79 13.93 -5.63
CA LYS A 36 -3.66 13.03 -6.38
C LYS A 36 -2.81 11.82 -6.84
N PRO A 37 -3.22 10.56 -6.50
CA PRO A 37 -2.56 9.35 -7.06
C PRO A 37 -3.00 9.10 -8.50
N TYR A 38 -2.19 8.33 -9.24
CA TYR A 38 -2.45 8.02 -10.65
C TYR A 38 -3.05 6.61 -10.80
N ASP A 39 -2.55 5.66 -10.00
CA ASP A 39 -3.03 4.26 -9.97
C ASP A 39 -2.97 3.74 -8.53
N ARG A 40 -3.19 2.42 -8.37
CA ARG A 40 -3.00 1.70 -7.10
C ARG A 40 -2.59 0.24 -7.33
N ILE A 41 -2.15 -0.42 -6.24
CA ILE A 41 -1.73 -1.84 -6.26
C ILE A 41 -2.63 -2.67 -5.33
N VAL A 42 -2.78 -3.96 -5.64
CA VAL A 42 -3.65 -4.92 -4.93
C VAL A 42 -2.80 -6.09 -4.41
N ILE A 43 -2.70 -6.21 -3.07
CA ILE A 43 -2.01 -7.31 -2.38
C ILE A 43 -2.91 -7.82 -1.22
N THR A 44 -2.44 -8.86 -0.50
CA THR A 44 -3.11 -9.36 0.73
C THR A 44 -2.09 -9.40 1.89
N GLY A 45 -2.20 -8.44 2.82
CA GLY A 45 -1.36 -8.39 4.02
C GLY A 45 -1.99 -9.17 5.16
N ARG A 46 -1.17 -9.74 6.05
CA ARG A 46 -1.63 -10.71 7.07
C ARG A 46 -1.55 -10.10 8.49
N PHE A 47 -2.44 -10.57 9.39
CA PHE A 47 -2.61 -10.03 10.76
C PHE A 47 -1.43 -10.39 11.69
N ASN A 48 -0.49 -11.21 11.19
CA ASN A 48 0.75 -11.59 11.91
C ASN A 48 1.58 -10.33 12.25
N ALA A 49 1.47 -9.31 11.39
CA ALA A 49 2.06 -7.99 11.60
C ALA A 49 1.50 -6.99 10.59
N ILE A 50 1.29 -5.74 11.05
CA ILE A 50 1.00 -4.60 10.17
C ILE A 50 2.23 -4.36 9.25
N GLY A 51 3.44 -4.56 9.82
CA GLY A 51 4.70 -4.42 9.08
C GLY A 51 4.85 -5.42 7.93
N ASP A 52 4.18 -6.59 8.04
CA ASP A 52 4.12 -7.59 6.95
C ASP A 52 3.46 -6.98 5.70
N ALA A 53 2.31 -6.34 5.92
CA ALA A 53 1.53 -5.67 4.88
C ALA A 53 2.31 -4.47 4.30
N VAL A 54 2.96 -3.70 5.20
CA VAL A 54 3.73 -2.49 4.85
C VAL A 54 4.97 -2.85 4.01
N SER A 55 5.61 -3.99 4.33
CA SER A 55 6.77 -4.49 3.57
C SER A 55 6.35 -4.89 2.14
N ALA A 56 5.19 -5.55 2.04
CA ALA A 56 4.65 -6.05 0.77
C ALA A 56 4.22 -4.89 -0.16
N VAL A 57 3.57 -3.86 0.42
CA VAL A 57 3.05 -2.71 -0.34
C VAL A 57 4.19 -1.73 -0.73
N SER A 58 5.19 -1.59 0.16
CA SER A 58 6.37 -0.74 -0.10
C SER A 58 7.22 -1.33 -1.23
N ARG A 59 7.35 -2.67 -1.20
CA ARG A 59 8.07 -3.44 -2.22
C ARG A 59 7.35 -3.31 -3.58
N ARG A 60 6.05 -3.68 -3.60
CA ARG A 60 5.26 -3.78 -4.84
C ARG A 60 5.04 -2.40 -5.49
N ALA A 61 4.80 -1.35 -4.68
CA ALA A 61 4.67 0.03 -5.20
C ALA A 61 5.96 0.47 -5.90
N ASP A 62 7.10 0.11 -5.28
CA ASP A 62 8.45 0.37 -5.83
C ASP A 62 8.71 -0.46 -7.11
N GLU A 63 8.17 -1.71 -7.16
CA GLU A 63 8.26 -2.60 -8.34
C GLU A 63 7.46 -2.02 -9.52
N GLU A 64 6.35 -1.34 -9.20
CA GLU A 64 5.48 -0.67 -10.19
C GLU A 64 6.03 0.73 -10.59
N GLY A 65 7.12 1.16 -9.92
CA GLY A 65 7.79 2.42 -10.24
C GLY A 65 7.11 3.64 -9.65
N ALA A 66 6.62 3.49 -8.42
CA ALA A 66 5.96 4.56 -7.64
C ALA A 66 6.90 5.01 -6.52
N ALA A 67 7.05 6.34 -6.38
CA ALA A 67 7.92 6.96 -5.37
C ALA A 67 7.31 6.86 -3.96
N SER A 68 5.96 6.81 -3.92
CA SER A 68 5.19 6.75 -2.67
C SER A 68 3.96 5.85 -2.80
N PHE A 69 3.32 5.56 -1.66
CA PHE A 69 2.03 4.82 -1.58
C PHE A 69 1.22 5.34 -0.39
N TYR A 70 -0.07 4.95 -0.35
CA TYR A 70 -0.97 5.23 0.75
C TYR A 70 -2.15 4.25 0.70
N VAL A 71 -2.35 3.49 1.79
CA VAL A 71 -3.40 2.46 1.89
C VAL A 71 -4.78 3.13 1.93
N VAL A 72 -5.63 2.80 0.94
CA VAL A 72 -6.98 3.38 0.81
C VAL A 72 -8.01 2.47 1.49
N ASP A 73 -7.74 1.15 1.50
CA ASP A 73 -8.69 0.14 1.96
C ASP A 73 -7.97 -1.19 2.31
N THR A 74 -8.54 -1.92 3.29
CA THR A 74 -8.14 -3.29 3.65
C THR A 74 -9.43 -4.16 3.78
N SER A 75 -9.69 -5.02 2.77
CA SER A 75 -10.86 -5.93 2.76
C SER A 75 -10.42 -7.35 3.15
N GLU A 76 -10.82 -7.82 4.35
CA GLU A 76 -10.50 -9.19 4.83
C GLU A 76 -10.92 -10.26 3.77
N PHE A 77 -9.98 -11.14 3.42
CA PHE A 77 -10.14 -12.15 2.37
C PHE A 77 -10.75 -13.44 2.98
N GLY A 78 -11.18 -14.38 2.10
CA GLY A 78 -11.80 -15.63 2.53
C GLY A 78 -10.86 -16.54 3.33
N ASN A 79 -9.54 -16.38 3.15
CA ASN A 79 -8.52 -17.13 3.91
C ASN A 79 -8.33 -16.48 5.30
N SER A 80 -7.73 -17.24 6.24
CA SER A 80 -7.63 -16.84 7.64
C SER A 80 -6.59 -15.71 7.87
N GLY A 81 -7.11 -14.49 8.11
CA GLY A 81 -6.33 -13.37 8.63
C GLY A 81 -5.52 -12.61 7.60
N ASN A 82 -5.69 -12.91 6.31
CA ASN A 82 -5.10 -12.12 5.22
C ASN A 82 -6.14 -11.11 4.73
N TRP A 83 -5.89 -9.83 4.99
CA TRP A 83 -6.73 -8.72 4.58
C TRP A 83 -6.12 -8.06 3.33
N ARG A 84 -6.94 -7.97 2.27
CA ARG A 84 -6.54 -7.40 0.97
C ARG A 84 -6.21 -5.92 1.14
N VAL A 85 -4.92 -5.61 1.08
CA VAL A 85 -4.41 -4.24 1.16
C VAL A 85 -4.37 -3.67 -0.25
N VAL A 86 -5.27 -2.74 -0.55
CA VAL A 86 -5.20 -1.93 -1.77
C VAL A 86 -4.71 -0.53 -1.38
N ALA A 87 -3.67 -0.04 -2.07
CA ALA A 87 -2.98 1.20 -1.71
C ALA A 87 -2.67 2.03 -2.95
N ASP A 88 -3.21 3.26 -2.98
CA ASP A 88 -2.95 4.23 -4.04
C ASP A 88 -1.48 4.63 -4.07
N VAL A 89 -0.92 4.67 -5.28
CA VAL A 89 0.51 4.89 -5.50
C VAL A 89 0.72 6.26 -6.14
N TYR A 90 1.80 6.93 -5.73
CA TYR A 90 2.08 8.33 -6.06
C TYR A 90 3.47 8.45 -6.70
N LYS A 91 3.63 9.49 -7.54
CA LYS A 91 4.94 9.86 -8.11
C LYS A 91 5.62 10.90 -7.21
N ALA A 92 6.88 11.25 -7.53
CA ALA A 92 7.68 12.23 -6.76
C ALA A 92 7.20 13.67 -7.06
N HIS A 22 14.29 1.22 2.75
CA HIS A 22 14.23 2.45 1.94
C HIS A 22 13.78 2.12 0.51
N ALA A 23 12.46 2.07 0.32
CA ALA A 23 11.81 1.87 -0.98
C ALA A 23 10.75 2.99 -1.13
N ALA A 24 9.60 2.72 -1.80
CA ALA A 24 8.47 3.67 -1.85
C ALA A 24 7.97 3.97 -0.42
N THR A 25 8.07 5.23 -0.04
CA THR A 25 7.76 5.71 1.33
C THR A 25 6.23 5.88 1.50
N GLU A 26 5.71 5.71 2.73
CA GLU A 26 4.30 6.03 3.02
C GLU A 26 4.09 7.57 2.91
N LEU A 27 3.02 7.99 2.23
CA LEU A 27 2.72 9.40 1.98
C LEU A 27 1.76 9.90 3.08
N THR A 28 2.06 11.08 3.62
CA THR A 28 1.30 11.68 4.73
C THR A 28 -0.07 12.22 4.21
N PRO A 29 -1.18 12.13 5.04
CA PRO A 29 -2.59 12.32 4.57
C PRO A 29 -2.88 13.63 3.78
N GLU A 30 -2.25 14.76 4.19
CA GLU A 30 -2.43 16.07 3.50
C GLU A 30 -1.76 16.04 2.12
N GLN A 31 -0.56 15.43 2.04
CA GLN A 31 0.19 15.27 0.78
C GLN A 31 -0.52 14.25 -0.14
N ALA A 32 -1.14 13.24 0.46
CA ALA A 32 -1.86 12.16 -0.26
C ALA A 32 -3.22 12.64 -0.79
N ALA A 33 -3.76 13.68 -0.14
CA ALA A 33 -5.00 14.34 -0.57
C ALA A 33 -4.71 15.41 -1.65
N ALA A 34 -3.55 16.08 -1.50
CA ALA A 34 -3.11 17.15 -2.42
C ALA A 34 -2.65 16.56 -3.76
N LEU A 35 -1.93 15.44 -3.68
CA LEU A 35 -1.53 14.66 -4.85
C LEU A 35 -2.62 13.65 -5.17
N LYS A 36 -2.77 13.34 -6.45
CA LYS A 36 -3.67 12.29 -6.92
C LYS A 36 -2.84 11.05 -7.27
N PRO A 37 -3.31 9.81 -6.93
CA PRO A 37 -2.66 8.57 -7.41
C PRO A 37 -2.92 8.34 -8.92
N TYR A 38 -1.88 7.89 -9.63
CA TYR A 38 -2.00 7.50 -11.05
C TYR A 38 -2.64 6.10 -11.17
N ASP A 39 -2.59 5.35 -10.06
CA ASP A 39 -3.07 3.96 -9.96
C ASP A 39 -3.15 3.56 -8.47
N ARG A 40 -3.68 2.36 -8.19
CA ARG A 40 -3.72 1.78 -6.83
C ARG A 40 -3.31 0.31 -6.90
N ILE A 41 -2.26 -0.06 -6.15
CA ILE A 41 -1.77 -1.44 -6.08
C ILE A 41 -2.50 -2.21 -4.98
N VAL A 42 -2.61 -3.52 -5.17
CA VAL A 42 -3.29 -4.42 -4.23
C VAL A 42 -2.42 -5.67 -4.03
N ILE A 43 -2.11 -5.97 -2.76
CA ILE A 43 -1.38 -7.17 -2.34
C ILE A 43 -2.30 -8.04 -1.47
N THR A 44 -2.06 -9.36 -1.47
CA THR A 44 -2.70 -10.31 -0.54
C THR A 44 -1.65 -10.88 0.42
N GLY A 45 -2.14 -11.50 1.50
CA GLY A 45 -1.31 -12.10 2.54
C GLY A 45 -2.16 -12.95 3.47
N ARG A 46 -1.52 -13.60 4.46
CA ARG A 46 -2.23 -14.43 5.45
C ARG A 46 -1.34 -14.75 6.65
N PHE A 47 -1.95 -14.71 7.86
CA PHE A 47 -1.32 -15.18 9.11
C PHE A 47 -0.04 -14.35 9.44
N ASN A 48 -0.04 -13.09 8.99
CA ASN A 48 1.13 -12.18 9.09
C ASN A 48 0.76 -10.90 9.85
N ALA A 49 1.81 -10.14 10.20
CA ALA A 49 1.69 -8.85 10.86
C ALA A 49 1.61 -7.72 9.82
N ILE A 50 1.21 -6.52 10.28
CA ILE A 50 1.10 -5.33 9.41
C ILE A 50 2.49 -4.89 8.90
N GLY A 51 3.54 -5.13 9.71
CA GLY A 51 4.94 -4.85 9.33
C GLY A 51 5.37 -5.61 8.08
N ASP A 52 4.84 -6.83 7.91
CA ASP A 52 5.08 -7.67 6.73
C ASP A 52 4.39 -7.06 5.50
N ALA A 53 3.12 -6.66 5.66
CA ALA A 53 2.31 -6.04 4.60
C ALA A 53 2.91 -4.70 4.14
N VAL A 54 3.49 -3.93 5.08
CA VAL A 54 4.14 -2.64 4.80
C VAL A 54 5.43 -2.86 3.97
N SER A 55 6.18 -3.92 4.32
CA SER A 55 7.39 -4.33 3.57
C SER A 55 7.03 -4.75 2.13
N ALA A 56 5.87 -5.41 1.99
CA ALA A 56 5.39 -5.90 0.69
C ALA A 56 4.94 -4.74 -0.22
N VAL A 57 4.14 -3.82 0.35
CA VAL A 57 3.49 -2.73 -0.40
C VAL A 57 4.49 -1.60 -0.78
N SER A 58 5.54 -1.40 0.04
CA SER A 58 6.59 -0.39 -0.22
C SER A 58 7.45 -0.81 -1.43
N ARG A 59 7.78 -2.12 -1.49
CA ARG A 59 8.56 -2.71 -2.60
C ARG A 59 7.69 -2.80 -3.87
N ARG A 60 6.39 -3.11 -3.67
CA ARG A 60 5.41 -3.25 -4.76
C ARG A 60 5.20 -1.91 -5.49
N ALA A 61 5.08 -0.83 -4.71
CA ALA A 61 4.92 0.55 -5.22
C ALA A 61 6.21 1.04 -5.88
N ASP A 62 7.36 0.61 -5.32
CA ASP A 62 8.70 0.96 -5.83
C ASP A 62 8.91 0.39 -7.25
N GLU A 63 8.34 -0.81 -7.51
CA GLU A 63 8.35 -1.46 -8.86
C GLU A 63 7.55 -0.61 -9.86
N GLU A 64 6.44 -0.05 -9.38
CA GLU A 64 5.55 0.80 -10.18
C GLU A 64 6.15 2.21 -10.42
N GLY A 65 7.33 2.47 -9.84
CA GLY A 65 8.01 3.75 -10.00
C GLY A 65 7.34 4.86 -9.20
N ALA A 66 6.62 4.47 -8.13
CA ALA A 66 5.99 5.39 -7.21
C ALA A 66 7.01 5.87 -6.16
N ALA A 67 7.10 7.20 -6.00
CA ALA A 67 7.91 7.82 -4.94
C ALA A 67 7.32 7.49 -3.56
N SER A 68 5.98 7.38 -3.52
CA SER A 68 5.22 7.10 -2.30
C SER A 68 3.96 6.27 -2.59
N PHE A 69 3.47 5.60 -1.55
CA PHE A 69 2.16 4.91 -1.55
C PHE A 69 1.30 5.49 -0.41
N TYR A 70 0.03 5.07 -0.34
CA TYR A 70 -0.88 5.43 0.75
C TYR A 70 -2.03 4.41 0.80
N VAL A 71 -2.09 3.62 1.88
CA VAL A 71 -3.15 2.62 2.10
C VAL A 71 -4.51 3.31 2.30
N VAL A 72 -5.47 3.02 1.40
CA VAL A 72 -6.86 3.53 1.50
C VAL A 72 -7.72 2.56 2.33
N ASP A 73 -7.45 1.26 2.18
CA ASP A 73 -8.33 0.20 2.70
C ASP A 73 -7.54 -1.10 2.92
N THR A 74 -7.85 -1.81 4.02
CA THR A 74 -7.33 -3.17 4.27
C THR A 74 -8.53 -4.14 4.37
N SER A 75 -8.74 -4.93 3.31
CA SER A 75 -9.78 -5.97 3.25
C SER A 75 -9.25 -7.28 3.87
N GLU A 76 -10.13 -8.29 3.91
CA GLU A 76 -9.81 -9.63 4.42
C GLU A 76 -10.84 -10.65 3.90
N PHE A 77 -10.52 -11.94 4.09
CA PHE A 77 -11.25 -13.06 3.45
C PHE A 77 -12.61 -13.36 4.15
N GLY A 78 -12.86 -12.71 5.30
CA GLY A 78 -14.13 -12.87 6.04
C GLY A 78 -13.96 -13.73 7.28
N ASN A 79 -13.55 -13.07 8.40
CA ASN A 79 -13.21 -13.72 9.69
C ASN A 79 -12.16 -14.84 9.50
N SER A 80 -11.22 -14.60 8.58
CA SER A 80 -10.22 -15.59 8.16
C SER A 80 -8.80 -15.01 8.25
N GLY A 81 -7.79 -15.89 8.19
CA GLY A 81 -6.38 -15.50 8.31
C GLY A 81 -5.87 -14.69 7.11
N ASN A 82 -6.41 -14.99 5.93
CA ASN A 82 -6.08 -14.29 4.68
C ASN A 82 -6.65 -12.85 4.70
N TRP A 83 -5.83 -11.90 4.24
CA TRP A 83 -6.19 -10.48 4.14
C TRP A 83 -5.57 -9.86 2.88
N ARG A 84 -5.94 -8.59 2.62
CA ARG A 84 -5.70 -7.92 1.32
C ARG A 84 -5.59 -6.41 1.56
N VAL A 85 -4.43 -5.82 1.20
CA VAL A 85 -4.16 -4.38 1.38
C VAL A 85 -4.24 -3.64 0.03
N VAL A 86 -4.98 -2.52 0.01
CA VAL A 86 -5.09 -1.61 -1.16
C VAL A 86 -4.37 -0.30 -0.82
N ALA A 87 -3.43 0.13 -1.69
CA ALA A 87 -2.65 1.36 -1.50
C ALA A 87 -2.52 2.15 -2.81
N ASP A 88 -2.94 3.41 -2.74
CA ASP A 88 -2.75 4.42 -3.80
C ASP A 88 -1.26 4.67 -4.04
N VAL A 89 -0.82 4.75 -5.31
CA VAL A 89 0.60 5.00 -5.65
C VAL A 89 0.77 6.35 -6.38
N TYR A 90 1.84 7.09 -6.00
CA TYR A 90 2.08 8.49 -6.41
C TYR A 90 3.55 8.64 -6.90
N LYS A 91 3.76 9.36 -8.02
CA LYS A 91 5.11 9.76 -8.46
C LYS A 91 5.35 11.21 -8.01
N ALA A 92 6.55 11.51 -7.47
CA ALA A 92 6.91 12.88 -7.06
C ALA A 92 7.43 13.68 -8.29
N HIS A 22 14.18 -0.63 -2.41
CA HIS A 22 13.49 -1.80 -1.81
C HIS A 22 12.06 -1.44 -1.38
N ALA A 23 11.81 -0.13 -1.14
CA ALA A 23 10.51 0.37 -0.63
C ALA A 23 10.30 1.85 -1.01
N ALA A 24 9.07 2.19 -1.41
CA ALA A 24 8.65 3.58 -1.65
C ALA A 24 8.25 4.24 -0.32
N THR A 25 8.31 5.57 -0.28
CA THR A 25 8.03 6.37 0.92
C THR A 25 6.54 6.23 1.33
N GLU A 26 6.29 6.05 2.64
CA GLU A 26 4.92 6.08 3.17
C GLU A 26 4.44 7.53 3.21
N LEU A 27 3.38 7.82 2.46
CA LEU A 27 2.81 9.17 2.31
C LEU A 27 1.69 9.34 3.35
N THR A 28 1.78 10.42 4.15
CA THR A 28 0.84 10.69 5.25
C THR A 28 -0.54 11.13 4.69
N PRO A 29 -1.67 10.78 5.40
CA PRO A 29 -3.09 10.94 4.90
C PRO A 29 -3.43 12.27 4.18
N GLU A 30 -3.06 13.44 4.77
CA GLU A 30 -3.35 14.76 4.16
C GLU A 30 -2.53 14.97 2.86
N GLN A 31 -1.25 14.57 2.90
CA GLN A 31 -0.34 14.68 1.73
C GLN A 31 -0.77 13.74 0.60
N ALA A 32 -1.42 12.63 0.98
CA ALA A 32 -2.04 11.67 0.05
C ALA A 32 -3.29 12.29 -0.59
N ALA A 33 -4.09 12.98 0.23
CA ALA A 33 -5.31 13.68 -0.21
C ALA A 33 -4.98 14.96 -1.00
N ALA A 34 -3.72 15.42 -0.91
CA ALA A 34 -3.22 16.60 -1.65
C ALA A 34 -2.74 16.20 -3.06
N LEU A 35 -2.06 15.04 -3.13
CA LEU A 35 -1.45 14.55 -4.38
C LEU A 35 -2.39 13.57 -5.11
N LYS A 36 -2.22 13.47 -6.43
CA LYS A 36 -2.96 12.51 -7.26
C LYS A 36 -2.09 11.25 -7.48
N PRO A 37 -2.64 10.03 -7.19
CA PRO A 37 -1.98 8.77 -7.55
C PRO A 37 -2.11 8.47 -9.05
N TYR A 38 -1.04 7.96 -9.68
CA TYR A 38 -1.08 7.61 -11.12
C TYR A 38 -1.67 6.20 -11.32
N ASP A 39 -1.66 5.40 -10.24
CA ASP A 39 -2.12 4.00 -10.26
C ASP A 39 -2.48 3.57 -8.82
N ARG A 40 -3.01 2.35 -8.65
CA ARG A 40 -3.33 1.78 -7.33
C ARG A 40 -2.97 0.28 -7.32
N ILE A 41 -2.09 -0.10 -6.39
CA ILE A 41 -1.65 -1.50 -6.20
C ILE A 41 -2.48 -2.18 -5.10
N VAL A 42 -2.39 -3.51 -5.03
CA VAL A 42 -3.10 -4.32 -4.03
C VAL A 42 -2.31 -5.60 -3.71
N ILE A 43 -2.18 -5.91 -2.41
CA ILE A 43 -1.69 -7.21 -1.92
C ILE A 43 -2.77 -7.83 -1.01
N THR A 44 -2.73 -9.15 -0.84
CA THR A 44 -3.70 -9.91 -0.03
C THR A 44 -2.97 -11.15 0.56
N GLY A 45 -3.41 -11.62 1.74
CA GLY A 45 -2.85 -12.83 2.35
C GLY A 45 -3.04 -12.85 3.84
N ARG A 46 -3.07 -14.06 4.43
CA ARG A 46 -3.15 -14.26 5.89
C ARG A 46 -1.75 -14.51 6.48
N PHE A 47 -0.71 -14.46 5.62
CA PHE A 47 0.69 -14.62 6.03
C PHE A 47 1.38 -13.24 5.95
N ASN A 48 1.09 -12.39 6.95
CA ASN A 48 1.62 -11.01 7.06
C ASN A 48 1.30 -10.42 8.44
N ALA A 49 2.00 -9.34 8.78
CA ALA A 49 1.71 -8.49 9.96
C ALA A 49 1.40 -7.06 9.48
N ILE A 50 1.01 -6.16 10.40
CA ILE A 50 0.69 -4.75 10.03
C ILE A 50 1.93 -4.06 9.40
N GLY A 51 3.10 -4.28 10.02
CA GLY A 51 4.37 -3.71 9.55
C GLY A 51 4.85 -4.34 8.25
N ASP A 52 4.71 -5.68 8.16
CA ASP A 52 5.19 -6.48 7.00
C ASP A 52 4.29 -6.32 5.78
N ALA A 53 3.01 -5.98 6.01
CA ALA A 53 2.05 -5.68 4.93
C ALA A 53 2.40 -4.32 4.31
N VAL A 54 2.70 -3.34 5.18
CA VAL A 54 3.19 -2.02 4.74
C VAL A 54 4.57 -2.16 4.04
N SER A 55 5.38 -3.13 4.49
CA SER A 55 6.70 -3.42 3.91
C SER A 55 6.57 -4.01 2.49
N ALA A 56 5.58 -4.89 2.30
CA ALA A 56 5.34 -5.57 1.00
C ALA A 56 4.68 -4.61 -0.01
N VAL A 57 3.78 -3.75 0.49
CA VAL A 57 3.02 -2.81 -0.36
C VAL A 57 3.88 -1.57 -0.72
N SER A 58 4.84 -1.21 0.17
CA SER A 58 5.84 -0.16 -0.13
C SER A 58 6.82 -0.69 -1.18
N ARG A 59 7.22 -1.98 -1.01
CA ARG A 59 8.08 -2.69 -1.97
C ARG A 59 7.47 -2.66 -3.37
N ARG A 60 6.16 -2.99 -3.44
CA ARG A 60 5.43 -3.04 -4.72
C ARG A 60 5.38 -1.65 -5.38
N ALA A 61 5.14 -0.62 -4.56
CA ALA A 61 5.14 0.79 -5.02
C ALA A 61 6.51 1.20 -5.59
N ASP A 62 7.58 0.66 -4.98
CA ASP A 62 8.98 0.86 -5.44
C ASP A 62 9.23 0.11 -6.77
N GLU A 63 8.57 -1.04 -6.93
CA GLU A 63 8.64 -1.87 -8.17
C GLU A 63 7.75 -1.26 -9.28
N GLU A 64 6.81 -0.38 -8.87
CA GLU A 64 6.01 0.44 -9.82
C GLU A 64 6.81 1.67 -10.28
N GLY A 65 7.78 2.10 -9.44
CA GLY A 65 8.57 3.29 -9.70
C GLY A 65 8.03 4.53 -8.99
N ALA A 66 6.97 4.33 -8.17
CA ALA A 66 6.32 5.40 -7.40
C ALA A 66 7.24 5.94 -6.31
N ALA A 67 7.22 7.27 -6.12
CA ALA A 67 7.98 7.97 -5.07
C ALA A 67 7.40 7.63 -3.69
N SER A 68 6.07 7.54 -3.64
CA SER A 68 5.32 7.32 -2.41
C SER A 68 4.10 6.41 -2.65
N PHE A 69 3.41 6.06 -1.56
CA PHE A 69 2.15 5.31 -1.59
C PHE A 69 1.31 5.68 -0.36
N TYR A 70 0.01 5.36 -0.39
CA TYR A 70 -0.87 5.48 0.79
C TYR A 70 -1.90 4.36 0.76
N VAL A 71 -1.96 3.58 1.85
CA VAL A 71 -2.96 2.53 2.05
C VAL A 71 -4.35 3.17 2.26
N VAL A 72 -5.27 2.90 1.34
CA VAL A 72 -6.61 3.50 1.34
C VAL A 72 -7.60 2.61 2.11
N ASP A 73 -7.37 1.28 2.06
CA ASP A 73 -8.28 0.31 2.70
C ASP A 73 -7.50 -0.94 3.14
N THR A 74 -7.85 -1.44 4.33
CA THR A 74 -7.44 -2.74 4.86
C THR A 74 -8.70 -3.46 5.37
N SER A 75 -9.09 -4.54 4.68
CA SER A 75 -10.28 -5.34 5.04
C SER A 75 -10.00 -6.81 4.73
N GLU A 76 -10.39 -7.71 5.66
CA GLU A 76 -10.10 -9.14 5.54
C GLU A 76 -11.19 -9.89 4.76
N PHE A 77 -10.77 -11.03 4.23
CA PHE A 77 -11.59 -11.93 3.41
C PHE A 77 -11.27 -13.38 3.79
N GLY A 78 -11.85 -14.34 3.04
CA GLY A 78 -11.66 -15.78 3.28
C GLY A 78 -12.10 -16.17 4.68
N ASN A 79 -11.13 -16.23 5.61
CA ASN A 79 -11.36 -16.49 7.04
C ASN A 79 -10.03 -16.30 7.82
N SER A 80 -10.08 -15.47 8.87
CA SER A 80 -8.99 -15.32 9.86
C SER A 80 -7.68 -14.74 9.24
N GLY A 81 -7.62 -13.39 9.19
CA GLY A 81 -6.38 -12.67 8.92
C GLY A 81 -5.98 -12.50 7.47
N ASN A 82 -6.83 -12.95 6.51
CA ASN A 82 -6.59 -12.73 5.06
C ASN A 82 -6.95 -11.25 4.68
N TRP A 83 -6.23 -10.28 5.25
CA TRP A 83 -6.56 -8.85 5.10
C TRP A 83 -5.90 -8.26 3.85
N ARG A 84 -6.77 -7.94 2.88
CA ARG A 84 -6.44 -7.27 1.64
C ARG A 84 -6.00 -5.84 1.94
N VAL A 85 -4.72 -5.56 1.67
CA VAL A 85 -4.12 -4.23 1.84
C VAL A 85 -4.00 -3.59 0.46
N VAL A 86 -4.85 -2.60 0.17
CA VAL A 86 -4.84 -1.89 -1.11
C VAL A 86 -4.36 -0.46 -0.89
N ALA A 87 -3.43 -0.01 -1.75
CA ALA A 87 -2.75 1.27 -1.61
C ALA A 87 -2.63 1.97 -2.96
N ASP A 88 -2.90 3.27 -2.98
CA ASP A 88 -2.64 4.13 -4.13
C ASP A 88 -1.12 4.43 -4.22
N VAL A 89 -0.58 4.54 -5.44
CA VAL A 89 0.85 4.85 -5.65
C VAL A 89 0.99 6.22 -6.33
N TYR A 90 1.82 7.08 -5.73
CA TYR A 90 1.93 8.52 -6.09
C TYR A 90 3.27 8.77 -6.78
N LYS A 91 3.22 9.59 -7.85
CA LYS A 91 4.37 9.90 -8.71
C LYS A 91 5.10 11.13 -8.14
N ALA A 92 6.42 11.20 -8.35
CA ALA A 92 7.27 12.33 -7.90
C ALA A 92 7.00 13.60 -8.75
N HIS A 22 15.95 1.80 0.42
CA HIS A 22 14.78 2.66 0.70
C HIS A 22 13.76 2.53 -0.44
N ALA A 23 12.62 1.87 -0.15
CA ALA A 23 11.50 1.73 -1.10
C ALA A 23 10.56 2.95 -1.03
N ALA A 24 9.37 2.84 -1.65
CA ALA A 24 8.34 3.90 -1.61
C ALA A 24 7.85 4.12 -0.17
N THR A 25 7.82 5.39 0.25
CA THR A 25 7.49 5.78 1.64
C THR A 25 5.98 5.89 1.83
N GLU A 26 5.49 5.63 3.07
CA GLU A 26 4.09 5.88 3.42
C GLU A 26 3.82 7.40 3.33
N LEU A 27 2.84 7.75 2.50
CA LEU A 27 2.40 9.14 2.32
C LEU A 27 1.24 9.40 3.29
N THR A 28 1.38 10.43 4.15
CA THR A 28 0.36 10.77 5.15
C THR A 28 -0.91 11.34 4.47
N PRO A 29 -2.14 11.07 5.04
CA PRO A 29 -3.44 11.56 4.51
C PRO A 29 -3.45 13.03 4.05
N GLU A 30 -2.66 13.88 4.74
CA GLU A 30 -2.56 15.32 4.46
C GLU A 30 -1.86 15.57 3.11
N GLN A 31 -0.71 14.90 2.90
CA GLN A 31 0.09 15.01 1.68
C GLN A 31 -0.64 14.32 0.50
N ALA A 32 -1.32 13.21 0.82
CA ALA A 32 -2.06 12.38 -0.15
C ALA A 32 -3.35 13.08 -0.63
N ALA A 33 -3.87 14.01 0.19
CA ALA A 33 -5.04 14.84 -0.14
C ALA A 33 -4.70 15.82 -1.29
N ALA A 34 -3.49 16.38 -1.23
CA ALA A 34 -3.00 17.36 -2.21
C ALA A 34 -2.52 16.68 -3.50
N LEU A 35 -1.85 15.52 -3.35
CA LEU A 35 -1.29 14.76 -4.48
C LEU A 35 -2.35 13.82 -5.09
N LYS A 36 -2.00 13.25 -6.26
CA LYS A 36 -2.88 12.35 -7.02
C LYS A 36 -2.08 11.07 -7.41
N PRO A 37 -2.67 9.84 -7.24
CA PRO A 37 -2.03 8.59 -7.68
C PRO A 37 -2.18 8.37 -9.21
N TYR A 38 -1.16 7.74 -9.82
CA TYR A 38 -1.16 7.39 -11.25
C TYR A 38 -1.62 5.94 -11.46
N ASP A 39 -1.59 5.18 -10.36
CA ASP A 39 -1.88 3.73 -10.34
C ASP A 39 -2.27 3.32 -8.90
N ARG A 40 -2.68 2.06 -8.72
CA ARG A 40 -3.11 1.53 -7.41
C ARG A 40 -2.67 0.07 -7.33
N ILE A 41 -1.87 -0.29 -6.32
CA ILE A 41 -1.47 -1.69 -6.06
C ILE A 41 -2.47 -2.36 -5.11
N VAL A 42 -2.64 -3.68 -5.25
CA VAL A 42 -3.61 -4.48 -4.49
C VAL A 42 -3.04 -5.87 -4.20
N ILE A 43 -2.87 -6.21 -2.91
CA ILE A 43 -2.28 -7.50 -2.46
C ILE A 43 -3.19 -8.19 -1.44
N THR A 44 -3.07 -9.54 -1.36
CA THR A 44 -3.75 -10.39 -0.37
C THR A 44 -2.69 -11.10 0.48
N GLY A 45 -2.62 -10.72 1.75
CA GLY A 45 -1.64 -11.28 2.69
C GLY A 45 -2.24 -12.35 3.57
N ARG A 46 -1.98 -13.63 3.25
CA ARG A 46 -2.44 -14.78 4.06
C ARG A 46 -1.56 -14.93 5.31
N PHE A 47 -2.06 -14.40 6.45
CA PHE A 47 -1.43 -14.51 7.79
C PHE A 47 -0.07 -13.75 7.84
N ASN A 48 -0.13 -12.47 8.27
CA ASN A 48 1.08 -11.62 8.44
C ASN A 48 0.76 -10.38 9.28
N ALA A 49 1.82 -9.70 9.76
CA ALA A 49 1.72 -8.47 10.55
C ALA A 49 1.70 -7.24 9.63
N ILE A 50 1.37 -6.06 10.21
CA ILE A 50 1.29 -4.79 9.45
C ILE A 50 2.66 -4.43 8.83
N GLY A 51 3.75 -4.77 9.53
CA GLY A 51 5.11 -4.52 9.02
C GLY A 51 5.41 -5.27 7.72
N ASP A 52 4.89 -6.51 7.63
CA ASP A 52 5.05 -7.39 6.45
C ASP A 52 4.22 -6.85 5.26
N ALA A 53 2.97 -6.45 5.57
CA ALA A 53 2.05 -5.86 4.58
C ALA A 53 2.65 -4.58 3.97
N VAL A 54 3.06 -3.65 4.85
CA VAL A 54 3.69 -2.37 4.47
C VAL A 54 5.02 -2.59 3.71
N SER A 55 5.74 -3.66 4.06
CA SER A 55 7.00 -4.06 3.38
C SER A 55 6.71 -4.46 1.92
N ALA A 56 5.62 -5.23 1.72
CA ALA A 56 5.18 -5.66 0.38
C ALA A 56 4.65 -4.48 -0.45
N VAL A 57 3.89 -3.60 0.22
CA VAL A 57 3.26 -2.42 -0.39
C VAL A 57 4.34 -1.38 -0.81
N SER A 58 5.35 -1.18 0.04
CA SER A 58 6.44 -0.20 -0.19
C SER A 58 7.33 -0.63 -1.36
N ARG A 59 7.72 -1.92 -1.33
CA ARG A 59 8.57 -2.52 -2.37
C ARG A 59 7.86 -2.47 -3.72
N ARG A 60 6.60 -2.94 -3.74
CA ARG A 60 5.80 -3.05 -4.98
C ARG A 60 5.53 -1.67 -5.58
N ALA A 61 5.18 -0.69 -4.72
CA ALA A 61 4.94 0.71 -5.15
C ALA A 61 6.19 1.27 -5.86
N ASP A 62 7.36 1.01 -5.24
CA ASP A 62 8.68 1.41 -5.77
C ASP A 62 8.98 0.67 -7.11
N GLU A 63 8.51 -0.59 -7.21
CA GLU A 63 8.65 -1.42 -8.44
C GLU A 63 7.81 -0.86 -9.60
N GLU A 64 6.68 -0.21 -9.28
CA GLU A 64 5.80 0.45 -10.28
C GLU A 64 6.42 1.79 -10.74
N GLY A 65 7.39 2.30 -9.97
CA GLY A 65 8.06 3.56 -10.26
C GLY A 65 7.52 4.72 -9.42
N ALA A 66 6.88 4.39 -8.28
CA ALA A 66 6.30 5.37 -7.35
C ALA A 66 7.32 5.77 -6.27
N ALA A 67 7.16 7.01 -5.78
CA ALA A 67 7.96 7.60 -4.71
C ALA A 67 7.34 7.29 -3.34
N SER A 68 6.01 7.14 -3.32
CA SER A 68 5.22 6.90 -2.11
C SER A 68 3.99 6.02 -2.42
N PHE A 69 3.38 5.50 -1.35
CA PHE A 69 2.09 4.78 -1.41
C PHE A 69 1.12 5.40 -0.40
N TYR A 70 -0.11 4.86 -0.36
CA TYR A 70 -1.15 5.31 0.57
C TYR A 70 -2.20 4.21 0.72
N VAL A 71 -2.08 3.43 1.82
CA VAL A 71 -3.04 2.35 2.14
C VAL A 71 -4.43 2.97 2.38
N VAL A 72 -5.28 2.86 1.37
CA VAL A 72 -6.57 3.56 1.31
C VAL A 72 -7.67 2.72 1.96
N ASP A 73 -7.54 1.39 1.80
CA ASP A 73 -8.50 0.42 2.30
C ASP A 73 -7.78 -0.88 2.65
N THR A 74 -8.29 -1.55 3.69
CA THR A 74 -7.85 -2.87 4.08
C THR A 74 -9.08 -3.66 4.57
N SER A 75 -9.37 -4.77 3.87
CA SER A 75 -10.54 -5.63 4.16
C SER A 75 -10.09 -7.09 4.24
N GLU A 76 -10.39 -7.75 5.37
CA GLU A 76 -9.96 -9.13 5.64
C GLU A 76 -11.08 -10.13 5.27
N PHE A 77 -10.66 -11.39 5.02
CA PHE A 77 -11.56 -12.50 4.69
C PHE A 77 -12.48 -12.84 5.89
N GLY A 78 -11.97 -12.60 7.12
CA GLY A 78 -12.75 -12.76 8.36
C GLY A 78 -12.70 -14.19 8.88
N ASN A 79 -13.10 -15.14 8.00
CA ASN A 79 -13.03 -16.59 8.27
C ASN A 79 -11.56 -17.08 8.29
N SER A 80 -10.62 -16.22 7.80
CA SER A 80 -9.18 -16.52 7.78
C SER A 80 -8.37 -15.23 7.99
N GLY A 81 -7.05 -15.40 8.24
CA GLY A 81 -6.11 -14.28 8.42
C GLY A 81 -5.62 -13.68 7.12
N ASN A 82 -6.27 -14.03 5.99
CA ASN A 82 -6.02 -13.42 4.69
C ASN A 82 -6.64 -12.03 4.65
N TRP A 83 -5.81 -10.99 4.81
CA TRP A 83 -6.26 -9.59 4.81
C TRP A 83 -5.71 -8.85 3.59
N ARG A 84 -6.63 -8.28 2.80
CA ARG A 84 -6.34 -7.61 1.54
C ARG A 84 -6.00 -6.14 1.82
N VAL A 85 -4.75 -5.77 1.50
CA VAL A 85 -4.26 -4.39 1.62
C VAL A 85 -4.18 -3.77 0.22
N VAL A 86 -5.02 -2.74 -0.03
CA VAL A 86 -4.97 -1.96 -1.30
C VAL A 86 -4.45 -0.55 -0.99
N ALA A 87 -3.57 -0.06 -1.86
CA ALA A 87 -2.87 1.22 -1.66
C ALA A 87 -2.69 1.96 -2.99
N ASP A 88 -3.11 3.23 -3.03
CA ASP A 88 -2.84 4.13 -4.17
C ASP A 88 -1.36 4.54 -4.16
N VAL A 89 -0.71 4.54 -5.34
CA VAL A 89 0.75 4.81 -5.47
C VAL A 89 0.99 6.14 -6.23
N TYR A 90 1.88 6.97 -5.67
CA TYR A 90 2.15 8.34 -6.11
C TYR A 90 3.63 8.43 -6.52
N LYS A 91 3.93 8.76 -7.79
CA LYS A 91 5.32 8.96 -8.25
C LYS A 91 5.77 10.40 -7.95
N ALA A 92 7.07 10.67 -8.11
CA ALA A 92 7.63 12.02 -7.97
C ALA A 92 7.47 12.77 -9.32
N HIS A 22 14.09 0.03 -3.71
CA HIS A 22 14.40 0.17 -2.27
C HIS A 22 13.13 -0.12 -1.43
N ALA A 23 12.23 0.87 -1.40
CA ALA A 23 10.96 0.86 -0.64
C ALA A 23 10.29 2.22 -0.85
N ALA A 24 9.13 2.24 -1.52
CA ALA A 24 8.39 3.48 -1.81
C ALA A 24 7.99 4.18 -0.51
N THR A 25 8.13 5.51 -0.51
CA THR A 25 7.89 6.37 0.65
C THR A 25 6.42 6.28 1.11
N GLU A 26 6.23 5.93 2.40
CA GLU A 26 4.92 5.96 3.04
C GLU A 26 4.45 7.42 3.12
N LEU A 27 3.36 7.71 2.43
CA LEU A 27 2.83 9.06 2.29
C LEU A 27 1.58 9.18 3.18
N THR A 28 1.62 10.15 4.11
CA THR A 28 0.53 10.39 5.07
C THR A 28 -0.75 10.88 4.35
N PRO A 29 -1.98 10.62 4.90
CA PRO A 29 -3.27 11.08 4.30
C PRO A 29 -3.29 12.58 3.98
N GLU A 30 -2.55 13.35 4.81
CA GLU A 30 -2.41 14.81 4.67
C GLU A 30 -1.69 15.16 3.34
N GLN A 31 -0.52 14.55 3.13
CA GLN A 31 0.34 14.79 1.96
C GLN A 31 -0.22 14.08 0.70
N ALA A 32 -0.98 13.01 0.94
CA ALA A 32 -1.63 12.20 -0.10
C ALA A 32 -2.81 12.97 -0.71
N ALA A 33 -3.53 13.71 0.15
CA ALA A 33 -4.62 14.61 -0.25
C ALA A 33 -4.07 15.81 -1.03
N ALA A 34 -2.83 16.21 -0.69
CA ALA A 34 -2.13 17.34 -1.34
C ALA A 34 -1.55 16.95 -2.72
N LEU A 35 -1.62 15.64 -3.06
CA LEU A 35 -1.18 15.12 -4.38
C LEU A 35 -2.33 14.34 -5.06
N LYS A 36 -2.18 14.11 -6.37
CA LYS A 36 -3.11 13.29 -7.17
C LYS A 36 -2.41 11.99 -7.60
N PRO A 37 -2.89 10.79 -7.16
CA PRO A 37 -2.31 9.49 -7.57
C PRO A 37 -2.67 9.14 -9.03
N TYR A 38 -1.78 8.37 -9.69
CA TYR A 38 -1.96 7.98 -11.11
C TYR A 38 -2.58 6.57 -11.24
N ASP A 39 -2.30 5.72 -10.23
CA ASP A 39 -2.84 4.33 -10.15
C ASP A 39 -3.05 3.91 -8.69
N ARG A 40 -3.56 2.68 -8.52
CA ARG A 40 -3.65 1.98 -7.22
C ARG A 40 -3.10 0.56 -7.36
N ILE A 41 -2.47 0.04 -6.30
CA ILE A 41 -2.01 -1.36 -6.24
C ILE A 41 -2.75 -2.06 -5.07
N VAL A 42 -3.10 -3.35 -5.26
CA VAL A 42 -3.74 -4.16 -4.22
C VAL A 42 -2.91 -5.42 -3.99
N ILE A 43 -2.43 -5.60 -2.76
CA ILE A 43 -1.79 -6.86 -2.32
C ILE A 43 -2.83 -7.71 -1.56
N THR A 44 -2.58 -9.02 -1.44
CA THR A 44 -3.41 -9.96 -0.67
C THR A 44 -2.48 -11.06 -0.12
N GLY A 45 -2.51 -11.29 1.21
CA GLY A 45 -1.63 -12.28 1.83
C GLY A 45 -2.20 -12.85 3.12
N ARG A 46 -1.78 -14.08 3.45
CA ARG A 46 -2.24 -14.82 4.64
C ARG A 46 -1.37 -14.45 5.85
N PHE A 47 -2.04 -14.21 6.99
CA PHE A 47 -1.42 -14.04 8.31
C PHE A 47 -0.53 -12.75 8.37
N ASN A 48 -0.82 -11.76 7.51
CA ASN A 48 -0.07 -10.49 7.48
C ASN A 48 -0.38 -9.67 8.74
N ALA A 49 0.66 -9.09 9.35
CA ALA A 49 0.50 -8.05 10.37
C ALA A 49 0.30 -6.70 9.68
N ILE A 50 -0.05 -5.64 10.44
CA ILE A 50 -0.23 -4.30 9.86
C ILE A 50 1.09 -3.80 9.24
N GLY A 51 2.19 -3.88 10.02
CA GLY A 51 3.52 -3.45 9.56
C GLY A 51 4.12 -4.37 8.50
N ASP A 52 3.74 -5.66 8.57
CA ASP A 52 4.14 -6.68 7.59
C ASP A 52 3.47 -6.42 6.22
N ALA A 53 2.22 -5.94 6.27
CA ALA A 53 1.44 -5.56 5.08
C ALA A 53 1.96 -4.23 4.50
N VAL A 54 2.40 -3.32 5.40
CA VAL A 54 3.01 -2.04 5.00
C VAL A 54 4.36 -2.28 4.30
N SER A 55 5.14 -3.25 4.82
CA SER A 55 6.43 -3.65 4.23
C SER A 55 6.23 -4.27 2.84
N ALA A 56 5.12 -5.02 2.70
CA ALA A 56 4.75 -5.68 1.44
C ALA A 56 4.37 -4.65 0.37
N VAL A 57 3.50 -3.69 0.75
CA VAL A 57 2.93 -2.70 -0.18
C VAL A 57 3.93 -1.57 -0.52
N SER A 58 4.86 -1.28 0.42
CA SER A 58 5.92 -0.26 0.20
C SER A 58 6.93 -0.75 -0.84
N ARG A 59 7.39 -2.01 -0.66
CA ARG A 59 8.29 -2.66 -1.61
C ARG A 59 7.58 -2.84 -2.96
N ARG A 60 6.32 -3.34 -2.91
CA ARG A 60 5.49 -3.60 -4.10
C ARG A 60 5.36 -2.34 -4.97
N ALA A 61 5.02 -1.21 -4.34
CA ALA A 61 4.89 0.10 -5.01
C ALA A 61 6.21 0.48 -5.72
N ASP A 62 7.33 0.26 -5.01
CA ASP A 62 8.69 0.55 -5.52
C ASP A 62 9.03 -0.35 -6.72
N GLU A 63 8.53 -1.61 -6.70
CA GLU A 63 8.72 -2.58 -7.80
C GLU A 63 7.90 -2.16 -9.04
N GLU A 64 6.76 -1.48 -8.81
CA GLU A 64 5.92 -0.92 -9.89
C GLU A 64 6.54 0.39 -10.45
N GLY A 65 7.58 0.91 -9.76
CA GLY A 65 8.26 2.14 -10.15
C GLY A 65 7.68 3.39 -9.50
N ALA A 66 6.79 3.19 -8.52
CA ALA A 66 6.14 4.27 -7.76
C ALA A 66 7.10 4.85 -6.71
N ALA A 67 7.02 6.16 -6.52
CA ALA A 67 7.88 6.92 -5.59
C ALA A 67 7.30 6.93 -4.18
N SER A 68 5.95 7.02 -4.10
CA SER A 68 5.20 7.05 -2.83
C SER A 68 3.92 6.22 -2.94
N PHE A 69 3.24 6.00 -1.79
CA PHE A 69 1.95 5.29 -1.74
C PHE A 69 1.15 5.75 -0.50
N TYR A 70 -0.16 5.47 -0.49
CA TYR A 70 -1.04 5.72 0.66
C TYR A 70 -2.14 4.64 0.71
N VAL A 71 -2.16 3.85 1.79
CA VAL A 71 -3.19 2.83 2.04
C VAL A 71 -4.54 3.48 2.33
N VAL A 72 -5.51 3.29 1.42
CA VAL A 72 -6.85 3.88 1.54
C VAL A 72 -7.83 2.90 2.21
N ASP A 73 -7.55 1.58 2.09
CA ASP A 73 -8.45 0.54 2.58
C ASP A 73 -7.70 -0.78 2.82
N THR A 74 -8.16 -1.50 3.86
CA THR A 74 -7.73 -2.86 4.21
C THR A 74 -8.98 -3.70 4.52
N SER A 75 -9.37 -4.62 3.62
CA SER A 75 -10.55 -5.50 3.83
C SER A 75 -10.09 -6.91 4.18
N GLU A 76 -10.65 -7.47 5.26
CA GLU A 76 -10.29 -8.80 5.75
C GLU A 76 -11.14 -9.90 5.09
N PHE A 77 -10.51 -11.08 4.89
CA PHE A 77 -11.15 -12.27 4.32
C PHE A 77 -11.44 -13.28 5.46
N GLY A 78 -10.55 -13.30 6.47
CA GLY A 78 -10.75 -14.09 7.68
C GLY A 78 -9.89 -15.35 7.74
N ASN A 79 -10.15 -16.27 6.79
CA ASN A 79 -9.47 -17.60 6.71
C ASN A 79 -7.94 -17.43 6.62
N SER A 80 -7.19 -18.13 7.51
CA SER A 80 -5.70 -18.12 7.55
C SER A 80 -5.13 -16.74 7.93
N GLY A 81 -6.01 -15.87 8.50
CA GLY A 81 -5.67 -14.46 8.78
C GLY A 81 -5.39 -13.67 7.51
N ASN A 82 -6.02 -14.09 6.39
CA ASN A 82 -5.81 -13.49 5.05
C ASN A 82 -6.65 -12.21 4.92
N TRP A 83 -6.05 -11.20 4.25
CA TRP A 83 -6.67 -9.89 4.01
C TRP A 83 -5.93 -9.17 2.88
N ARG A 84 -6.63 -8.21 2.26
CA ARG A 84 -6.12 -7.41 1.15
C ARG A 84 -5.88 -5.98 1.62
N VAL A 85 -4.93 -5.30 0.94
CA VAL A 85 -4.51 -3.92 1.25
C VAL A 85 -4.38 -3.15 -0.07
N VAL A 86 -5.26 -2.17 -0.32
CA VAL A 86 -5.16 -1.28 -1.48
C VAL A 86 -4.51 0.06 -1.06
N ALA A 87 -3.57 0.52 -1.88
CA ALA A 87 -2.83 1.76 -1.67
C ALA A 87 -2.63 2.46 -3.01
N ASP A 88 -3.04 3.73 -3.11
CA ASP A 88 -2.80 4.53 -4.32
C ASP A 88 -1.35 5.00 -4.34
N VAL A 89 -0.77 5.07 -5.55
CA VAL A 89 0.67 5.29 -5.77
C VAL A 89 0.90 6.64 -6.44
N TYR A 90 1.98 7.32 -6.02
CA TYR A 90 2.26 8.73 -6.35
C TYR A 90 3.65 8.88 -6.99
N LYS A 91 3.83 10.01 -7.66
CA LYS A 91 5.09 10.43 -8.29
C LYS A 91 5.91 11.30 -7.30
N ALA A 92 7.20 11.47 -7.61
CA ALA A 92 8.09 12.37 -6.85
C ALA A 92 8.32 13.65 -7.70
N HIS A 22 14.26 1.29 -3.74
CA HIS A 22 14.32 -0.04 -3.08
C HIS A 22 13.18 -0.20 -2.05
N ALA A 23 12.55 0.93 -1.68
CA ALA A 23 11.39 0.98 -0.78
C ALA A 23 10.69 2.33 -0.93
N ALA A 24 9.43 2.31 -1.37
CA ALA A 24 8.60 3.51 -1.54
C ALA A 24 8.19 4.08 -0.17
N THR A 25 8.27 5.42 -0.03
CA THR A 25 7.91 6.13 1.20
C THR A 25 6.38 6.05 1.45
N GLU A 26 5.95 5.86 2.71
CA GLU A 26 4.52 5.95 3.05
C GLU A 26 4.14 7.44 3.15
N LEU A 27 3.07 7.82 2.46
CA LEU A 27 2.62 9.21 2.34
C LEU A 27 1.64 9.49 3.49
N THR A 28 1.73 10.69 4.07
CA THR A 28 0.85 11.10 5.18
C THR A 28 -0.60 11.28 4.65
N PRO A 29 -1.66 11.00 5.47
CA PRO A 29 -3.08 11.19 5.05
C PRO A 29 -3.42 12.66 4.66
N GLU A 30 -2.50 13.60 4.95
CA GLU A 30 -2.64 15.02 4.57
C GLU A 30 -2.19 15.22 3.12
N GLN A 31 -0.97 14.76 2.82
CA GLN A 31 -0.40 14.85 1.46
C GLN A 31 -1.25 14.03 0.47
N ALA A 32 -1.61 12.81 0.89
CA ALA A 32 -2.40 11.86 0.08
C ALA A 32 -3.81 12.41 -0.23
N ALA A 33 -4.40 13.11 0.74
CA ALA A 33 -5.72 13.76 0.59
C ALA A 33 -5.68 14.94 -0.40
N ALA A 34 -4.46 15.48 -0.64
CA ALA A 34 -4.24 16.64 -1.54
C ALA A 34 -3.70 16.21 -2.92
N LEU A 35 -2.96 15.09 -2.96
CA LEU A 35 -2.26 14.62 -4.17
C LEU A 35 -3.07 13.54 -4.90
N LYS A 36 -2.89 13.49 -6.22
CA LYS A 36 -3.48 12.47 -7.09
C LYS A 36 -2.46 11.32 -7.32
N PRO A 37 -2.85 10.03 -7.07
CA PRO A 37 -2.02 8.85 -7.43
C PRO A 37 -2.10 8.55 -8.94
N TYR A 38 -1.08 7.86 -9.48
CA TYR A 38 -1.08 7.45 -10.90
C TYR A 38 -1.73 6.07 -11.08
N ASP A 39 -1.56 5.21 -10.05
CA ASP A 39 -2.16 3.86 -10.01
C ASP A 39 -2.53 3.49 -8.57
N ARG A 40 -2.99 2.25 -8.40
CA ARG A 40 -3.34 1.67 -7.09
C ARG A 40 -3.06 0.17 -7.14
N ILE A 41 -2.32 -0.34 -6.14
CA ILE A 41 -1.98 -1.77 -6.03
C ILE A 41 -2.73 -2.43 -4.85
N VAL A 42 -3.05 -3.72 -5.01
CA VAL A 42 -3.69 -4.55 -3.97
C VAL A 42 -2.82 -5.79 -3.74
N ILE A 43 -2.37 -5.98 -2.48
CA ILE A 43 -1.52 -7.13 -2.07
C ILE A 43 -2.30 -8.01 -1.09
N THR A 44 -1.96 -9.30 -1.00
CA THR A 44 -2.57 -10.25 -0.04
C THR A 44 -1.52 -10.70 1.00
N GLY A 45 -1.98 -11.08 2.22
CA GLY A 45 -1.08 -11.54 3.27
C GLY A 45 -1.80 -12.34 4.35
N ARG A 46 -1.77 -13.68 4.25
CA ARG A 46 -2.39 -14.59 5.24
C ARG A 46 -1.32 -15.07 6.25
N PHE A 47 -0.55 -14.10 6.73
CA PHE A 47 0.60 -14.28 7.64
C PHE A 47 1.15 -12.89 7.99
N ASN A 48 1.20 -12.03 6.95
CA ASN A 48 1.65 -10.62 7.08
C ASN A 48 0.84 -9.85 8.14
N ALA A 49 1.56 -9.22 9.07
CA ALA A 49 0.99 -8.24 10.01
C ALA A 49 0.94 -6.86 9.33
N ILE A 50 0.53 -5.81 10.07
CA ILE A 50 0.42 -4.44 9.50
C ILE A 50 1.81 -3.92 9.05
N GLY A 51 2.86 -4.31 9.81
CA GLY A 51 4.24 -3.96 9.48
C GLY A 51 4.73 -4.65 8.21
N ASP A 52 4.45 -5.98 8.12
CA ASP A 52 4.83 -6.82 6.95
C ASP A 52 4.05 -6.40 5.70
N ALA A 53 2.82 -5.92 5.92
CA ALA A 53 1.92 -5.44 4.86
C ALA A 53 2.44 -4.12 4.29
N VAL A 54 2.84 -3.20 5.20
CA VAL A 54 3.47 -1.93 4.83
C VAL A 54 4.83 -2.16 4.15
N SER A 55 5.54 -3.23 4.56
CA SER A 55 6.82 -3.62 3.95
C SER A 55 6.61 -4.16 2.52
N ALA A 56 5.56 -4.99 2.35
CA ALA A 56 5.24 -5.64 1.07
C ALA A 56 4.74 -4.62 0.04
N VAL A 57 3.94 -3.64 0.51
CA VAL A 57 3.38 -2.58 -0.36
C VAL A 57 4.43 -1.48 -0.60
N SER A 58 5.37 -1.29 0.35
CA SER A 58 6.51 -0.36 0.17
C SER A 58 7.39 -0.86 -0.98
N ARG A 59 7.70 -2.17 -0.93
CA ARG A 59 8.52 -2.82 -1.94
C ARG A 59 7.81 -2.79 -3.30
N ARG A 60 6.58 -3.34 -3.33
CA ARG A 60 5.77 -3.47 -4.56
C ARG A 60 5.56 -2.10 -5.24
N ALA A 61 5.18 -1.07 -4.46
CA ALA A 61 4.99 0.30 -4.98
C ALA A 61 6.27 0.81 -5.66
N ASP A 62 7.41 0.57 -5.01
CA ASP A 62 8.74 0.97 -5.52
C ASP A 62 9.03 0.25 -6.85
N GLU A 63 8.63 -1.05 -6.93
CA GLU A 63 8.83 -1.87 -8.15
C GLU A 63 7.88 -1.40 -9.29
N GLU A 64 6.75 -0.78 -8.91
CA GLU A 64 5.80 -0.17 -9.88
C GLU A 64 6.33 1.19 -10.39
N GLY A 65 7.39 1.69 -9.74
CA GLY A 65 8.01 2.98 -10.08
C GLY A 65 7.36 4.15 -9.35
N ALA A 66 6.84 3.88 -8.15
CA ALA A 66 6.22 4.88 -7.28
C ALA A 66 7.22 5.38 -6.25
N ALA A 67 7.28 6.71 -6.12
CA ALA A 67 8.09 7.39 -5.09
C ALA A 67 7.48 7.12 -3.71
N SER A 68 6.15 7.11 -3.68
CA SER A 68 5.38 7.02 -2.45
C SER A 68 4.16 6.10 -2.67
N PHE A 69 3.47 5.80 -1.57
CA PHE A 69 2.19 5.07 -1.57
C PHE A 69 1.35 5.57 -0.39
N TYR A 70 0.09 5.15 -0.33
CA TYR A 70 -0.81 5.43 0.79
C TYR A 70 -1.84 4.32 0.88
N VAL A 71 -1.84 3.62 2.01
CA VAL A 71 -2.83 2.58 2.31
C VAL A 71 -4.21 3.24 2.49
N VAL A 72 -5.05 3.11 1.45
CA VAL A 72 -6.42 3.68 1.45
C VAL A 72 -7.37 2.76 2.21
N ASP A 73 -7.08 1.44 2.16
CA ASP A 73 -7.98 0.42 2.69
C ASP A 73 -7.21 -0.84 3.12
N THR A 74 -7.75 -1.51 4.16
CA THR A 74 -7.28 -2.80 4.68
C THR A 74 -8.53 -3.60 5.08
N SER A 75 -8.81 -4.71 4.37
CA SER A 75 -10.01 -5.53 4.62
C SER A 75 -9.70 -7.02 4.44
N GLU A 76 -10.40 -7.84 5.25
CA GLU A 76 -10.36 -9.32 5.17
C GLU A 76 -10.86 -9.81 3.81
N PHE A 77 -10.14 -10.78 3.23
CA PHE A 77 -10.45 -11.33 1.89
C PHE A 77 -11.31 -12.61 2.03
N GLY A 78 -12.09 -12.69 3.12
CA GLY A 78 -12.90 -13.88 3.43
C GLY A 78 -13.00 -14.16 4.91
N ASN A 79 -12.39 -13.28 5.74
CA ASN A 79 -12.43 -13.33 7.21
C ASN A 79 -11.80 -14.64 7.73
N SER A 80 -10.46 -14.66 7.82
CA SER A 80 -9.69 -15.85 8.27
C SER A 80 -8.21 -15.48 8.53
N GLY A 81 -7.95 -14.19 8.76
CA GLY A 81 -6.57 -13.67 8.85
C GLY A 81 -5.90 -13.63 7.47
N ASN A 82 -6.73 -13.59 6.41
CA ASN A 82 -6.30 -13.58 5.00
C ASN A 82 -6.46 -12.19 4.40
N TRP A 83 -6.40 -11.18 5.29
CA TRP A 83 -6.67 -9.78 4.96
C TRP A 83 -5.69 -9.24 3.90
N ARG A 84 -6.26 -8.56 2.91
CA ARG A 84 -5.52 -7.89 1.84
C ARG A 84 -5.50 -6.38 2.06
N VAL A 85 -4.48 -5.73 1.51
CA VAL A 85 -4.24 -4.29 1.64
C VAL A 85 -4.36 -3.61 0.28
N VAL A 86 -5.25 -2.62 0.20
CA VAL A 86 -5.43 -1.77 -0.97
C VAL A 86 -4.72 -0.43 -0.69
N ALA A 87 -3.79 -0.03 -1.58
CA ALA A 87 -2.98 1.18 -1.40
C ALA A 87 -2.72 1.88 -2.73
N ASP A 88 -3.04 3.18 -2.80
CA ASP A 88 -2.75 4.04 -3.96
C ASP A 88 -1.26 4.36 -4.02
N VAL A 89 -0.68 4.42 -5.23
CA VAL A 89 0.75 4.68 -5.42
C VAL A 89 0.98 6.01 -6.16
N TYR A 90 1.94 6.81 -5.65
CA TYR A 90 2.19 8.20 -6.06
C TYR A 90 3.58 8.32 -6.74
N LYS A 91 3.59 8.95 -7.93
CA LYS A 91 4.80 9.19 -8.72
C LYS A 91 5.33 10.61 -8.43
N ALA A 92 6.65 10.74 -8.29
CA ALA A 92 7.32 12.04 -8.08
C ALA A 92 7.56 12.71 -9.45
N HIS A 22 16.11 1.87 -1.75
CA HIS A 22 15.38 1.45 -2.96
C HIS A 22 13.99 0.92 -2.57
N ALA A 23 13.13 1.86 -2.16
CA ALA A 23 11.76 1.59 -1.68
C ALA A 23 10.95 2.89 -1.68
N ALA A 24 9.64 2.79 -1.95
CA ALA A 24 8.74 3.96 -1.92
C ALA A 24 8.50 4.39 -0.45
N THR A 25 8.42 5.71 -0.24
CA THR A 25 8.23 6.32 1.09
C THR A 25 6.74 6.27 1.49
N GLU A 26 6.46 6.06 2.77
CA GLU A 26 5.08 6.09 3.29
C GLU A 26 4.54 7.53 3.22
N LEU A 27 3.34 7.68 2.67
CA LEU A 27 2.68 8.97 2.49
C LEU A 27 1.47 9.02 3.43
N THR A 28 1.44 10.03 4.30
CA THR A 28 0.41 10.20 5.34
C THR A 28 -0.96 10.53 4.70
N PRO A 29 -2.12 10.09 5.34
CA PRO A 29 -3.51 10.29 4.82
C PRO A 29 -3.79 11.66 4.17
N GLU A 30 -3.32 12.74 4.83
CA GLU A 30 -3.57 14.13 4.38
C GLU A 30 -2.75 14.46 3.11
N GLN A 31 -1.49 13.98 3.07
CA GLN A 31 -0.58 14.17 1.93
C GLN A 31 -1.01 13.28 0.74
N ALA A 32 -1.70 12.18 1.06
CA ALA A 32 -2.28 11.24 0.08
C ALA A 32 -3.57 11.83 -0.53
N ALA A 33 -4.28 12.62 0.29
CA ALA A 33 -5.46 13.39 -0.13
C ALA A 33 -5.03 14.62 -0.95
N ALA A 34 -3.78 15.06 -0.74
CA ALA A 34 -3.19 16.21 -1.45
C ALA A 34 -2.71 15.80 -2.86
N LEU A 35 -1.98 14.67 -2.94
CA LEU A 35 -1.40 14.18 -4.21
C LEU A 35 -2.36 13.22 -4.92
N LYS A 36 -2.35 13.28 -6.26
CA LYS A 36 -3.16 12.39 -7.12
C LYS A 36 -2.31 11.16 -7.54
N PRO A 37 -2.73 9.91 -7.18
CA PRO A 37 -2.01 8.68 -7.57
C PRO A 37 -2.29 8.28 -9.03
N TYR A 38 -1.34 7.58 -9.64
CA TYR A 38 -1.42 7.15 -11.06
C TYR A 38 -1.99 5.73 -11.19
N ASP A 39 -2.03 4.99 -10.06
CA ASP A 39 -2.42 3.57 -10.03
C ASP A 39 -2.68 3.11 -8.57
N ARG A 40 -3.34 1.96 -8.43
CA ARG A 40 -3.50 1.23 -7.15
C ARG A 40 -2.86 -0.16 -7.29
N ILE A 41 -1.99 -0.52 -6.34
CA ILE A 41 -1.40 -1.86 -6.23
C ILE A 41 -2.22 -2.73 -5.23
N VAL A 42 -2.10 -4.05 -5.42
CA VAL A 42 -2.83 -5.07 -4.66
C VAL A 42 -1.84 -6.12 -4.14
N ILE A 43 -1.79 -6.30 -2.80
CA ILE A 43 -1.07 -7.43 -2.16
C ILE A 43 -1.99 -8.04 -1.09
N THR A 44 -1.66 -9.23 -0.59
CA THR A 44 -2.48 -9.95 0.41
C THR A 44 -1.65 -10.28 1.67
N GLY A 45 -2.04 -9.67 2.80
CA GLY A 45 -1.45 -9.96 4.10
C GLY A 45 -1.99 -11.28 4.66
N ARG A 46 -1.33 -12.40 4.34
CA ARG A 46 -1.81 -13.74 4.69
C ARG A 46 -1.22 -14.19 6.03
N PHE A 47 -1.99 -13.95 7.11
CA PHE A 47 -1.60 -14.28 8.50
C PHE A 47 -0.32 -13.51 8.87
N ASN A 48 -0.28 -12.24 8.43
CA ASN A 48 0.87 -11.34 8.56
C ASN A 48 0.53 -10.15 9.46
N ALA A 49 1.57 -9.41 9.87
CA ALA A 49 1.42 -8.15 10.59
C ALA A 49 1.19 -7.00 9.61
N ILE A 50 0.80 -5.83 10.13
CA ILE A 50 0.64 -4.61 9.32
C ILE A 50 2.00 -4.18 8.71
N GLY A 51 3.10 -4.44 9.44
CA GLY A 51 4.45 -4.17 8.99
C GLY A 51 4.85 -4.97 7.74
N ASP A 52 4.29 -6.19 7.62
CA ASP A 52 4.51 -7.07 6.44
C ASP A 52 3.71 -6.56 5.24
N ALA A 53 2.51 -6.02 5.51
CA ALA A 53 1.64 -5.42 4.48
C ALA A 53 2.32 -4.15 3.91
N VAL A 54 2.79 -3.29 4.82
CA VAL A 54 3.51 -2.04 4.48
C VAL A 54 4.85 -2.35 3.77
N SER A 55 5.48 -3.49 4.15
CA SER A 55 6.74 -3.97 3.53
C SER A 55 6.52 -4.31 2.03
N ALA A 56 5.49 -5.14 1.78
CA ALA A 56 5.13 -5.62 0.44
C ALA A 56 4.68 -4.45 -0.46
N VAL A 57 3.86 -3.55 0.12
CA VAL A 57 3.37 -2.34 -0.55
C VAL A 57 4.53 -1.35 -0.86
N SER A 58 5.48 -1.19 0.08
CA SER A 58 6.63 -0.26 -0.07
C SER A 58 7.52 -0.67 -1.24
N ARG A 59 7.76 -1.99 -1.33
CA ARG A 59 8.51 -2.59 -2.43
C ARG A 59 7.74 -2.42 -3.74
N ARG A 60 6.46 -2.88 -3.74
CA ARG A 60 5.64 -3.01 -4.95
C ARG A 60 5.40 -1.65 -5.61
N ALA A 61 5.21 -0.62 -4.78
CA ALA A 61 5.07 0.77 -5.23
C ALA A 61 6.34 1.22 -5.97
N ASP A 62 7.51 0.92 -5.37
CA ASP A 62 8.82 1.24 -5.95
C ASP A 62 9.05 0.45 -7.26
N GLU A 63 8.46 -0.78 -7.36
CA GLU A 63 8.53 -1.60 -8.59
C GLU A 63 7.75 -0.93 -9.75
N GLU A 64 6.66 -0.23 -9.39
CA GLU A 64 5.83 0.53 -10.35
C GLU A 64 6.49 1.89 -10.70
N GLY A 65 7.50 2.30 -9.92
CA GLY A 65 8.22 3.56 -10.15
C GLY A 65 7.63 4.73 -9.36
N ALA A 66 7.00 4.40 -8.22
CA ALA A 66 6.41 5.39 -7.30
C ALA A 66 7.45 5.89 -6.29
N ALA A 67 7.38 7.18 -5.97
CA ALA A 67 8.19 7.82 -4.94
C ALA A 67 7.57 7.58 -3.55
N SER A 68 6.24 7.41 -3.52
CA SER A 68 5.45 7.27 -2.29
C SER A 68 4.31 6.26 -2.47
N PHE A 69 3.69 5.87 -1.34
CA PHE A 69 2.52 4.96 -1.31
C PHE A 69 1.61 5.34 -0.14
N TYR A 70 0.36 4.88 -0.19
CA TYR A 70 -0.57 4.98 0.95
C TYR A 70 -1.64 3.89 0.84
N VAL A 71 -1.77 3.09 1.91
CA VAL A 71 -2.81 2.06 2.03
C VAL A 71 -4.14 2.73 2.40
N VAL A 72 -5.11 2.70 1.46
CA VAL A 72 -6.42 3.33 1.64
C VAL A 72 -7.41 2.31 2.24
N ASP A 73 -7.36 1.06 1.77
CA ASP A 73 -8.33 0.04 2.14
C ASP A 73 -7.61 -1.25 2.54
N THR A 74 -8.15 -1.92 3.58
CA THR A 74 -7.73 -3.25 4.02
C THR A 74 -9.01 -4.07 4.30
N SER A 75 -9.32 -5.02 3.40
CA SER A 75 -10.57 -5.81 3.48
C SER A 75 -10.24 -7.30 3.56
N GLU A 76 -10.51 -7.92 4.72
CA GLU A 76 -10.28 -9.36 4.94
C GLU A 76 -11.28 -10.21 4.15
N PHE A 77 -10.90 -11.48 3.90
CA PHE A 77 -11.78 -12.45 3.22
C PHE A 77 -13.09 -12.65 4.01
N GLY A 78 -12.95 -12.73 5.34
CA GLY A 78 -14.10 -12.85 6.23
C GLY A 78 -13.75 -13.65 7.46
N ASN A 79 -13.29 -12.95 8.52
CA ASN A 79 -12.87 -13.53 9.84
C ASN A 79 -11.50 -14.26 9.78
N SER A 80 -11.06 -14.65 8.57
CA SER A 80 -9.77 -15.33 8.34
C SER A 80 -8.60 -14.33 8.38
N GLY A 81 -7.40 -14.86 8.68
CA GLY A 81 -6.19 -14.05 8.85
C GLY A 81 -5.57 -13.52 7.55
N ASN A 82 -6.10 -13.96 6.39
CA ASN A 82 -5.69 -13.42 5.07
C ASN A 82 -6.60 -12.24 4.70
N TRP A 83 -5.99 -11.07 4.45
CA TRP A 83 -6.67 -9.79 4.18
C TRP A 83 -6.06 -9.06 2.97
N ARG A 84 -6.96 -8.54 2.12
CA ARG A 84 -6.61 -7.66 0.98
C ARG A 84 -6.02 -6.34 1.49
N VAL A 85 -4.95 -5.89 0.84
CA VAL A 85 -4.33 -4.58 1.09
C VAL A 85 -4.33 -3.79 -0.23
N VAL A 86 -5.21 -2.79 -0.30
CA VAL A 86 -5.29 -1.85 -1.44
C VAL A 86 -4.51 -0.58 -1.07
N ALA A 87 -3.54 -0.22 -1.93
CA ALA A 87 -2.67 0.94 -1.71
C ALA A 87 -2.48 1.73 -3.01
N ASP A 88 -2.77 3.03 -2.95
CA ASP A 88 -2.52 3.96 -4.05
C ASP A 88 -1.02 4.31 -4.08
N VAL A 89 -0.48 4.49 -5.30
CA VAL A 89 0.95 4.76 -5.52
C VAL A 89 1.14 6.17 -6.14
N TYR A 90 2.09 6.94 -5.59
CA TYR A 90 2.23 8.38 -5.85
C TYR A 90 3.63 8.70 -6.38
N LYS A 91 3.74 9.77 -7.19
CA LYS A 91 5.01 10.24 -7.76
C LYS A 91 5.66 11.31 -6.86
N ALA A 92 6.82 11.84 -7.30
CA ALA A 92 7.53 12.93 -6.62
C ALA A 92 7.16 14.29 -7.28
#